data_8C3V
#
_entry.id   8C3V
#
_cell.length_a   105.925
_cell.length_b   160.817
_cell.length_c   172.455
_cell.angle_alpha   90.000
_cell.angle_beta   90.000
_cell.angle_gamma   90.000
#
_symmetry.space_group_name_H-M   'P 21 21 21'
#
loop_
_entity.id
_entity.type
_entity.pdbx_description
1 polymer 'BA.2-13 heavy chain'
2 polymer 'BA.2-13 light chain'
3 polymer 'Spike protein S1'
4 polymer 'Nanobody C1'
5 branched alpha-D-mannopyranose-(1-3)-beta-D-mannopyranose-(1-4)-2-acetamido-2-deoxy-beta-D-glucopyranose-(1-4)-[alpha-L-fucopyranose-(1-6)]2-acetamido-2-deoxy-beta-D-glucopyranose
6 branched beta-D-mannopyranose-(1-4)-2-acetamido-2-deoxy-beta-D-glucopyranose-(1-4)-[alpha-L-fucopyranose-(1-6)]2-acetamido-2-deoxy-beta-D-glucopyranose
7 branched alpha-D-mannopyranose-(1-6)-beta-D-mannopyranose-(1-4)-2-acetamido-2-deoxy-beta-D-glucopyranose-(1-4)-[alpha-L-fucopyranose-(1-6)]2-acetamido-2-deoxy-beta-D-glucopyranose
8 non-polymer GLYCEROL
9 non-polymer 2-(2-METHOXYETHOXY)ETHANOL
10 non-polymer 'TETRAETHYLENE GLYCOL'
#
loop_
_entity_poly.entity_id
_entity_poly.type
_entity_poly.pdbx_seq_one_letter_code
_entity_poly.pdbx_strand_id
1 'polypeptide(L)'
;QVQLVESGGGLVKPGGSLRLSCAASGFTFRYAWMNWVRQAPGKGLEWVGRIRSKTDGETTDHAAPVKGRFAISRDDSENT
LYLQMNSLKTEDTAVYYCTTDWVRGTLLEHDAYDVWGQGTMVTVSSASTKGPSVFPLAPSSKSTSGGTAALGCLVKDYFP
EPVTVSWNSGALTSGVHTFPAVLQSSGLYSLSSVVTVPSSSLGTQTYICNVNHKPSNTKVDKRVEPKSCDK
;
H,A,C
2 'polypeptide(L)'
;DIQMTQSPSSLSASVGDRVTITCRAGQSISTFLNWYQQKPGKAPKLLIYAASSLQSGVPSRFSGSGSGTDFTLTISSLQR
EDFATYYCQQSYSMSSFGGGTKVEIKRTVAAPSVFIFPPSDEQLKSGTASVVCLLNNFYPREAKVQWKVDNALQSGNSQE
SVTEQDSKDSTYSLSSTLTLSKADYEKHKVYACEVTHQGLSSPVTKSFNRGEC
;
L,B,D
3 'polypeptide(L)'
;HHHHHHTNLCPFGEVFNATRFASVYAWNRKRISNCVADYSVLYNSASFSTFKCYGVSPTKLNDLCFTNVYADSFVIRGDE
VRQIAPGQTGKIADYNYKLPDDFTGCVIAWNSNNLDSKVGGNYNYRYRLFRKSNLKPFERDISTEIYQAGSKPCNGVEGF
NCYFPLQSYGFQPTNGVGYQPYRVVVLSFELLHAPATVCGKK
;
R,X,Y
4 'polypeptide(L)'
;QVQLVESGGGLVQPGGSLRLSCAASGFTNDFYSIAWFRQAPGKEREGVSWLSVSDNTPTYVDSVKDRFTISRHNANNTVY
LQMNMLKPEDTAIYYCAAGRFAGRDTWPSSYDYWGQGTQVTVSSKHHHHHH
;
I,J,K
#
# COMPACT_ATOMS: atom_id res chain seq x y z
N GLN A 1 -16.46 16.63 13.22
CA GLN A 1 -17.33 17.70 13.69
C GLN A 1 -17.23 17.89 15.20
N VAL A 2 -16.04 18.22 15.66
CA VAL A 2 -15.79 18.50 17.07
C VAL A 2 -16.70 19.64 17.51
N GLN A 3 -17.63 19.37 18.42
CA GLN A 3 -18.62 20.36 18.81
C GLN A 3 -18.79 20.36 20.32
N LEU A 4 -18.75 21.56 20.91
CA LEU A 4 -19.00 21.75 22.34
C LEU A 4 -20.17 22.71 22.50
N VAL A 5 -21.10 22.36 23.39
CA VAL A 5 -22.33 23.14 23.58
C VAL A 5 -22.54 23.33 25.08
N GLU A 6 -22.47 24.58 25.53
CA GLU A 6 -22.70 24.90 26.94
C GLU A 6 -24.19 25.07 27.21
N SER A 7 -24.59 24.68 28.42
CA SER A 7 -25.96 24.83 28.87
C SER A 7 -25.95 25.30 30.32
N GLY A 8 -27.14 25.60 30.84
CA GLY A 8 -27.25 26.20 32.15
C GLY A 8 -26.77 27.63 32.15
N GLY A 9 -27.00 28.34 33.24
CA GLY A 9 -26.59 29.72 33.21
C GLY A 9 -27.71 30.67 32.84
N GLY A 10 -27.68 31.84 33.46
CA GLY A 10 -28.74 32.81 33.35
C GLY A 10 -28.69 33.77 34.52
N LEU A 11 -29.83 34.01 35.16
CA LEU A 11 -29.89 34.90 36.32
C LEU A 11 -29.85 34.08 37.60
N VAL A 12 -28.98 34.49 38.52
CA VAL A 12 -28.84 33.84 39.82
C VAL A 12 -28.51 34.90 40.87
N LYS A 13 -29.07 34.73 42.06
CA LYS A 13 -28.94 35.74 43.11
C LYS A 13 -27.52 35.79 43.66
N PRO A 14 -27.10 36.94 44.16
CA PRO A 14 -25.80 37.01 44.84
C PRO A 14 -25.75 36.07 46.03
N GLY A 15 -24.62 35.38 46.18
CA GLY A 15 -24.48 34.36 47.19
C GLY A 15 -25.08 33.03 46.83
N GLY A 16 -25.70 32.90 45.65
CA GLY A 16 -26.37 31.69 45.26
C GLY A 16 -25.46 30.67 44.60
N SER A 17 -26.08 29.66 43.99
CA SER A 17 -25.37 28.58 43.32
C SER A 17 -25.89 28.40 41.92
N LEU A 18 -25.06 27.80 41.08
CA LEU A 18 -25.40 27.53 39.70
C LEU A 18 -24.40 26.51 39.14
N ARG A 19 -24.88 25.64 38.27
CA ARG A 19 -24.07 24.60 37.68
C ARG A 19 -24.17 24.69 36.17
N LEU A 20 -23.03 24.65 35.48
CA LEU A 20 -22.97 24.75 34.04
C LEU A 20 -22.66 23.39 33.44
N SER A 21 -23.26 23.10 32.29
CA SER A 21 -23.01 21.87 31.54
C SER A 21 -22.31 22.22 30.23
N CYS A 22 -21.56 21.24 29.71
CA CYS A 22 -20.86 21.38 28.43
C CYS A 22 -20.95 20.04 27.72
N ALA A 23 -21.67 20.00 26.60
CA ALA A 23 -21.94 18.77 25.88
C ALA A 23 -20.90 18.57 24.78
N ALA A 24 -20.18 17.45 24.83
CA ALA A 24 -19.10 17.18 23.89
C ALA A 24 -19.58 16.22 22.80
N SER A 25 -19.14 16.48 21.57
CA SER A 25 -19.51 15.65 20.43
C SER A 25 -18.37 15.66 19.42
N GLY A 26 -18.27 14.57 18.66
CA GLY A 26 -17.32 14.49 17.57
C GLY A 26 -15.94 14.03 17.94
N PHE A 27 -15.68 13.73 19.22
CA PHE A 27 -14.36 13.31 19.66
C PHE A 27 -14.51 12.47 20.93
N THR A 28 -13.50 11.64 21.19
CA THR A 28 -13.54 10.75 22.35
C THR A 28 -13.29 11.57 23.61
N PHE A 29 -14.37 11.78 24.38
CA PHE A 29 -14.34 12.78 25.44
C PHE A 29 -13.36 12.43 26.55
N ARG A 30 -13.25 11.16 26.90
CA ARG A 30 -12.50 10.79 28.10
C ARG A 30 -10.99 10.94 27.92
N TYR A 31 -10.50 11.26 26.73
CA TYR A 31 -9.08 11.41 26.48
C TYR A 31 -8.65 12.86 26.33
N ALA A 32 -9.56 13.81 26.40
CA ALA A 32 -9.26 15.21 26.18
C ALA A 32 -9.30 15.95 27.51
N TRP A 33 -8.34 16.85 27.71
CA TRP A 33 -8.41 17.79 28.82
C TRP A 33 -9.44 18.87 28.49
N MET A 34 -10.18 19.30 29.49
CA MET A 34 -11.20 20.33 29.33
C MET A 34 -10.91 21.48 30.28
N ASN A 35 -11.04 22.70 29.77
CA ASN A 35 -10.85 23.91 30.56
C ASN A 35 -12.06 24.83 30.41
N TRP A 36 -12.32 25.59 31.47
CA TRP A 36 -13.34 26.63 31.46
C TRP A 36 -12.67 27.99 31.37
N VAL A 37 -13.16 28.84 30.46
CA VAL A 37 -12.68 30.21 30.33
C VAL A 37 -13.89 31.13 30.25
N ARG A 38 -13.86 32.23 30.99
CA ARG A 38 -14.97 33.17 31.03
C ARG A 38 -14.52 34.53 30.55
N GLN A 39 -15.51 35.36 30.18
CA GLN A 39 -15.25 36.70 29.66
C GLN A 39 -16.38 37.61 30.11
N ALA A 40 -16.08 38.56 30.99
CA ALA A 40 -17.06 39.53 31.41
C ALA A 40 -17.47 40.40 30.23
N PRO A 41 -18.66 41.02 30.29
CA PRO A 41 -19.09 41.90 29.19
C PRO A 41 -18.10 43.03 28.96
N GLY A 42 -17.54 43.07 27.75
CA GLY A 42 -16.62 44.10 27.36
C GLY A 42 -15.23 44.00 27.97
N LYS A 43 -14.95 42.94 28.73
CA LYS A 43 -13.64 42.73 29.32
C LYS A 43 -12.92 41.61 28.57
N GLY A 44 -11.75 41.24 29.09
CA GLY A 44 -10.92 40.25 28.43
C GLY A 44 -11.23 38.83 28.87
N LEU A 45 -10.46 37.90 28.31
CA LEU A 45 -10.60 36.49 28.67
C LEU A 45 -9.94 36.22 30.01
N GLU A 46 -10.59 35.38 30.82
CA GLU A 46 -10.09 34.97 32.11
C GLU A 46 -10.21 33.46 32.22
N TRP A 47 -9.10 32.80 32.54
CA TRP A 47 -9.12 31.35 32.72
C TRP A 47 -9.77 31.02 34.05
N VAL A 48 -10.74 30.11 34.03
CA VAL A 48 -11.45 29.70 35.24
C VAL A 48 -10.84 28.44 35.85
N GLY A 49 -10.68 27.38 35.05
CA GLY A 49 -10.13 26.15 35.60
C GLY A 49 -9.95 25.09 34.53
N ARG A 50 -9.33 23.99 34.96
CA ARG A 50 -8.89 22.90 34.09
C ARG A 50 -9.08 21.57 34.79
N ILE A 51 -9.42 20.54 33.99
CA ILE A 51 -9.44 19.17 34.47
C ILE A 51 -8.82 18.28 33.40
N ARG A 52 -7.94 17.38 33.81
CA ARG A 52 -7.22 16.52 32.89
C ARG A 52 -8.02 15.25 32.62
N SER A 53 -7.66 14.57 31.54
CA SER A 53 -8.27 13.28 31.25
C SER A 53 -7.94 12.30 32.37
N LYS A 54 -8.82 11.32 32.55
CA LYS A 54 -8.60 10.34 33.61
C LYS A 54 -7.31 9.55 33.39
N THR A 55 -6.93 9.35 32.13
CA THR A 55 -5.67 8.66 31.84
C THR A 55 -4.48 9.45 32.38
N ASP A 56 -4.57 10.77 32.38
CA ASP A 56 -3.48 11.62 32.87
C ASP A 56 -3.66 12.02 34.33
N GLY A 57 -4.63 11.44 35.03
CA GLY A 57 -4.83 11.67 36.45
C GLY A 57 -6.20 12.24 36.82
N GLU A 58 -6.85 12.96 35.90
CA GLU A 58 -8.12 13.63 36.16
C GLU A 58 -7.98 14.69 37.26
N THR A 59 -6.83 15.36 37.29
CA THR A 59 -6.56 16.34 38.31
C THR A 59 -7.03 17.73 37.88
N THR A 60 -7.51 18.50 38.85
CA THR A 60 -8.16 19.78 38.61
C THR A 60 -7.31 20.93 39.15
N ASP A 61 -7.36 22.05 38.43
CA ASP A 61 -6.76 23.31 38.86
C ASP A 61 -7.80 24.41 38.66
N HIS A 62 -7.77 25.39 39.56
CA HIS A 62 -8.70 26.50 39.49
C HIS A 62 -7.95 27.82 39.62
N ALA A 63 -8.48 28.85 38.98
CA ALA A 63 -7.88 30.17 39.05
C ALA A 63 -8.12 30.80 40.41
N ALA A 64 -7.16 31.62 40.83
CA ALA A 64 -7.26 32.31 42.12
C ALA A 64 -8.59 33.02 42.34
N PRO A 65 -9.17 33.75 41.37
CA PRO A 65 -10.45 34.43 41.65
C PRO A 65 -11.59 33.51 42.09
N VAL A 66 -11.54 32.22 41.73
CA VAL A 66 -12.66 31.31 41.98
C VAL A 66 -12.31 30.16 42.91
N LYS A 67 -11.07 30.09 43.39
CA LYS A 67 -10.65 28.97 44.22
C LYS A 67 -11.49 28.91 45.49
N GLY A 68 -11.88 27.69 45.86
CA GLY A 68 -12.73 27.47 47.01
C GLY A 68 -14.20 27.73 46.79
N ARG A 69 -14.58 28.27 45.64
CA ARG A 69 -15.98 28.55 45.33
C ARG A 69 -16.47 27.89 44.04
N PHE A 70 -15.57 27.55 43.13
CA PHE A 70 -15.93 26.83 41.91
C PHE A 70 -15.31 25.44 41.94
N ALA A 71 -16.01 24.49 41.32
CA ALA A 71 -15.55 23.11 41.25
C ALA A 71 -15.74 22.59 39.84
N ILE A 72 -14.69 22.00 39.27
CA ILE A 72 -14.77 21.39 37.95
C ILE A 72 -14.91 19.89 38.14
N SER A 73 -15.95 19.32 37.54
CA SER A 73 -16.12 17.88 37.52
C SER A 73 -16.29 17.43 36.07
N ARG A 74 -16.19 16.12 35.88
CA ARG A 74 -16.21 15.50 34.57
C ARG A 74 -17.05 14.23 34.67
N ASP A 75 -17.86 13.98 33.64
CA ASP A 75 -18.67 12.76 33.58
C ASP A 75 -18.42 12.14 32.22
N ASP A 76 -17.39 11.29 32.16
CA ASP A 76 -17.02 10.67 30.89
C ASP A 76 -18.14 9.79 30.34
N SER A 77 -19.01 9.28 31.21
CA SER A 77 -20.07 8.40 30.74
C SER A 77 -21.10 9.14 29.90
N GLU A 78 -21.34 10.42 30.19
CA GLU A 78 -22.30 11.22 29.45
C GLU A 78 -21.65 12.21 28.49
N ASN A 79 -20.32 12.21 28.41
CA ASN A 79 -19.57 13.13 27.54
C ASN A 79 -19.92 14.58 27.89
N THR A 80 -19.91 14.88 29.18
CA THR A 80 -20.33 16.18 29.70
C THR A 80 -19.29 16.71 30.67
N LEU A 81 -18.96 17.99 30.53
CA LEU A 81 -18.10 18.72 31.46
C LEU A 81 -18.95 19.62 32.33
N TYR A 82 -18.66 19.64 33.63
CA TYR A 82 -19.45 20.42 34.58
C TYR A 82 -18.60 21.50 35.24
N LEU A 83 -19.29 22.54 35.70
CA LEU A 83 -18.69 23.59 36.54
C LEU A 83 -19.72 23.97 37.59
N GLN A 84 -19.47 23.58 38.84
CA GLN A 84 -20.36 23.92 39.94
C GLN A 84 -19.90 25.25 40.55
N MET A 85 -20.70 26.29 40.37
CA MET A 85 -20.39 27.61 40.89
C MET A 85 -21.18 27.84 42.18
N ASN A 86 -20.47 28.28 43.22
CA ASN A 86 -21.08 28.52 44.52
C ASN A 86 -20.58 29.85 45.06
N SER A 87 -21.34 30.41 46.00
CA SER A 87 -21.03 31.71 46.59
C SER A 87 -20.77 32.74 45.51
N LEU A 88 -21.65 32.76 44.52
CA LEU A 88 -21.45 33.59 43.33
C LEU A 88 -21.48 35.07 43.68
N LYS A 89 -20.68 35.84 42.98
CA LYS A 89 -20.57 37.29 43.14
C LYS A 89 -20.93 37.97 41.81
N THR A 90 -21.00 39.31 41.86
CA THR A 90 -21.30 40.05 40.64
C THR A 90 -20.12 40.05 39.67
N GLU A 91 -18.89 40.03 40.17
CA GLU A 91 -17.73 39.90 39.28
C GLU A 91 -17.69 38.54 38.59
N ASP A 92 -18.54 37.61 39.00
CA ASP A 92 -18.68 36.33 38.30
C ASP A 92 -19.59 36.43 37.08
N THR A 93 -20.23 37.58 36.86
CA THR A 93 -21.03 37.77 35.66
C THR A 93 -20.13 37.73 34.43
N ALA A 94 -20.38 36.77 33.55
CA ALA A 94 -19.56 36.61 32.35
C ALA A 94 -20.22 35.58 31.45
N VAL A 95 -19.73 35.53 30.21
CA VAL A 95 -20.01 34.41 29.31
C VAL A 95 -18.97 33.34 29.58
N TYR A 96 -19.42 32.12 29.84
CA TYR A 96 -18.55 31.02 30.21
C TYR A 96 -18.38 30.07 29.04
N TYR A 97 -17.12 29.80 28.68
CA TYR A 97 -16.78 28.89 27.60
C TYR A 97 -16.14 27.63 28.17
N CYS A 98 -16.49 26.49 27.60
CA CYS A 98 -15.70 25.27 27.76
C CYS A 98 -14.85 25.07 26.52
N THR A 99 -13.62 24.60 26.73
CA THR A 99 -12.66 24.40 25.65
C THR A 99 -11.97 23.07 25.84
N THR A 100 -11.55 22.48 24.72
CA THR A 100 -10.69 21.31 24.72
C THR A 100 -9.38 21.67 24.03
N ASP A 101 -8.35 20.88 24.31
CA ASP A 101 -6.99 21.20 23.90
C ASP A 101 -6.72 20.75 22.47
N TRP A 102 -5.63 21.30 21.91
CA TRP A 102 -5.24 21.08 20.53
C TRP A 102 -4.62 19.70 20.37
N VAL A 103 -5.24 18.85 19.55
CA VAL A 103 -4.73 17.52 19.25
C VAL A 103 -4.95 17.26 17.76
N ARG A 104 -3.86 17.18 16.99
CA ARG A 104 -3.90 16.85 15.56
C ARG A 104 -3.16 15.53 15.40
N GLY A 105 -3.82 14.44 15.75
CA GLY A 105 -3.23 13.13 15.56
C GLY A 105 -2.21 12.85 16.66
N THR A 106 -1.04 12.39 16.23
CA THR A 106 0.03 12.15 17.19
C THR A 106 0.60 13.44 17.76
N LEU A 107 0.21 14.60 17.22
CA LEU A 107 0.67 15.89 17.72
C LEU A 107 -0.30 16.37 18.80
N LEU A 108 0.26 17.01 19.83
CA LEU A 108 -0.53 17.42 20.98
C LEU A 108 0.11 18.63 21.63
N GLU A 109 -0.70 19.65 21.93
CA GLU A 109 -0.26 20.86 22.63
C GLU A 109 -1.32 21.20 23.67
N HIS A 110 -1.10 20.74 24.91
CA HIS A 110 -2.06 20.96 25.98
C HIS A 110 -2.21 22.45 26.29
N ASP A 111 -3.40 22.81 26.76
CA ASP A 111 -3.74 24.17 27.19
C ASP A 111 -3.66 25.18 26.04
N ALA A 112 -3.67 24.69 24.81
CA ALA A 112 -3.94 25.50 23.62
C ALA A 112 -5.36 25.17 23.17
N TYR A 113 -6.29 26.09 23.43
CA TYR A 113 -7.70 25.87 23.17
C TYR A 113 -7.99 26.11 21.70
N ASP A 114 -8.30 25.04 20.95
CA ASP A 114 -8.63 25.17 19.55
C ASP A 114 -10.09 24.90 19.25
N VAL A 115 -10.82 24.25 20.16
CA VAL A 115 -12.26 24.05 20.02
C VAL A 115 -12.94 24.70 21.21
N TRP A 116 -13.70 25.76 20.94
CA TRP A 116 -14.50 26.45 21.93
C TRP A 116 -15.97 26.19 21.69
N GLY A 117 -16.78 26.36 22.73
CA GLY A 117 -18.21 26.37 22.59
C GLY A 117 -18.74 27.76 22.26
N GLN A 118 -20.05 27.85 22.11
CA GLN A 118 -20.66 29.14 21.84
C GLN A 118 -20.68 30.04 23.08
N GLY A 119 -20.53 29.46 24.26
CA GLY A 119 -20.59 30.20 25.51
C GLY A 119 -22.00 30.34 26.03
N THR A 120 -22.13 30.34 27.35
CA THR A 120 -23.39 30.61 28.02
C THR A 120 -23.21 31.80 28.96
N MET A 121 -24.25 32.62 29.06
CA MET A 121 -24.21 33.83 29.86
C MET A 121 -24.68 33.55 31.28
N VAL A 122 -23.91 34.04 32.25
CA VAL A 122 -24.27 33.98 33.66
C VAL A 122 -24.31 35.41 34.17
N THR A 123 -25.48 35.82 34.68
CA THR A 123 -25.69 37.14 35.25
C THR A 123 -25.99 36.97 36.73
N VAL A 124 -25.12 37.49 37.58
CA VAL A 124 -25.30 37.41 39.03
C VAL A 124 -25.78 38.78 39.49
N SER A 125 -27.05 38.84 39.89
CA SER A 125 -27.68 40.10 40.28
C SER A 125 -28.86 39.79 41.19
N SER A 126 -29.27 40.80 41.95
CA SER A 126 -30.46 40.72 42.79
C SER A 126 -31.73 41.08 42.04
N ALA A 127 -31.63 41.50 40.78
CA ALA A 127 -32.79 41.92 40.02
C ALA A 127 -33.62 40.72 39.57
N SER A 128 -34.79 41.00 39.01
CA SER A 128 -35.72 39.98 38.55
C SER A 128 -35.73 39.94 37.02
N THR A 129 -36.14 38.78 36.50
CA THR A 129 -36.24 38.59 35.06
C THR A 129 -37.44 39.34 34.51
N LYS A 130 -37.29 39.85 33.28
CA LYS A 130 -38.40 40.47 32.57
C LYS A 130 -38.24 40.22 31.08
N GLY A 131 -39.31 39.76 30.44
CA GLY A 131 -39.31 39.49 29.03
C GLY A 131 -39.44 40.76 28.21
N PRO A 132 -38.83 40.78 27.03
CA PRO A 132 -38.85 41.99 26.22
C PRO A 132 -40.15 42.14 25.46
N SER A 133 -40.53 43.40 25.24
CA SER A 133 -41.57 43.74 24.29
C SER A 133 -40.89 44.07 22.97
N VAL A 134 -41.43 43.52 21.87
CA VAL A 134 -40.81 43.65 20.56
C VAL A 134 -41.73 44.49 19.68
N PHE A 135 -41.22 45.62 19.22
CA PHE A 135 -42.00 46.56 18.44
C PHE A 135 -41.39 46.73 17.04
N PRO A 136 -42.23 46.96 16.03
CA PRO A 136 -41.71 47.08 14.66
C PRO A 136 -41.12 48.47 14.40
N LEU A 137 -39.99 48.46 13.69
CA LEU A 137 -39.39 49.68 13.14
C LEU A 137 -39.74 49.66 11.65
N ALA A 138 -40.86 50.30 11.31
CA ALA A 138 -41.43 50.15 9.98
C ALA A 138 -40.68 50.98 8.95
N PRO A 139 -40.61 50.53 7.71
CA PRO A 139 -39.98 51.33 6.64
C PRO A 139 -40.88 52.48 6.23
N SER A 140 -40.34 53.70 6.31
CA SER A 140 -41.12 54.91 6.04
C SER A 140 -41.25 55.14 4.54
N SER A 141 -42.00 56.18 4.18
CA SER A 141 -42.19 56.55 2.78
C SER A 141 -41.15 57.57 2.32
N LYS A 142 -40.96 58.64 3.08
CA LYS A 142 -39.99 59.68 2.73
C LYS A 142 -38.56 59.18 2.93
N GLY A 147 -33.94 54.09 -3.28
CA GLY A 147 -33.79 52.78 -3.90
C GLY A 147 -33.76 51.64 -2.90
N THR A 148 -33.22 51.90 -1.72
CA THR A 148 -33.13 50.91 -0.66
C THR A 148 -33.80 51.44 0.60
N ALA A 149 -34.64 50.62 1.21
CA ALA A 149 -35.35 50.97 2.44
C ALA A 149 -34.80 50.17 3.61
N ALA A 150 -35.08 50.67 4.82
CA ALA A 150 -34.60 50.04 6.04
C ALA A 150 -35.76 49.82 7.00
N LEU A 151 -35.77 48.65 7.64
CA LEU A 151 -36.75 48.31 8.66
C LEU A 151 -36.06 47.51 9.75
N GLY A 152 -36.77 47.29 10.85
CA GLY A 152 -36.16 46.59 11.95
C GLY A 152 -37.12 46.30 13.08
N CYS A 153 -36.54 45.96 14.22
CA CYS A 153 -37.29 45.61 15.41
C CYS A 153 -36.66 46.27 16.63
N LEU A 154 -37.51 46.54 17.63
CA LEU A 154 -37.07 47.12 18.89
C LEU A 154 -37.34 46.10 19.99
N VAL A 155 -36.27 45.59 20.58
CA VAL A 155 -36.35 44.63 21.67
C VAL A 155 -36.10 45.41 22.96
N LYS A 156 -37.17 45.80 23.64
CA LYS A 156 -37.11 46.78 24.71
C LYS A 156 -37.52 46.18 26.05
N ASP A 157 -36.81 46.61 27.11
CA ASP A 157 -37.22 46.42 28.51
C ASP A 157 -37.11 44.96 28.96
N TYR A 158 -35.94 44.36 28.77
CA TYR A 158 -35.72 42.98 29.18
C TYR A 158 -34.55 42.86 30.12
N PHE A 159 -34.50 41.73 30.82
CA PHE A 159 -33.42 41.40 31.75
C PHE A 159 -33.47 39.92 32.12
N PRO A 160 -32.32 39.25 32.23
CA PRO A 160 -30.96 39.76 31.98
C PRO A 160 -30.53 39.58 30.53
N GLU A 161 -29.25 39.79 30.26
CA GLU A 161 -28.70 39.48 28.96
C GLU A 161 -28.68 37.96 28.77
N PRO A 162 -28.75 37.48 27.51
CA PRO A 162 -28.94 38.24 26.28
C PRO A 162 -30.23 37.91 25.55
N VAL A 163 -30.44 38.53 24.39
CA VAL A 163 -31.48 38.13 23.45
C VAL A 163 -30.81 37.83 22.12
N THR A 164 -31.47 37.00 21.32
CA THR A 164 -31.04 36.70 19.97
C THR A 164 -32.17 37.04 19.01
N VAL A 165 -31.84 37.74 17.93
CA VAL A 165 -32.79 38.18 16.92
C VAL A 165 -32.30 37.71 15.56
N SER A 166 -33.14 36.99 14.84
CA SER A 166 -32.91 36.65 13.45
C SER A 166 -33.97 37.33 12.59
N TRP A 167 -33.88 37.11 11.27
CA TRP A 167 -34.81 37.70 10.33
C TRP A 167 -35.29 36.63 9.36
N ASN A 168 -36.61 36.49 9.26
CA ASN A 168 -37.25 35.49 8.41
C ASN A 168 -36.72 34.09 8.74
N SER A 169 -36.61 33.81 10.05
CA SER A 169 -36.24 32.49 10.56
C SER A 169 -34.88 32.03 10.04
N GLY A 170 -33.98 32.98 9.81
CA GLY A 170 -32.65 32.69 9.31
C GLY A 170 -32.47 32.89 7.83
N ALA A 171 -33.55 33.08 7.07
CA ALA A 171 -33.46 33.23 5.62
C ALA A 171 -32.98 34.62 5.21
N LEU A 172 -33.13 35.63 6.07
CA LEU A 172 -32.64 36.97 5.79
C LEU A 172 -31.46 37.24 6.71
N THR A 173 -30.29 37.43 6.12
CA THR A 173 -29.06 37.67 6.88
C THR A 173 -28.28 38.85 6.31
N SER A 174 -28.33 39.01 4.99
CA SER A 174 -27.60 40.09 4.34
C SER A 174 -28.16 41.44 4.74
N GLY A 175 -27.27 42.38 5.04
CA GLY A 175 -27.68 43.73 5.39
C GLY A 175 -28.30 43.88 6.76
N VAL A 176 -28.09 42.94 7.66
CA VAL A 176 -28.67 42.96 9.00
C VAL A 176 -27.66 43.54 9.97
N HIS A 177 -28.10 44.51 10.77
CA HIS A 177 -27.34 45.04 11.89
C HIS A 177 -28.17 44.84 13.16
N THR A 178 -27.73 43.96 14.04
CA THR A 178 -28.33 43.79 15.35
C THR A 178 -27.40 44.46 16.36
N PHE A 179 -27.84 45.61 16.89
CA PHE A 179 -26.99 46.44 17.72
C PHE A 179 -26.81 45.84 19.11
N PRO A 180 -25.65 46.07 19.72
CA PRO A 180 -25.47 45.66 21.12
C PRO A 180 -26.41 46.43 22.03
N ALA A 181 -26.97 45.72 23.01
CA ALA A 181 -27.94 46.30 23.91
C ALA A 181 -27.34 47.46 24.69
N VAL A 182 -28.21 48.34 25.18
CA VAL A 182 -27.82 49.39 26.13
C VAL A 182 -28.62 49.17 27.40
N LEU A 183 -28.00 49.49 28.53
CA LEU A 183 -28.66 49.40 29.83
C LEU A 183 -29.40 50.71 30.08
N GLN A 184 -30.73 50.67 30.06
CA GLN A 184 -31.53 51.84 30.33
C GLN A 184 -31.46 52.20 31.81
N SER A 185 -31.79 53.46 32.10
CA SER A 185 -31.82 53.92 33.48
C SER A 185 -32.79 53.13 34.34
N SER A 186 -33.75 52.44 33.72
CA SER A 186 -34.71 51.61 34.44
C SER A 186 -34.13 50.26 34.87
N GLY A 187 -32.83 50.05 34.68
CA GLY A 187 -32.22 48.77 34.98
C GLY A 187 -32.54 47.67 33.99
N LEU A 188 -33.23 47.97 32.91
CA LEU A 188 -33.57 47.01 31.89
C LEU A 188 -32.78 47.29 30.62
N TYR A 189 -32.59 46.25 29.81
CA TYR A 189 -31.86 46.37 28.56
C TYR A 189 -32.82 46.66 27.41
N SER A 190 -32.32 47.42 26.44
CA SER A 190 -33.02 47.68 25.20
C SER A 190 -32.07 47.41 24.04
N LEU A 191 -32.63 46.93 22.94
CA LEU A 191 -31.82 46.51 21.80
C LEU A 191 -32.65 46.66 20.54
N SER A 192 -32.00 47.06 19.45
CA SER A 192 -32.65 47.13 18.16
C SER A 192 -31.91 46.26 17.16
N SER A 193 -32.65 45.73 16.20
CA SER A 193 -32.12 44.96 15.09
C SER A 193 -32.74 45.49 13.82
N VAL A 194 -31.92 45.93 12.88
CA VAL A 194 -32.39 46.55 11.65
C VAL A 194 -31.78 45.84 10.45
N VAL A 195 -32.42 46.01 9.30
CA VAL A 195 -31.96 45.38 8.06
C VAL A 195 -32.38 46.24 6.88
N THR A 196 -31.46 46.44 5.94
CA THR A 196 -31.73 47.22 4.74
C THR A 196 -32.19 46.29 3.62
N VAL A 197 -33.24 46.71 2.91
CA VAL A 197 -33.82 45.90 1.84
C VAL A 197 -34.18 46.82 0.68
N PRO A 198 -34.30 46.27 -0.52
CA PRO A 198 -34.70 47.09 -1.67
C PRO A 198 -36.11 47.63 -1.50
N SER A 199 -36.32 48.86 -1.98
CA SER A 199 -37.63 49.50 -1.88
C SER A 199 -38.69 48.79 -2.72
N SER A 200 -38.27 47.99 -3.70
CA SER A 200 -39.22 47.30 -4.57
C SER A 200 -39.79 46.04 -3.93
N SER A 201 -39.27 45.61 -2.78
CA SER A 201 -39.71 44.38 -2.12
C SER A 201 -40.56 44.64 -0.88
N LEU A 202 -40.96 45.89 -0.64
CA LEU A 202 -41.72 46.19 0.57
C LEU A 202 -43.16 45.71 0.47
N GLY A 203 -43.70 45.59 -0.75
CA GLY A 203 -45.10 45.24 -0.91
C GLY A 203 -45.32 43.81 -1.37
N THR A 204 -44.23 43.08 -1.60
CA THR A 204 -44.31 41.69 -2.03
C THR A 204 -43.53 40.72 -1.14
N GLN A 205 -42.60 41.20 -0.32
CA GLN A 205 -41.84 40.37 0.59
C GLN A 205 -42.26 40.68 2.02
N THR A 206 -42.40 39.65 2.83
CA THR A 206 -42.78 39.78 4.23
C THR A 206 -41.55 39.57 5.11
N TYR A 207 -41.34 40.48 6.06
CA TYR A 207 -40.18 40.46 6.94
C TYR A 207 -40.65 40.23 8.37
N ILE A 208 -40.02 39.28 9.06
CA ILE A 208 -40.36 38.93 10.43
C ILE A 208 -39.07 38.75 11.22
N CYS A 209 -38.89 39.52 12.28
CA CYS A 209 -37.78 39.32 13.19
C CYS A 209 -38.20 38.32 14.26
N ASN A 210 -37.31 37.39 14.56
CA ASN A 210 -37.56 36.33 15.54
C ASN A 210 -36.70 36.62 16.75
N VAL A 211 -37.32 37.19 17.79
CA VAL A 211 -36.63 37.58 19.00
C VAL A 211 -36.76 36.47 20.03
N ASN A 212 -35.65 36.10 20.65
CA ASN A 212 -35.58 34.97 21.58
C ASN A 212 -34.87 35.42 22.85
N HIS A 213 -35.57 35.33 23.98
CA HIS A 213 -35.03 35.67 25.30
C HIS A 213 -35.15 34.44 26.18
N LYS A 214 -34.14 33.57 26.10
CA LYS A 214 -34.14 32.35 26.90
C LYS A 214 -34.22 32.58 28.42
N PRO A 215 -33.70 33.67 28.99
CA PRO A 215 -33.89 33.88 30.43
C PRO A 215 -35.34 33.94 30.87
N SER A 216 -36.26 34.43 30.03
CA SER A 216 -37.67 34.51 30.40
C SER A 216 -38.54 33.59 29.55
N ASN A 217 -37.93 32.64 28.84
CA ASN A 217 -38.65 31.70 27.97
C ASN A 217 -39.58 32.45 27.02
N THR A 218 -39.15 33.63 26.58
CA THR A 218 -39.92 34.48 25.70
C THR A 218 -39.49 34.24 24.26
N LYS A 219 -40.44 33.84 23.41
CA LYS A 219 -40.21 33.71 21.98
C LYS A 219 -41.25 34.55 21.26
N VAL A 220 -40.79 35.44 20.38
CA VAL A 220 -41.66 36.38 19.68
C VAL A 220 -41.25 36.42 18.22
N ASP A 221 -42.22 36.21 17.32
CA ASP A 221 -42.06 36.45 15.90
C ASP A 221 -42.87 37.69 15.55
N LYS A 222 -42.19 38.74 15.09
CA LYS A 222 -42.80 40.05 14.89
C LYS A 222 -42.71 40.43 13.41
N ARG A 223 -43.88 40.59 12.78
CA ARG A 223 -43.92 41.00 11.39
C ARG A 223 -43.82 42.53 11.29
N VAL A 224 -43.04 42.99 10.32
CA VAL A 224 -42.74 44.41 10.13
C VAL A 224 -43.30 44.82 8.78
N GLU A 225 -44.35 45.63 8.78
CA GLU A 225 -45.01 46.11 7.58
C GLU A 225 -44.86 47.63 7.46
N PRO A 226 -44.75 48.15 6.24
CA PRO A 226 -44.63 49.61 6.07
C PRO A 226 -45.85 50.35 6.61
N LYS A 227 -45.58 51.46 7.28
CA LYS A 227 -46.62 52.28 7.90
C LYS A 227 -47.50 52.96 6.86
N ASP B 1 -0.93 31.74 36.17
CA ASP B 1 -0.81 32.65 37.30
C ASP B 1 0.32 33.66 37.09
N ILE B 2 0.93 33.60 35.91
CA ILE B 2 1.97 34.54 35.51
C ILE B 2 1.31 35.72 34.81
N GLN B 3 1.68 36.93 35.20
CA GLN B 3 1.10 38.12 34.61
C GLN B 3 1.53 38.27 33.17
N MET B 4 0.56 38.40 32.26
CA MET B 4 0.82 38.61 30.84
C MET B 4 0.43 40.04 30.48
N THR B 5 1.44 40.89 30.23
CA THR B 5 1.23 42.30 29.91
C THR B 5 1.30 42.47 28.40
N GLN B 6 0.14 42.72 27.80
CA GLN B 6 0.00 42.86 26.34
C GLN B 6 -0.01 44.33 25.96
N SER B 7 0.60 44.64 24.81
CA SER B 7 0.70 46.02 24.37
C SER B 7 0.77 46.07 22.85
N PRO B 8 0.14 47.06 22.22
CA PRO B 8 -0.68 48.11 22.83
C PRO B 8 -2.09 47.61 23.07
N SER B 9 -2.87 48.23 23.96
CA SER B 9 -4.24 47.76 24.17
C SER B 9 -5.11 48.02 22.96
N SER B 10 -4.80 49.07 22.19
CA SER B 10 -5.46 49.35 20.93
C SER B 10 -4.42 49.83 19.94
N LEU B 11 -4.73 49.66 18.66
CA LEU B 11 -3.91 50.25 17.60
C LEU B 11 -4.77 50.39 16.35
N SER B 12 -4.41 51.37 15.53
CA SER B 12 -5.10 51.66 14.28
C SER B 12 -4.16 51.38 13.12
N ALA B 13 -4.68 50.74 12.08
CA ALA B 13 -3.86 50.36 10.94
C ALA B 13 -4.75 50.20 9.71
N SER B 14 -4.16 50.36 8.53
CA SER B 14 -4.88 50.30 7.27
C SER B 14 -4.60 48.96 6.59
N VAL B 15 -5.43 48.65 5.59
CA VAL B 15 -5.27 47.40 4.84
C VAL B 15 -3.91 47.38 4.17
N GLY B 16 -3.15 46.33 4.43
CA GLY B 16 -1.83 46.18 3.87
C GLY B 16 -0.70 46.57 4.81
N ASP B 17 -1.01 47.25 5.91
CA ASP B 17 0.03 47.63 6.87
C ASP B 17 0.61 46.38 7.53
N ARG B 18 1.73 46.58 8.23
CA ARG B 18 2.37 45.54 9.02
C ARG B 18 2.13 45.83 10.49
N VAL B 19 1.47 44.89 11.17
CA VAL B 19 1.08 45.04 12.57
C VAL B 19 1.92 44.09 13.42
N THR B 20 2.32 44.55 14.60
CA THR B 20 3.00 43.73 15.59
C THR B 20 2.41 43.97 16.97
N ILE B 21 2.16 42.89 17.70
CA ILE B 21 1.64 42.91 19.06
C ILE B 21 2.63 42.18 19.95
N THR B 22 2.73 42.63 21.21
CA THR B 22 3.72 42.12 22.14
C THR B 22 3.03 41.57 23.39
N CYS B 23 3.55 40.45 23.89
CA CYS B 23 3.24 39.97 25.22
C CYS B 23 4.53 39.72 25.97
N ARG B 24 4.60 40.24 27.20
CA ARG B 24 5.75 40.07 28.07
C ARG B 24 5.27 39.40 29.36
N ALA B 25 5.99 38.37 29.79
CA ALA B 25 5.61 37.60 30.96
C ALA B 25 6.39 38.06 32.18
N GLY B 26 5.77 37.91 33.35
CA GLY B 26 6.43 38.23 34.60
C GLY B 26 7.56 37.30 34.97
N GLN B 27 7.72 36.20 34.23
CA GLN B 27 8.81 35.25 34.40
C GLN B 27 8.85 34.40 33.14
N SER B 28 9.96 33.71 32.93
CA SER B 28 10.10 32.87 31.75
C SER B 28 8.96 31.87 31.65
N ILE B 29 8.36 31.78 30.46
CA ILE B 29 7.33 30.79 30.17
C ILE B 29 7.76 29.86 29.05
N SER B 30 9.08 29.77 28.80
CA SER B 30 9.66 28.93 27.76
C SER B 30 8.99 29.26 26.44
N THR B 31 8.28 28.34 25.78
CA THR B 31 7.49 28.63 24.59
C THR B 31 6.06 28.11 24.73
N PHE B 32 5.54 28.09 25.95
CA PHE B 32 4.15 27.72 26.18
C PHE B 32 3.29 28.98 26.14
N LEU B 33 3.17 29.52 24.93
CA LEU B 33 2.41 30.73 24.68
C LEU B 33 1.59 30.57 23.42
N ASN B 34 0.32 30.95 23.50
CA ASN B 34 -0.62 30.85 22.39
C ASN B 34 -1.23 32.22 22.11
N TRP B 35 -1.70 32.40 20.87
CA TRP B 35 -2.34 33.64 20.45
C TRP B 35 -3.75 33.32 19.95
N TYR B 36 -4.72 34.10 20.41
CA TYR B 36 -6.11 33.92 20.04
C TYR B 36 -6.65 35.17 19.38
N GLN B 37 -7.58 34.97 18.46
CA GLN B 37 -8.29 36.05 17.78
C GLN B 37 -9.78 35.91 18.08
N GLN B 38 -10.39 36.98 18.56
CA GLN B 38 -11.80 36.97 18.91
C GLN B 38 -12.53 38.03 18.09
N LYS B 39 -13.49 37.60 17.29
CA LYS B 39 -14.34 38.50 16.54
C LYS B 39 -15.60 38.81 17.34
N PRO B 40 -16.25 39.95 17.07
CA PRO B 40 -17.43 40.33 17.85
C PRO B 40 -18.51 39.25 17.82
N GLY B 41 -19.07 38.96 19.00
CA GLY B 41 -20.11 37.97 19.14
C GLY B 41 -19.67 36.53 18.99
N LYS B 42 -18.41 36.28 18.68
CA LYS B 42 -17.89 34.93 18.45
C LYS B 42 -17.00 34.51 19.62
N ALA B 43 -16.71 33.21 19.64
CA ALA B 43 -15.74 32.68 20.58
C ALA B 43 -14.33 32.93 20.04
N PRO B 44 -13.32 32.92 20.92
CA PRO B 44 -11.94 33.08 20.45
C PRO B 44 -11.52 31.96 19.51
N LYS B 45 -10.58 32.29 18.63
CA LYS B 45 -10.08 31.37 17.62
C LYS B 45 -8.56 31.25 17.78
N LEU B 46 -8.08 30.03 17.96
CA LEU B 46 -6.65 29.79 18.13
C LEU B 46 -5.92 30.04 16.82
N LEU B 47 -4.96 30.96 16.84
CA LEU B 47 -4.15 31.28 15.67
C LEU B 47 -2.76 30.65 15.74
N ILE B 48 -2.10 30.77 16.89
CA ILE B 48 -0.70 30.36 17.02
C ILE B 48 -0.52 29.70 18.38
N TYR B 49 0.12 28.53 18.38
CA TYR B 49 0.47 27.81 19.58
C TYR B 49 1.97 27.52 19.55
N ALA B 50 2.52 27.20 20.72
CA ALA B 50 3.96 26.98 20.88
C ALA B 50 4.74 28.19 20.37
N ALA B 51 4.23 29.39 20.67
CA ALA B 51 4.89 30.66 20.37
C ALA B 51 5.04 30.94 18.88
N SER B 52 5.24 29.89 18.08
CA SER B 52 5.61 30.09 16.68
C SER B 52 4.74 29.30 15.69
N SER B 53 4.21 28.15 16.13
CA SER B 53 3.51 27.27 15.20
C SER B 53 2.13 27.82 14.86
N LEU B 54 1.79 27.78 13.57
CA LEU B 54 0.57 28.40 13.05
C LEU B 54 -0.53 27.37 12.89
N GLN B 55 -1.72 27.70 13.38
CA GLN B 55 -2.85 26.79 13.38
C GLN B 55 -3.20 26.35 11.96
N SER B 56 -3.44 25.05 11.78
CA SER B 56 -3.83 24.48 10.50
C SER B 56 -5.00 25.25 9.89
N GLY B 57 -4.78 25.91 8.76
CA GLY B 57 -5.83 26.63 8.07
C GLY B 57 -5.87 28.12 8.29
N VAL B 58 -5.00 28.66 9.13
CA VAL B 58 -4.91 30.10 9.39
C VAL B 58 -4.06 30.74 8.30
N PRO B 59 -4.43 31.91 7.77
CA PRO B 59 -3.65 32.50 6.68
C PRO B 59 -2.20 32.73 7.05
N SER B 60 -1.34 32.67 6.03
CA SER B 60 0.10 32.70 6.23
C SER B 60 0.61 34.06 6.73
N ARG B 61 -0.16 35.13 6.54
CA ARG B 61 0.29 36.45 6.99
C ARG B 61 0.44 36.55 8.49
N PHE B 62 -0.12 35.61 9.24
CA PHE B 62 0.07 35.56 10.69
C PHE B 62 1.34 34.80 11.02
N SER B 63 2.06 35.29 12.03
CA SER B 63 3.26 34.61 12.49
C SER B 63 3.54 35.04 13.92
N GLY B 64 4.15 34.13 14.67
CA GLY B 64 4.55 34.43 16.02
C GLY B 64 6.00 34.07 16.24
N SER B 65 6.62 34.81 17.17
CA SER B 65 7.99 34.56 17.56
C SER B 65 8.11 34.82 19.05
N GLY B 66 9.21 34.35 19.63
CA GLY B 66 9.53 34.65 21.01
C GLY B 66 9.83 33.41 21.83
N SER B 67 10.40 33.67 23.01
CA SER B 67 10.85 32.63 23.92
C SER B 67 11.20 33.29 25.23
N GLY B 68 10.98 32.55 26.33
CA GLY B 68 11.32 33.07 27.64
C GLY B 68 10.29 34.04 28.19
N THR B 69 10.52 35.35 28.02
CA THR B 69 9.65 36.35 28.61
C THR B 69 8.99 37.30 27.61
N ASP B 70 9.49 37.42 26.39
CA ASP B 70 8.96 38.39 25.43
C ASP B 70 8.57 37.69 24.14
N PHE B 71 7.35 37.96 23.67
CA PHE B 71 6.77 37.29 22.52
C PHE B 71 6.14 38.31 21.59
N THR B 72 6.04 37.95 20.31
CA THR B 72 5.51 38.84 19.29
C THR B 72 4.56 38.07 18.39
N LEU B 73 3.40 38.66 18.13
CA LEU B 73 2.49 38.24 17.07
C LEU B 73 2.55 39.29 15.96
N THR B 74 2.67 38.84 14.72
CA THR B 74 2.88 39.75 13.60
C THR B 74 1.91 39.44 12.47
N ILE B 75 1.31 40.48 11.91
CA ILE B 75 0.51 40.42 10.69
C ILE B 75 1.30 41.11 9.60
N SER B 76 1.68 40.35 8.56
CA SER B 76 2.57 40.90 7.53
C SER B 76 1.90 42.03 6.76
N SER B 77 0.80 41.72 6.07
CA SER B 77 -0.05 42.73 5.46
C SER B 77 -1.47 42.55 5.97
N LEU B 78 -2.02 43.61 6.56
CA LEU B 78 -3.32 43.54 7.21
C LEU B 78 -4.43 43.32 6.18
N GLN B 79 -5.56 42.79 6.65
CA GLN B 79 -6.74 42.56 5.82
C GLN B 79 -7.96 43.13 6.52
N ARG B 80 -9.05 43.22 5.76
CA ARG B 80 -10.31 43.74 6.31
C ARG B 80 -10.80 42.87 7.47
N GLU B 81 -10.92 41.56 7.23
CA GLU B 81 -11.50 40.67 8.23
C GLU B 81 -10.57 40.45 9.42
N ASP B 82 -9.27 40.72 9.27
CA ASP B 82 -8.34 40.58 10.39
C ASP B 82 -8.69 41.50 11.55
N PHE B 83 -9.60 42.45 11.35
CA PHE B 83 -10.11 43.25 12.46
C PHE B 83 -10.69 42.34 13.54
N ALA B 84 -10.13 42.44 14.74
CA ALA B 84 -10.59 41.70 15.90
C ALA B 84 -9.76 42.09 17.11
N THR B 85 -10.08 41.53 18.27
CA THR B 85 -9.24 41.68 19.45
C THR B 85 -8.41 40.42 19.64
N TYR B 86 -7.13 40.61 19.94
CA TYR B 86 -6.17 39.52 20.06
C TYR B 86 -5.72 39.38 21.50
N TYR B 87 -5.77 38.15 22.02
CA TYR B 87 -5.30 37.84 23.35
C TYR B 87 -4.15 36.83 23.25
N CYS B 88 -3.18 36.98 24.13
CA CYS B 88 -2.13 35.99 24.30
C CYS B 88 -2.35 35.24 25.61
N GLN B 89 -1.94 33.98 25.64
CA GLN B 89 -2.17 33.13 26.79
C GLN B 89 -0.93 32.31 27.08
N GLN B 90 -0.47 32.33 28.32
CA GLN B 90 0.63 31.47 28.74
C GLN B 90 0.07 30.17 29.30
N SER B 91 0.74 29.07 28.97
CA SER B 91 0.32 27.73 29.35
C SER B 91 1.37 27.03 30.19
N TYR B 92 2.20 27.81 30.90
CA TYR B 92 3.34 27.26 31.64
C TYR B 92 2.92 26.87 33.05
N SER B 93 2.64 27.85 33.89
CA SER B 93 2.04 27.60 35.20
C SER B 93 0.57 28.00 35.13
N MET B 94 -0.32 27.03 35.36
CA MET B 94 -1.76 27.22 35.27
C MET B 94 -2.07 27.80 33.90
N SER B 95 -2.86 28.88 33.80
CA SER B 95 -3.22 29.47 32.52
C SER B 95 -3.68 30.89 32.78
N SER B 96 -3.03 31.86 32.14
CA SER B 96 -3.45 33.25 32.20
C SER B 96 -3.40 33.86 30.81
N PHE B 97 -4.33 34.77 30.55
CA PHE B 97 -4.40 35.51 29.31
C PHE B 97 -3.79 36.90 29.46
N GLY B 98 -3.46 37.50 28.32
CA GLY B 98 -3.08 38.89 28.30
C GLY B 98 -4.28 39.81 28.34
N GLY B 99 -4.00 41.10 28.48
CA GLY B 99 -5.08 42.09 28.47
C GLY B 99 -5.84 42.17 27.17
N GLY B 100 -5.25 41.68 26.08
CA GLY B 100 -5.91 41.80 24.80
C GLY B 100 -5.48 43.05 24.04
N THR B 101 -5.48 42.94 22.71
CA THR B 101 -5.15 44.06 21.83
C THR B 101 -6.24 44.15 20.77
N LYS B 102 -6.99 45.27 20.79
CA LYS B 102 -8.01 45.53 19.79
C LYS B 102 -7.36 46.20 18.59
N VAL B 103 -7.46 45.57 17.43
CA VAL B 103 -6.86 46.08 16.21
C VAL B 103 -7.98 46.74 15.41
N GLU B 104 -7.94 48.07 15.30
CA GLU B 104 -8.92 48.84 14.54
C GLU B 104 -8.37 49.10 13.14
N ILE B 105 -9.16 48.76 12.14
CA ILE B 105 -8.76 48.95 10.76
C ILE B 105 -9.18 50.34 10.29
N LYS B 106 -8.55 50.81 9.22
CA LYS B 106 -8.78 52.15 8.69
C LYS B 106 -9.22 52.09 7.24
N ARG B 107 -9.97 53.10 6.81
CA ARG B 107 -10.49 53.15 5.46
C ARG B 107 -10.81 54.60 5.09
N THR B 108 -11.31 54.79 3.87
CA THR B 108 -11.76 56.10 3.43
C THR B 108 -13.02 56.51 4.16
N VAL B 109 -13.25 57.83 4.25
CA VAL B 109 -14.43 58.33 4.92
C VAL B 109 -15.69 57.88 4.18
N ALA B 110 -16.72 57.52 4.92
CA ALA B 110 -18.01 57.14 4.37
C ALA B 110 -19.11 57.86 5.12
N ALA B 111 -19.97 58.57 4.40
CA ALA B 111 -21.04 59.30 5.06
C ALA B 111 -22.14 58.33 5.49
N PRO B 112 -22.78 58.58 6.62
CA PRO B 112 -23.85 57.69 7.07
C PRO B 112 -25.13 57.87 6.27
N SER B 113 -25.89 56.79 6.17
CA SER B 113 -27.27 56.85 5.72
C SER B 113 -28.17 56.97 6.95
N VAL B 114 -29.06 57.96 6.93
CA VAL B 114 -29.83 58.31 8.12
C VAL B 114 -31.29 57.97 7.89
N PHE B 115 -31.85 57.17 8.80
CA PHE B 115 -33.26 56.78 8.79
C PHE B 115 -33.87 57.11 10.14
N ILE B 116 -35.18 57.41 10.14
CA ILE B 116 -35.91 57.67 11.38
C ILE B 116 -37.14 56.77 11.41
N PHE B 117 -37.43 56.21 12.60
CA PHE B 117 -38.53 55.28 12.79
C PHE B 117 -39.47 55.82 13.85
N PRO B 118 -40.75 56.03 13.53
CA PRO B 118 -41.71 56.49 14.55
C PRO B 118 -41.97 55.40 15.57
N PRO B 119 -42.53 55.75 16.73
CA PRO B 119 -42.89 54.72 17.70
C PRO B 119 -44.11 53.93 17.24
N SER B 120 -44.05 52.62 17.42
CA SER B 120 -45.14 51.74 17.00
C SER B 120 -46.40 52.04 17.80
N ASP B 121 -47.55 51.90 17.14
CA ASP B 121 -48.82 52.05 17.83
C ASP B 121 -49.01 51.00 18.91
N GLU B 122 -48.40 49.82 18.73
CA GLU B 122 -48.44 48.79 19.77
C GLU B 122 -47.69 49.24 21.02
N GLN B 123 -46.65 50.07 20.86
CA GLN B 123 -45.94 50.60 22.01
C GLN B 123 -46.67 51.79 22.62
N LEU B 124 -47.30 52.62 21.78
CA LEU B 124 -48.06 53.75 22.29
C LEU B 124 -49.24 53.29 23.14
N LYS B 125 -49.75 52.10 22.88
CA LYS B 125 -50.78 51.53 23.74
C LYS B 125 -50.22 51.25 25.14
N SER B 126 -48.91 50.99 25.24
CA SER B 126 -48.26 50.71 26.51
C SER B 126 -47.95 51.98 27.30
N GLY B 127 -48.01 53.15 26.69
CA GLY B 127 -47.77 54.39 27.39
C GLY B 127 -46.37 54.95 27.28
N THR B 128 -45.55 54.42 26.38
CA THR B 128 -44.19 54.91 26.17
C THR B 128 -43.92 55.00 24.68
N ALA B 129 -43.25 56.06 24.26
CA ALA B 129 -42.86 56.25 22.87
C ALA B 129 -41.35 56.13 22.75
N SER B 130 -40.91 55.31 21.79
CA SER B 130 -39.49 55.16 21.48
C SER B 130 -39.27 55.51 20.01
N VAL B 131 -38.44 56.52 19.76
CA VAL B 131 -38.10 56.97 18.42
C VAL B 131 -36.66 56.57 18.15
N VAL B 132 -36.44 55.88 17.03
CA VAL B 132 -35.14 55.30 16.70
C VAL B 132 -34.58 56.00 15.47
N CYS B 133 -33.33 56.46 15.59
CA CYS B 133 -32.59 57.10 14.50
C CYS B 133 -31.40 56.21 14.16
N LEU B 134 -31.29 55.83 12.89
CA LEU B 134 -30.27 54.88 12.44
C LEU B 134 -29.27 55.58 11.53
N LEU B 135 -27.98 55.44 11.86
CA LEU B 135 -26.87 55.91 11.04
C LEU B 135 -26.16 54.68 10.49
N ASN B 136 -26.28 54.45 9.19
CA ASN B 136 -25.91 53.17 8.60
C ASN B 136 -24.63 53.28 7.79
N ASN B 137 -23.65 52.42 8.12
CA ASN B 137 -22.46 52.17 7.30
C ASN B 137 -21.65 53.44 7.04
N PHE B 138 -21.02 53.92 8.11
CA PHE B 138 -20.21 55.13 8.03
C PHE B 138 -18.83 54.88 8.61
N TYR B 139 -17.93 55.83 8.36
CA TYR B 139 -16.57 55.83 8.89
C TYR B 139 -16.02 57.24 8.77
N PRO B 140 -15.26 57.73 9.76
CA PRO B 140 -14.87 57.07 11.01
C PRO B 140 -15.99 56.99 12.04
N ARG B 141 -15.67 56.48 13.23
CA ARG B 141 -16.70 56.16 14.22
C ARG B 141 -17.34 57.39 14.82
N GLU B 142 -16.61 58.51 14.88
CA GLU B 142 -17.11 59.71 15.54
C GLU B 142 -18.34 60.23 14.83
N ALA B 143 -19.42 60.45 15.59
CA ALA B 143 -20.65 60.98 15.05
C ALA B 143 -21.46 61.59 16.19
N LYS B 144 -22.16 62.68 15.88
CA LYS B 144 -23.03 63.36 16.83
C LYS B 144 -24.45 63.28 16.34
N VAL B 145 -25.36 62.80 17.20
CA VAL B 145 -26.78 62.74 16.90
C VAL B 145 -27.50 63.67 17.84
N GLN B 146 -28.26 64.61 17.28
CA GLN B 146 -28.99 65.61 18.03
C GLN B 146 -30.49 65.41 17.83
N TRP B 147 -31.20 65.10 18.91
CA TRP B 147 -32.64 64.95 18.85
C TRP B 147 -33.31 66.30 19.01
N LYS B 148 -34.20 66.64 18.08
CA LYS B 148 -34.93 67.90 18.10
C LYS B 148 -36.42 67.60 18.03
N VAL B 149 -37.16 68.10 19.01
CA VAL B 149 -38.62 67.96 19.07
C VAL B 149 -39.22 69.36 19.02
N ASP B 150 -39.95 69.66 17.94
CA ASP B 150 -40.47 71.01 17.71
C ASP B 150 -39.36 72.05 17.83
N ASN B 151 -38.18 71.70 17.29
CA ASN B 151 -36.95 72.50 17.30
C ASN B 151 -36.32 72.62 18.67
N ALA B 152 -36.87 71.98 19.70
CA ALA B 152 -36.26 71.99 21.02
C ALA B 152 -35.19 70.91 21.09
N LEU B 153 -33.95 71.30 21.34
CA LEU B 153 -32.84 70.36 21.37
C LEU B 153 -32.92 69.51 22.63
N GLN B 154 -33.00 68.20 22.46
CA GLN B 154 -33.19 67.27 23.55
C GLN B 154 -31.86 66.82 24.13
N SER B 155 -31.83 66.65 25.45
CA SER B 155 -30.80 65.90 26.12
C SER B 155 -31.42 65.21 27.33
N GLY B 156 -30.83 64.09 27.72
CA GLY B 156 -31.25 63.35 28.88
C GLY B 156 -32.19 62.20 28.62
N ASN B 157 -32.69 62.04 27.39
CA ASN B 157 -33.66 60.99 27.11
C ASN B 157 -33.33 60.24 25.82
N SER B 158 -32.05 60.08 25.51
CA SER B 158 -31.62 59.31 24.34
C SER B 158 -30.41 58.47 24.70
N GLN B 159 -30.29 57.32 24.05
CA GLN B 159 -29.15 56.45 24.19
C GLN B 159 -28.70 56.00 22.81
N GLU B 160 -27.40 55.74 22.67
CA GLU B 160 -26.82 55.30 21.42
C GLU B 160 -26.20 53.92 21.59
N SER B 161 -26.07 53.23 20.46
CA SER B 161 -25.39 51.95 20.37
C SER B 161 -24.68 51.90 19.03
N VAL B 162 -23.41 51.50 19.04
CA VAL B 162 -22.58 51.47 17.85
C VAL B 162 -22.18 50.02 17.57
N THR B 163 -22.25 49.64 16.30
CA THR B 163 -21.82 48.30 15.93
C THR B 163 -20.30 48.21 15.95
N GLU B 164 -19.81 47.00 16.22
CA GLU B 164 -18.40 46.71 16.00
C GLU B 164 -18.07 46.88 14.52
N GLN B 165 -16.81 47.21 14.24
CA GLN B 165 -16.42 47.53 12.87
C GLN B 165 -16.68 46.35 11.95
N ASP B 166 -17.30 46.63 10.80
CA ASP B 166 -17.70 45.56 9.89
C ASP B 166 -16.46 44.91 9.27
N SER B 167 -16.45 43.57 9.28
CA SER B 167 -15.32 42.81 8.77
C SER B 167 -15.19 42.86 7.25
N LYS B 168 -16.16 43.44 6.55
CA LYS B 168 -16.14 43.49 5.09
C LYS B 168 -15.87 44.91 4.60
N ASP B 169 -16.78 45.85 4.82
CA ASP B 169 -16.63 47.20 4.30
C ASP B 169 -16.04 48.18 5.33
N SER B 170 -15.66 47.70 6.50
CA SER B 170 -14.95 48.47 7.53
C SER B 170 -15.74 49.65 8.07
N THR B 171 -17.06 49.61 8.01
CA THR B 171 -17.88 50.72 8.47
C THR B 171 -18.57 50.37 9.80
N TYR B 172 -19.05 51.42 10.46
CA TYR B 172 -19.83 51.32 11.68
C TYR B 172 -21.29 51.62 11.40
N SER B 173 -22.14 51.28 12.36
CA SER B 173 -23.54 51.66 12.34
C SER B 173 -23.96 52.06 13.73
N LEU B 174 -24.84 53.06 13.83
CA LEU B 174 -25.22 53.65 15.10
C LEU B 174 -26.74 53.70 15.22
N SER B 175 -27.23 53.43 16.42
CA SER B 175 -28.66 53.48 16.72
C SER B 175 -28.88 54.37 17.93
N SER B 176 -29.64 55.45 17.74
CA SER B 176 -30.02 56.35 18.82
C SER B 176 -31.49 56.18 19.12
N THR B 177 -31.82 55.98 20.39
CA THR B 177 -33.20 55.73 20.82
C THR B 177 -33.64 56.86 21.75
N LEU B 178 -34.51 57.73 21.24
CA LEU B 178 -35.15 58.75 22.07
C LEU B 178 -36.42 58.16 22.67
N THR B 179 -36.61 58.37 23.97
CA THR B 179 -37.72 57.75 24.69
C THR B 179 -38.51 58.82 25.44
N LEU B 180 -39.79 58.93 25.09
CA LEU B 180 -40.74 59.82 25.75
C LEU B 180 -41.90 59.01 26.29
N SER B 181 -42.63 59.59 27.24
CA SER B 181 -43.90 58.99 27.64
C SER B 181 -44.94 59.25 26.56
N LYS B 182 -46.01 58.44 26.58
CA LYS B 182 -47.09 58.63 25.62
C LYS B 182 -47.71 60.02 25.75
N ALA B 183 -48.01 60.43 26.99
CA ALA B 183 -48.60 61.75 27.21
C ALA B 183 -47.67 62.86 26.76
N ASP B 184 -46.37 62.73 27.06
CA ASP B 184 -45.42 63.74 26.61
C ASP B 184 -45.23 63.68 25.10
N TYR B 185 -45.27 62.47 24.52
CA TYR B 185 -45.09 62.33 23.08
C TYR B 185 -46.20 63.02 22.31
N GLU B 186 -47.44 62.90 22.79
CA GLU B 186 -48.61 63.40 22.07
C GLU B 186 -48.82 64.91 22.23
N LYS B 187 -47.84 65.63 22.79
CA LYS B 187 -47.93 67.07 22.87
C LYS B 187 -47.21 67.78 21.73
N HIS B 188 -46.48 67.04 20.89
CA HIS B 188 -45.59 67.64 19.92
C HIS B 188 -45.71 66.92 18.58
N LYS B 189 -45.35 67.64 17.51
CA LYS B 189 -45.58 67.20 16.15
C LYS B 189 -44.30 66.80 15.43
N VAL B 190 -43.27 67.65 15.42
CA VAL B 190 -42.07 67.43 14.60
C VAL B 190 -41.01 66.74 15.45
N TYR B 191 -40.60 65.53 15.04
CA TYR B 191 -39.55 64.77 15.70
C TYR B 191 -38.42 64.54 14.70
N ALA B 192 -37.22 65.02 15.04
CA ALA B 192 -36.09 65.00 14.12
C ALA B 192 -34.83 64.58 14.84
N CYS B 193 -33.95 63.89 14.12
CA CYS B 193 -32.57 63.68 14.55
C CYS B 193 -31.64 64.33 13.54
N GLU B 194 -30.68 65.11 14.04
CA GLU B 194 -29.72 65.84 13.23
C GLU B 194 -28.38 65.10 13.32
N VAL B 195 -27.88 64.64 12.18
CA VAL B 195 -26.65 63.85 12.14
C VAL B 195 -25.54 64.72 11.58
N THR B 196 -24.46 64.86 12.35
CA THR B 196 -23.25 65.55 11.91
C THR B 196 -22.12 64.54 11.87
N HIS B 197 -21.38 64.52 10.76
CA HIS B 197 -20.33 63.53 10.57
C HIS B 197 -19.34 64.05 9.54
N GLN B 198 -18.10 63.57 9.63
CA GLN B 198 -17.03 64.08 8.78
C GLN B 198 -17.37 63.94 7.30
N GLY B 199 -18.07 62.86 6.93
CA GLY B 199 -18.44 62.64 5.55
C GLY B 199 -19.59 63.48 5.04
N LEU B 200 -20.15 64.36 5.86
CA LEU B 200 -21.26 65.22 5.47
C LEU B 200 -20.78 66.66 5.42
N SER B 201 -21.08 67.34 4.31
CA SER B 201 -20.70 68.75 4.18
C SER B 201 -21.49 69.64 5.14
N SER B 202 -22.72 69.26 5.46
CA SER B 202 -23.52 69.93 6.48
C SER B 202 -24.39 68.87 7.14
N PRO B 203 -24.87 69.13 8.35
CA PRO B 203 -25.64 68.11 9.07
C PRO B 203 -26.90 67.68 8.31
N VAL B 204 -27.14 66.37 8.33
CA VAL B 204 -28.34 65.79 7.73
C VAL B 204 -29.40 65.65 8.81
N THR B 205 -30.62 66.05 8.50
CA THR B 205 -31.74 65.98 9.43
C THR B 205 -32.84 65.14 8.81
N LYS B 206 -33.19 64.03 9.48
CA LYS B 206 -34.34 63.21 9.12
C LYS B 206 -35.42 63.41 10.17
N SER B 207 -36.64 63.69 9.72
CA SER B 207 -37.72 64.09 10.60
C SER B 207 -39.03 63.53 10.11
N PHE B 208 -40.03 63.54 11.00
CA PHE B 208 -41.41 63.27 10.63
C PHE B 208 -42.33 64.12 11.49
N ASN B 209 -43.57 64.23 11.05
CA ASN B 209 -44.64 64.86 11.83
C ASN B 209 -45.51 63.78 12.42
N ARG B 210 -45.73 63.83 13.73
CA ARG B 210 -46.53 62.81 14.40
C ARG B 210 -47.93 62.77 13.83
N GLY B 211 -48.31 61.60 13.31
CA GLY B 211 -49.67 61.37 12.84
C GLY B 211 -49.90 61.68 11.37
N GLU B 212 -48.90 61.41 10.53
CA GLU B 212 -49.02 61.66 9.10
C GLU B 212 -48.39 60.55 8.26
N HIS C 3 16.26 31.24 -0.67
CA HIS C 3 17.03 30.63 -1.76
C HIS C 3 17.20 29.13 -1.56
N HIS C 4 17.33 28.40 -2.66
CA HIS C 4 17.56 26.95 -2.63
C HIS C 4 18.62 26.58 -3.64
N HIS C 5 19.60 25.81 -3.19
CA HIS C 5 20.62 25.24 -4.06
C HIS C 5 21.12 23.96 -3.41
N HIS C 6 21.51 23.00 -4.24
CA HIS C 6 21.96 21.72 -3.71
C HIS C 6 23.24 21.82 -2.90
N THR C 7 23.87 23.00 -2.86
CA THR C 7 25.11 23.21 -2.13
C THR C 7 24.89 23.84 -0.75
N ASN C 8 23.68 24.28 -0.44
CA ASN C 8 23.44 24.89 0.85
C ASN C 8 23.61 23.87 1.98
N LEU C 9 23.81 24.38 3.19
CA LEU C 9 23.97 23.50 4.33
C LEU C 9 22.67 22.79 4.65
N CYS C 10 22.77 21.53 5.07
CA CYS C 10 21.60 20.74 5.39
C CYS C 10 20.77 21.45 6.44
N PRO C 11 19.45 21.34 6.39
CA PRO C 11 18.61 22.05 7.35
C PRO C 11 18.64 21.41 8.72
N PHE C 12 19.82 21.00 9.19
CA PHE C 12 19.93 20.35 10.49
C PHE C 12 19.37 21.23 11.60
N GLY C 13 19.29 22.55 11.39
CA GLY C 13 18.63 23.41 12.35
C GLY C 13 17.18 23.05 12.55
N GLU C 14 16.47 22.73 11.46
CA GLU C 14 15.06 22.38 11.56
C GLU C 14 14.84 21.17 12.45
N VAL C 15 15.83 20.28 12.53
CA VAL C 15 15.68 19.04 13.30
C VAL C 15 16.13 19.27 14.74
N PHE C 16 17.38 19.69 14.92
CA PHE C 16 17.94 19.79 16.27
C PHE C 16 17.26 20.90 17.08
N ASN C 17 16.96 22.02 16.45
CA ASN C 17 16.45 23.19 17.15
C ASN C 17 14.95 23.38 16.98
N ALA C 18 14.23 22.34 16.55
CA ALA C 18 12.78 22.43 16.40
C ALA C 18 12.13 22.83 17.71
N THR C 19 11.09 23.66 17.60
CA THR C 19 10.43 24.17 18.81
C THR C 19 9.68 23.07 19.54
N ARG C 20 9.14 22.09 18.82
CA ARG C 20 8.49 20.95 19.44
C ARG C 20 9.01 19.66 18.82
N PHE C 21 9.12 18.63 19.65
CA PHE C 21 9.53 17.30 19.23
C PHE C 21 8.32 16.37 19.25
N ALA C 22 8.45 15.24 18.56
CA ALA C 22 7.40 14.23 18.55
C ALA C 22 7.51 13.33 19.78
N SER C 23 6.37 12.80 20.19
CA SER C 23 6.38 11.76 21.22
C SER C 23 7.10 10.54 20.69
N VAL C 24 7.79 9.82 21.60
CA VAL C 24 8.64 8.72 21.16
C VAL C 24 7.82 7.61 20.52
N TYR C 25 6.58 7.43 20.96
CA TYR C 25 5.74 6.41 20.33
C TYR C 25 5.45 6.76 18.88
N ALA C 26 5.36 8.05 18.56
CA ALA C 26 5.18 8.51 17.19
C ALA C 26 6.39 9.32 16.75
N TRP C 27 7.56 8.69 16.77
CA TRP C 27 8.80 9.39 16.51
C TRP C 27 8.84 9.93 15.09
N ASN C 28 9.36 11.15 14.94
CA ASN C 28 9.47 11.77 13.63
C ASN C 28 10.61 11.16 12.83
N ARG C 29 10.43 11.13 11.53
CA ARG C 29 11.50 10.80 10.60
C ARG C 29 11.59 11.89 9.55
N LYS C 30 12.76 12.49 9.41
CA LYS C 30 13.03 13.50 8.39
C LYS C 30 14.15 12.99 7.50
N ARG C 31 13.85 12.84 6.21
CA ARG C 31 14.87 12.46 5.24
C ARG C 31 15.65 13.70 4.80
N ILE C 32 16.96 13.55 4.63
CA ILE C 32 17.86 14.66 4.39
C ILE C 32 18.49 14.48 3.02
N SER C 33 18.24 15.43 2.12
CA SER C 33 18.67 15.28 0.74
C SER C 33 18.99 16.64 0.15
N ASN C 34 19.95 16.64 -0.79
CA ASN C 34 20.32 17.82 -1.57
C ASN C 34 20.86 18.94 -0.67
N CYS C 35 21.96 18.62 0.03
CA CYS C 35 22.59 19.58 0.93
C CYS C 35 23.91 19.02 1.42
N VAL C 36 24.70 19.89 2.04
CA VAL C 36 26.03 19.56 2.53
C VAL C 36 26.02 19.63 4.05
N ALA C 37 26.81 18.74 4.67
CA ALA C 37 26.81 18.61 6.12
C ALA C 37 28.23 18.50 6.64
N ASP C 38 28.48 19.09 7.80
CA ASP C 38 29.73 18.91 8.54
C ASP C 38 29.38 18.15 9.81
N TYR C 39 29.50 16.82 9.75
CA TYR C 39 29.22 16.01 10.93
C TYR C 39 30.31 16.15 11.97
N SER C 40 31.55 16.42 11.55
CA SER C 40 32.63 16.65 12.50
C SER C 40 32.34 17.84 13.41
N VAL C 41 31.50 18.78 12.97
CA VAL C 41 31.09 19.89 13.83
C VAL C 41 30.03 19.43 14.82
N LEU C 42 29.14 18.52 14.40
CA LEU C 42 28.15 17.97 15.31
C LEU C 42 28.81 17.05 16.36
N TYR C 43 29.80 16.27 15.94
CA TYR C 43 30.39 15.30 16.86
C TYR C 43 31.14 15.99 18.00
N ASN C 44 31.78 17.12 17.71
CA ASN C 44 32.56 17.83 18.72
C ASN C 44 31.76 18.91 19.44
N SER C 45 30.45 18.93 19.29
CA SER C 45 29.64 19.94 19.97
C SER C 45 29.40 19.52 21.42
N ALA C 46 29.74 20.42 22.35
CA ALA C 46 29.39 20.19 23.74
C ALA C 46 27.90 20.30 23.98
N SER C 47 27.13 20.80 23.00
CA SER C 47 25.68 20.87 23.13
C SER C 47 25.08 19.50 23.41
N PHE C 48 25.73 18.44 22.95
CA PHE C 48 25.22 17.09 23.08
C PHE C 48 25.94 16.36 24.20
N SER C 49 25.17 15.81 25.14
CA SER C 49 25.73 14.97 26.18
C SER C 49 25.88 13.51 25.75
N THR C 50 25.13 13.10 24.73
CA THR C 50 25.20 11.74 24.20
C THR C 50 25.51 11.81 22.71
N PHE C 51 26.62 11.22 22.31
CA PHE C 51 26.96 11.12 20.89
C PHE C 51 27.66 9.78 20.68
N LYS C 52 26.92 8.80 20.18
CA LYS C 52 27.43 7.45 19.98
C LYS C 52 27.09 7.00 18.56
N CYS C 53 28.11 6.63 17.79
CA CYS C 53 27.91 6.15 16.44
C CYS C 53 28.19 4.65 16.37
N TYR C 54 27.53 4.00 15.41
CA TYR C 54 27.53 2.55 15.30
C TYR C 54 27.75 2.16 13.85
N GLY C 55 28.70 1.26 13.63
CA GLY C 55 28.98 0.75 12.30
C GLY C 55 29.78 1.67 11.41
N VAL C 56 30.26 2.79 11.93
CA VAL C 56 31.00 3.78 11.15
C VAL C 56 31.60 4.80 12.12
N SER C 57 32.82 5.33 11.79
CA SER C 57 33.31 6.27 12.80
C SER C 57 32.82 7.68 12.51
N PRO C 58 32.56 8.48 13.56
CA PRO C 58 32.01 9.83 13.33
C PRO C 58 32.95 10.73 12.55
N THR C 59 34.26 10.55 12.69
CA THR C 59 35.22 11.43 12.02
C THR C 59 35.16 11.28 10.51
N LYS C 60 34.87 10.08 10.03
CA LYS C 60 34.91 9.80 8.60
C LYS C 60 33.54 9.89 7.95
N LEU C 61 32.53 10.41 8.67
CA LEU C 61 31.21 10.57 8.08
C LEU C 61 31.24 11.54 6.91
N ASN C 62 32.07 12.58 7.00
CA ASN C 62 32.21 13.52 5.89
C ASN C 62 32.99 12.96 4.72
N ASP C 63 33.71 11.85 4.90
CA ASP C 63 34.50 11.27 3.84
C ASP C 63 33.73 10.22 3.03
N LEU C 64 32.52 9.87 3.45
CA LEU C 64 31.76 8.77 2.87
C LEU C 64 30.64 9.27 1.96
N CYS C 65 30.08 8.32 1.19
CA CYS C 65 28.98 8.58 0.27
C CYS C 65 27.75 7.82 0.73
N PHE C 66 26.59 8.49 0.73
CA PHE C 66 25.35 7.87 1.15
C PHE C 66 24.29 7.96 0.07
N THR C 67 23.49 6.90 -0.02
CA THR C 67 22.28 6.87 -0.84
C THR C 67 21.11 7.52 -0.13
N ASN C 68 21.07 7.39 1.20
CA ASN C 68 20.02 8.04 1.98
C ASN C 68 20.54 8.28 3.39
N VAL C 69 20.04 9.35 4.00
CA VAL C 69 20.26 9.64 5.42
C VAL C 69 18.91 10.04 6.00
N TYR C 70 18.58 9.45 7.14
CA TYR C 70 17.39 9.81 7.90
C TYR C 70 17.80 10.49 9.19
N ALA C 71 16.95 11.39 9.66
CA ALA C 71 17.07 11.99 10.98
C ALA C 71 15.78 11.69 11.75
N ASP C 72 15.84 10.71 12.64
CA ASP C 72 14.73 10.39 13.51
C ASP C 72 14.87 11.16 14.82
N SER C 73 13.75 11.67 15.33
CA SER C 73 13.78 12.45 16.56
C SER C 73 12.54 12.17 17.41
N PHE C 74 12.70 12.40 18.71
CA PHE C 74 11.68 12.16 19.72
C PHE C 74 12.23 12.66 21.05
N VAL C 75 11.38 12.58 22.07
CA VAL C 75 11.76 12.92 23.45
C VAL C 75 11.43 11.75 24.34
N ILE C 76 12.42 11.34 25.16
CA ILE C 76 12.24 10.36 26.21
C ILE C 76 12.73 11.00 27.52
N ARG C 77 12.61 10.24 28.61
CA ARG C 77 13.17 10.70 29.87
C ARG C 77 14.62 10.22 29.99
N GLY C 78 15.36 10.89 30.88
CA GLY C 78 16.81 10.75 30.88
C GLY C 78 17.28 9.33 31.12
N ASP C 79 16.63 8.61 32.04
CA ASP C 79 17.04 7.24 32.33
C ASP C 79 16.89 6.32 31.12
N GLU C 80 16.07 6.70 30.13
CA GLU C 80 15.79 5.87 28.98
C GLU C 80 16.74 6.08 27.81
N VAL C 81 17.70 7.01 27.93
CA VAL C 81 18.59 7.31 26.81
C VAL C 81 19.42 6.09 26.42
N ARG C 82 19.78 5.25 27.39
CA ARG C 82 20.57 4.07 27.09
C ARG C 82 19.81 3.02 26.29
N GLN C 83 18.47 3.13 26.20
CA GLN C 83 17.69 2.21 25.40
C GLN C 83 17.75 2.54 23.91
N ILE C 84 18.15 3.76 23.57
CA ILE C 84 18.31 4.13 22.16
C ILE C 84 19.70 3.66 21.73
N ALA C 85 19.85 2.36 21.55
CA ALA C 85 21.11 1.75 21.16
C ALA C 85 20.80 0.35 20.63
N PRO C 86 21.70 -0.23 19.84
CA PRO C 86 21.47 -1.59 19.36
C PRO C 86 21.44 -2.58 20.51
N GLY C 87 20.58 -3.59 20.37
CA GLY C 87 20.53 -4.69 21.32
C GLY C 87 20.10 -4.33 22.72
N GLN C 88 19.12 -3.44 22.86
CA GLN C 88 18.62 -3.01 24.15
C GLN C 88 17.16 -3.44 24.30
N THR C 89 16.73 -3.55 25.55
CA THR C 89 15.35 -3.84 25.89
C THR C 89 14.87 -2.85 26.94
N GLY C 90 13.55 -2.74 27.05
CA GLY C 90 12.93 -1.78 27.93
C GLY C 90 11.66 -1.27 27.28
N LYS C 91 10.89 -0.45 27.99
CA LYS C 91 9.62 0.01 27.42
C LYS C 91 9.84 0.81 26.13
N ILE C 92 10.93 1.57 26.03
CA ILE C 92 11.17 2.37 24.83
C ILE C 92 11.70 1.49 23.70
N ALA C 93 12.70 0.66 23.98
CA ALA C 93 13.30 -0.16 22.93
C ALA C 93 12.35 -1.24 22.43
N ASP C 94 11.43 -1.70 23.28
CA ASP C 94 10.51 -2.76 22.88
C ASP C 94 9.25 -2.22 22.21
N TYR C 95 8.69 -1.11 22.69
CA TYR C 95 7.37 -0.66 22.26
C TYR C 95 7.34 0.72 21.63
N ASN C 96 8.47 1.35 21.36
CA ASN C 96 8.41 2.72 20.88
C ASN C 96 9.37 2.99 19.73
N TYR C 97 10.63 2.62 19.90
CA TYR C 97 11.64 2.89 18.88
C TYR C 97 12.76 1.88 19.06
N LYS C 98 13.01 1.07 18.03
CA LYS C 98 13.91 -0.07 18.11
C LYS C 98 15.06 0.12 17.13
N LEU C 99 16.28 -0.05 17.63
CA LEU C 99 17.33 0.01 16.62
C LEU C 99 17.74 -1.40 16.21
N PRO C 100 18.05 -1.61 14.93
CA PRO C 100 18.48 -2.93 14.48
C PRO C 100 19.87 -3.25 14.99
N ASP C 101 20.18 -4.55 15.04
CA ASP C 101 21.49 -4.96 15.53
C ASP C 101 22.61 -4.55 14.59
N ASP C 102 22.32 -4.38 13.30
CA ASP C 102 23.29 -3.87 12.34
C ASP C 102 23.05 -2.40 12.03
N PHE C 103 22.68 -1.62 13.04
CA PHE C 103 22.43 -0.20 12.89
C PHE C 103 23.70 0.52 12.43
N THR C 104 23.55 1.36 11.41
CA THR C 104 24.63 2.17 10.86
C THR C 104 24.25 3.63 11.03
N GLY C 105 24.85 4.28 12.03
CA GLY C 105 24.57 5.68 12.27
C GLY C 105 24.91 6.07 13.70
N CYS C 106 24.37 7.21 14.11
CA CYS C 106 24.71 7.84 15.37
C CYS C 106 23.46 8.14 16.18
N VAL C 107 23.60 8.04 17.50
CA VAL C 107 22.55 8.40 18.45
C VAL C 107 23.03 9.63 19.21
N ILE C 108 22.24 10.69 19.15
CA ILE C 108 22.59 11.99 19.73
C ILE C 108 21.47 12.39 20.68
N ALA C 109 21.85 12.91 21.85
CA ALA C 109 20.85 13.33 22.82
C ALA C 109 21.41 14.44 23.70
N TRP C 110 20.51 15.32 24.13
CA TRP C 110 20.84 16.40 25.05
C TRP C 110 19.67 16.64 26.00
N ASN C 111 20.00 17.13 27.19
CA ASN C 111 18.99 17.42 28.20
C ASN C 111 18.15 18.61 27.79
N SER C 112 16.83 18.43 27.70
CA SER C 112 15.92 19.49 27.25
C SER C 112 14.96 19.92 28.35
N ASN C 113 15.44 19.94 29.60
CA ASN C 113 14.59 20.35 30.71
C ASN C 113 14.08 21.77 30.50
N ASN C 114 14.92 22.66 29.97
CA ASN C 114 14.56 24.06 29.85
C ASN C 114 13.61 24.34 28.68
N LEU C 115 13.37 23.34 27.82
CA LEU C 115 12.45 23.50 26.70
C LEU C 115 11.13 22.76 26.92
N ASP C 116 11.18 21.52 27.42
CA ASP C 116 10.02 20.65 27.45
C ASP C 116 9.40 20.46 28.82
N SER C 117 9.98 21.04 29.87
CA SER C 117 9.38 20.94 31.19
C SER C 117 8.54 22.18 31.48
N LYS C 118 7.60 22.02 32.41
CA LYS C 118 6.50 22.96 32.58
C LYS C 118 5.96 22.80 33.99
N VAL C 119 5.73 23.93 34.68
CA VAL C 119 5.31 23.88 36.07
C VAL C 119 3.94 23.22 36.16
N GLY C 120 3.84 22.15 36.94
CA GLY C 120 2.66 21.31 36.97
C GLY C 120 2.76 20.09 36.08
N GLY C 121 3.81 20.00 35.27
CA GLY C 121 3.99 18.87 34.37
C GLY C 121 3.61 19.17 32.94
N ASN C 122 4.51 18.87 32.01
CA ASN C 122 4.17 18.90 30.59
C ASN C 122 3.77 17.49 30.18
N TYR C 123 2.50 17.31 29.85
CA TYR C 123 1.96 16.00 29.50
C TYR C 123 1.78 15.83 28.00
N ASN C 124 2.45 16.67 27.20
CA ASN C 124 2.44 16.49 25.75
C ASN C 124 3.14 15.20 25.35
N TYR C 125 4.32 14.97 25.92
CA TYR C 125 5.13 13.82 25.52
C TYR C 125 4.58 12.54 26.12
N ARG C 126 4.45 11.52 25.28
CA ARG C 126 3.84 10.26 25.65
C ARG C 126 4.66 9.11 25.10
N TYR C 127 4.49 7.93 25.68
CA TYR C 127 5.16 6.72 25.21
C TYR C 127 4.20 5.55 25.30
N ARG C 128 4.49 4.51 24.52
CA ARG C 128 3.68 3.30 24.55
C ARG C 128 4.13 2.43 25.71
N LEU C 129 3.17 2.03 26.54
CA LEU C 129 3.45 1.22 27.73
C LEU C 129 3.07 -0.25 27.56
N PHE C 130 2.06 -0.54 26.76
CA PHE C 130 1.58 -1.90 26.56
C PHE C 130 1.59 -2.24 25.08
N ARG C 131 2.06 -3.46 24.77
CA ARG C 131 1.97 -3.98 23.41
C ARG C 131 2.01 -5.51 23.49
N LYS C 132 1.41 -6.15 22.48
CA LYS C 132 1.37 -7.61 22.47
C LYS C 132 2.72 -8.21 22.09
N SER C 133 3.50 -7.49 21.27
CA SER C 133 4.79 -8.00 20.83
C SER C 133 5.75 -6.82 20.67
N ASN C 134 7.04 -7.14 20.62
CA ASN C 134 8.05 -6.11 20.47
C ASN C 134 8.04 -5.54 19.06
N LEU C 135 8.53 -4.31 18.96
CA LEU C 135 8.66 -3.66 17.66
C LEU C 135 9.81 -4.28 16.87
N LYS C 136 9.59 -4.48 15.58
CA LYS C 136 10.70 -4.70 14.68
C LYS C 136 11.53 -3.43 14.61
N PRO C 137 12.80 -3.53 14.22
CA PRO C 137 13.63 -2.32 14.11
C PRO C 137 12.99 -1.30 13.16
N PHE C 138 13.12 -0.03 13.54
CA PHE C 138 12.62 1.11 12.76
C PHE C 138 11.12 1.04 12.50
N GLU C 139 10.40 0.20 13.23
CA GLU C 139 8.95 0.15 13.13
C GLU C 139 8.32 1.22 13.99
N ARG C 140 7.18 1.75 13.54
CA ARG C 140 6.45 2.79 14.26
C ARG C 140 5.01 2.33 14.47
N ASP C 141 4.57 2.29 15.71
CA ASP C 141 3.20 1.94 16.07
C ASP C 141 2.57 3.14 16.74
N ILE C 142 1.58 3.74 16.07
CA ILE C 142 0.89 4.92 16.58
C ILE C 142 -0.57 4.61 16.92
N SER C 143 -0.93 3.34 17.01
CA SER C 143 -2.30 2.96 17.32
C SER C 143 -2.64 3.31 18.76
N THR C 144 -3.90 3.70 18.97
CA THR C 144 -4.42 3.99 20.31
C THR C 144 -5.57 3.06 20.68
N GLU C 145 -5.55 1.83 20.15
CA GLU C 145 -6.59 0.88 20.48
C GLU C 145 -6.42 0.35 21.90
N ILE C 146 -7.54 0.08 22.56
CA ILE C 146 -7.51 -0.41 23.94
C ILE C 146 -6.74 -1.72 23.99
N TYR C 147 -5.76 -1.78 24.89
CA TYR C 147 -4.88 -2.94 24.99
C TYR C 147 -5.51 -4.00 25.89
N GLN C 148 -5.46 -5.26 25.43
CA GLN C 148 -6.11 -6.37 26.14
C GLN C 148 -5.08 -7.19 26.89
N ALA C 149 -5.23 -7.23 28.22
CA ALA C 149 -4.32 -7.99 29.08
C ALA C 149 -4.85 -9.40 29.32
N GLY C 150 -5.90 -9.51 30.13
CA GLY C 150 -6.50 -10.79 30.42
C GLY C 150 -7.22 -11.38 29.21
N SER C 151 -7.71 -12.60 29.40
CA SER C 151 -8.36 -13.33 28.32
C SER C 151 -9.72 -12.75 27.94
N LYS C 152 -10.28 -11.85 28.76
CA LYS C 152 -11.57 -11.25 28.43
C LYS C 152 -11.39 -10.17 27.37
N PRO C 153 -12.29 -10.10 26.38
CA PRO C 153 -12.18 -9.08 25.34
C PRO C 153 -12.33 -7.67 25.91
N CYS C 154 -11.80 -6.69 25.19
CA CYS C 154 -11.79 -5.32 25.70
C CYS C 154 -13.05 -4.54 25.36
N ASN C 155 -13.58 -4.70 24.14
CA ASN C 155 -14.76 -3.97 23.70
C ASN C 155 -14.54 -2.45 23.81
N GLY C 156 -13.43 -2.00 23.21
CA GLY C 156 -13.10 -0.60 23.08
C GLY C 156 -13.42 0.32 24.25
N VAL C 157 -12.96 -0.03 25.45
CA VAL C 157 -13.16 0.81 26.62
C VAL C 157 -12.17 0.37 27.69
N GLU C 158 -11.65 1.34 28.45
CA GLU C 158 -10.71 1.03 29.51
C GLU C 158 -11.41 0.35 30.68
N GLY C 159 -10.63 -0.41 31.45
CA GLY C 159 -11.16 -1.05 32.64
C GLY C 159 -10.35 -2.24 33.12
N PHE C 160 -11.06 -3.26 33.60
CA PHE C 160 -10.45 -4.48 34.08
C PHE C 160 -9.60 -5.11 32.99
N ASN C 161 -8.29 -5.25 33.24
CA ASN C 161 -7.34 -5.84 32.31
C ASN C 161 -7.47 -5.29 30.89
N CYS C 162 -7.92 -4.04 30.76
CA CYS C 162 -8.05 -3.36 29.47
C CYS C 162 -7.67 -1.90 29.69
N TYR C 163 -6.49 -1.52 29.22
CA TYR C 163 -5.94 -0.19 29.48
C TYR C 163 -5.59 0.51 28.18
N PHE C 164 -5.59 1.84 28.26
CA PHE C 164 -5.06 2.65 27.19
C PHE C 164 -3.59 2.35 26.99
N PRO C 165 -3.12 2.22 25.74
CA PRO C 165 -1.73 1.78 25.50
C PRO C 165 -0.68 2.85 25.72
N LEU C 166 -1.03 4.12 25.83
CA LEU C 166 -0.06 5.20 25.94
C LEU C 166 -0.10 5.82 27.33
N GLN C 167 1.06 6.25 27.82
CA GLN C 167 1.18 6.99 29.07
C GLN C 167 2.01 8.24 28.83
N SER C 168 1.61 9.32 29.48
CA SER C 168 2.28 10.61 29.31
C SER C 168 3.39 10.76 30.33
N TYR C 169 4.57 11.19 29.86
CA TYR C 169 5.53 11.77 30.78
C TYR C 169 4.94 13.01 31.43
N GLY C 170 5.33 13.25 32.67
CA GLY C 170 4.94 14.48 33.36
C GLY C 170 6.14 15.37 33.61
N PHE C 171 6.68 15.96 32.54
CA PHE C 171 7.97 16.65 32.62
C PHE C 171 7.84 17.93 33.43
N GLN C 172 8.29 17.88 34.68
CA GLN C 172 8.40 19.01 35.59
C GLN C 172 9.86 19.43 35.73
N PRO C 173 10.12 20.74 35.85
CA PRO C 173 11.52 21.19 35.90
C PRO C 173 12.28 20.67 37.10
N THR C 174 11.59 20.41 38.20
CA THR C 174 12.23 19.97 39.43
C THR C 174 12.46 18.46 39.46
N ASN C 175 12.12 17.74 38.40
CA ASN C 175 12.36 16.31 38.35
C ASN C 175 13.84 15.98 38.52
N GLY C 176 14.11 14.77 38.99
CA GLY C 176 15.47 14.25 38.92
C GLY C 176 15.93 14.12 37.48
N VAL C 177 17.26 14.10 37.30
CA VAL C 177 17.81 14.12 35.95
C VAL C 177 17.37 12.89 35.17
N GLY C 178 17.28 11.75 35.84
CA GLY C 178 16.79 10.54 35.21
C GLY C 178 15.35 10.64 34.75
N TYR C 179 14.59 11.55 35.34
CA TYR C 179 13.20 11.78 34.96
C TYR C 179 13.00 13.07 34.18
N GLN C 180 14.12 13.74 33.75
CA GLN C 180 14.04 14.96 32.95
C GLN C 180 13.97 14.63 31.46
N PRO C 181 13.34 15.49 30.66
CA PRO C 181 13.23 15.21 29.23
C PRO C 181 14.58 15.35 28.54
N TYR C 182 14.87 14.40 27.65
CA TYR C 182 16.02 14.48 26.77
C TYR C 182 15.53 14.41 25.34
N ARG C 183 16.11 15.24 24.48
CA ARG C 183 15.80 15.22 23.06
C ARG C 183 16.80 14.34 22.34
N VAL C 184 16.30 13.50 21.44
CA VAL C 184 17.11 12.49 20.78
C VAL C 184 17.01 12.69 19.27
N VAL C 185 18.15 12.66 18.59
CA VAL C 185 18.23 12.58 17.14
C VAL C 185 19.03 11.34 16.79
N VAL C 186 18.48 10.51 15.90
CA VAL C 186 19.14 9.30 15.43
C VAL C 186 19.38 9.45 13.93
N LEU C 187 20.66 9.58 13.56
CA LEU C 187 21.05 9.67 12.16
C LEU C 187 21.46 8.27 11.70
N SER C 188 20.72 7.73 10.74
CA SER C 188 21.04 6.46 10.11
C SER C 188 21.40 6.71 8.65
N PHE C 189 22.36 5.94 8.14
CA PHE C 189 22.85 6.11 6.78
C PHE C 189 22.75 4.80 6.01
N GLU C 190 22.53 4.93 4.70
CA GLU C 190 22.65 3.82 3.76
C GLU C 190 23.79 4.15 2.81
N LEU C 191 24.83 3.34 2.82
CA LEU C 191 26.05 3.72 2.11
C LEU C 191 25.99 3.29 0.65
N LEU C 192 26.82 3.97 -0.15
CA LEU C 192 26.96 3.62 -1.55
C LEU C 192 27.79 2.35 -1.67
N HIS C 193 27.31 1.41 -2.49
CA HIS C 193 28.11 0.27 -2.87
C HIS C 193 29.14 0.73 -3.90
N ALA C 194 30.40 0.81 -3.51
CA ALA C 194 31.41 1.37 -4.39
C ALA C 194 32.78 0.85 -3.97
N PRO C 195 33.69 0.68 -4.92
CA PRO C 195 35.10 0.47 -4.55
C PRO C 195 35.59 1.62 -3.70
N ALA C 196 36.33 1.28 -2.63
CA ALA C 196 36.79 2.29 -1.68
C ALA C 196 37.65 3.35 -2.35
N THR C 197 38.29 2.99 -3.46
CA THR C 197 39.05 3.94 -4.27
C THR C 197 38.22 5.17 -4.60
N VAL C 198 36.95 4.98 -4.93
CA VAL C 198 36.04 6.09 -5.19
C VAL C 198 35.79 6.84 -3.88
N CYS C 199 35.02 6.21 -2.99
CA CYS C 199 34.49 6.88 -1.82
C CYS C 199 34.05 5.88 -0.76
N GLN D 1 35.43 -12.31 29.34
CA GLN D 1 36.05 -11.92 28.07
C GLN D 1 36.58 -10.49 28.12
N VAL D 2 35.69 -9.51 27.97
CA VAL D 2 36.07 -8.11 28.09
C VAL D 2 36.28 -7.76 29.56
N GLN D 3 37.42 -7.16 29.87
CA GLN D 3 37.78 -6.89 31.25
C GLN D 3 38.60 -5.61 31.32
N LEU D 4 38.25 -4.73 32.26
CA LEU D 4 38.93 -3.45 32.43
C LEU D 4 39.70 -3.47 33.75
N VAL D 5 41.03 -3.34 33.65
CA VAL D 5 41.94 -3.40 34.80
C VAL D 5 42.40 -1.98 35.10
N GLU D 6 42.38 -1.61 36.37
CA GLU D 6 42.46 -0.22 36.78
C GLU D 6 43.54 0.00 37.84
N SER D 7 44.29 1.09 37.70
CA SER D 7 45.36 1.39 38.66
C SER D 7 45.81 2.83 38.46
N GLY D 8 46.46 3.36 39.51
CA GLY D 8 47.09 4.67 39.43
C GLY D 8 46.73 5.66 40.52
N GLY D 9 45.74 5.31 41.34
CA GLY D 9 45.25 6.22 42.37
C GLY D 9 46.14 6.30 43.60
N GLY D 10 45.70 7.13 44.54
CA GLY D 10 46.40 7.30 45.80
C GLY D 10 46.04 8.63 46.45
N LEU D 11 46.93 9.09 47.33
CA LEU D 11 46.77 10.35 48.04
C LEU D 11 47.79 11.35 47.51
N VAL D 12 47.36 12.60 47.35
CA VAL D 12 48.23 13.66 46.87
C VAL D 12 47.80 14.97 47.52
N GLN D 13 48.70 15.93 47.53
CA GLN D 13 48.38 17.22 48.11
C GLN D 13 47.73 18.10 47.05
N PRO D 14 46.90 19.06 47.47
CA PRO D 14 46.27 19.97 46.51
C PRO D 14 47.30 20.69 45.65
N GLY D 15 47.23 20.45 44.34
CA GLY D 15 48.18 20.97 43.39
C GLY D 15 49.01 19.91 42.70
N GLY D 16 49.16 18.74 43.31
CA GLY D 16 49.96 17.68 42.73
C GLY D 16 49.30 17.04 41.52
N SER D 17 49.98 16.02 41.01
CA SER D 17 49.51 15.29 39.84
C SER D 17 49.29 13.83 40.20
N LEU D 18 48.72 13.09 39.24
CA LEU D 18 48.41 11.68 39.42
C LEU D 18 48.04 11.11 38.05
N ARG D 19 48.45 9.87 37.79
CA ARG D 19 48.27 9.25 36.48
C ARG D 19 47.42 8.00 36.65
N LEU D 20 46.22 8.03 36.08
CA LEU D 20 45.37 6.85 36.08
C LEU D 20 45.54 6.06 34.79
N SER D 21 45.31 4.76 34.88
CA SER D 21 45.46 3.87 33.75
C SER D 21 44.31 2.88 33.72
N CYS D 22 43.80 2.62 32.51
CA CYS D 22 42.70 1.69 32.30
C CYS D 22 43.13 0.73 31.22
N ALA D 23 43.17 -0.56 31.55
CA ALA D 23 43.64 -1.60 30.63
C ALA D 23 42.44 -2.36 30.11
N ALA D 24 42.14 -2.19 28.83
CA ALA D 24 41.00 -2.85 28.20
C ALA D 24 41.51 -4.04 27.39
N SER D 25 41.06 -5.24 27.76
CA SER D 25 41.39 -6.46 27.05
C SER D 25 40.12 -7.22 26.76
N GLY D 26 40.13 -7.94 25.65
CA GLY D 26 38.97 -8.69 25.21
C GLY D 26 38.18 -8.02 24.10
N PHE D 27 38.70 -6.93 23.54
CA PHE D 27 38.05 -6.22 22.47
C PHE D 27 38.59 -6.71 21.12
N THR D 28 37.68 -7.07 20.22
CA THR D 28 38.08 -7.63 18.94
C THR D 28 38.73 -6.59 18.05
N ASN D 29 38.22 -5.35 18.04
CA ASN D 29 38.74 -4.30 17.18
C ASN D 29 38.84 -3.02 18.00
N ASP D 30 39.26 -1.94 17.34
CA ASP D 30 39.38 -0.64 17.98
C ASP D 30 38.06 0.12 18.04
N PHE D 31 36.94 -0.51 17.68
CA PHE D 31 35.65 0.18 17.66
C PHE D 31 34.96 0.05 19.02
N TYR D 32 35.54 0.74 19.99
CA TYR D 32 34.92 0.89 21.30
C TYR D 32 35.33 2.22 21.88
N SER D 33 34.73 2.59 23.01
CA SER D 33 34.98 3.88 23.62
C SER D 33 35.19 3.71 25.12
N ILE D 34 36.03 4.58 25.68
CA ILE D 34 36.39 4.56 27.09
C ILE D 34 35.89 5.84 27.74
N ALA D 35 35.36 5.73 28.96
CA ALA D 35 34.94 6.87 29.75
C ALA D 35 35.46 6.73 31.17
N TRP D 36 35.66 7.87 31.82
CA TRP D 36 36.09 7.93 33.21
C TRP D 36 34.96 8.51 34.06
N PHE D 37 34.41 7.69 34.95
CA PHE D 37 33.39 8.14 35.89
C PHE D 37 33.99 8.21 37.28
N ARG D 38 33.67 9.29 38.00
CA ARG D 38 34.10 9.47 39.38
C ARG D 38 32.87 9.61 40.26
N GLN D 39 32.97 9.06 41.47
CA GLN D 39 31.85 9.02 42.41
C GLN D 39 32.32 9.66 43.71
N ALA D 40 31.99 10.95 43.88
CA ALA D 40 32.29 11.64 45.12
C ALA D 40 31.52 10.98 46.26
N PRO D 41 31.98 11.15 47.51
CA PRO D 41 31.26 10.55 48.64
C PRO D 41 29.80 10.96 48.70
N GLY D 42 28.91 10.03 48.38
CA GLY D 42 27.48 10.28 48.40
C GLY D 42 26.89 10.73 47.07
N LYS D 43 27.70 11.28 46.18
CA LYS D 43 27.20 11.74 44.89
C LYS D 43 27.03 10.57 43.92
N GLU D 44 26.35 10.85 42.81
CA GLU D 44 26.21 9.85 41.76
C GLU D 44 27.47 9.85 40.90
N ARG D 45 27.61 8.79 40.11
CA ARG D 45 28.72 8.72 39.17
C ARG D 45 28.56 9.79 38.10
N GLU D 46 29.62 10.57 37.86
CA GLU D 46 29.61 11.63 36.88
C GLU D 46 30.85 11.49 36.01
N GLY D 47 30.66 11.55 34.69
CA GLY D 47 31.78 11.43 33.78
C GLY D 47 32.59 12.72 33.70
N VAL D 48 33.91 12.57 33.59
CA VAL D 48 34.80 13.71 33.47
C VAL D 48 35.63 13.69 32.19
N SER D 49 35.86 12.54 31.58
CA SER D 49 36.68 12.46 30.37
C SER D 49 36.26 11.25 29.55
N TRP D 50 36.30 11.41 28.23
CA TRP D 50 35.91 10.37 27.29
C TRP D 50 36.98 10.22 26.21
N LEU D 51 37.08 9.01 25.66
CA LEU D 51 37.96 8.76 24.52
C LEU D 51 37.33 7.71 23.62
N SER D 52 36.94 8.11 22.41
CA SER D 52 36.54 7.16 21.39
C SER D 52 37.79 6.65 20.70
N VAL D 53 38.03 5.34 20.81
CA VAL D 53 39.33 4.78 20.44
C VAL D 53 39.48 4.71 18.92
N SER D 54 38.42 4.29 18.21
CA SER D 54 38.55 4.04 16.77
C SER D 54 38.99 5.30 16.02
N ASP D 55 38.53 6.47 16.46
CA ASP D 55 38.87 7.73 15.81
C ASP D 55 39.76 8.63 16.65
N ASN D 56 40.13 8.20 17.86
CA ASN D 56 41.07 8.91 18.72
C ASN D 56 40.59 10.34 19.03
N THR D 57 39.39 10.41 19.60
CA THR D 57 38.74 11.69 19.90
C THR D 57 38.53 11.83 21.40
N PRO D 58 39.21 12.76 22.08
CA PRO D 58 38.96 12.98 23.51
C PRO D 58 37.85 13.99 23.74
N THR D 59 37.32 13.96 24.97
CA THR D 59 36.28 14.88 25.40
C THR D 59 36.38 15.06 26.90
N TYR D 60 36.19 16.30 27.36
CA TYR D 60 36.28 16.62 28.78
C TYR D 60 35.08 17.44 29.22
N VAL D 61 34.77 17.37 30.51
CA VAL D 61 33.86 18.35 31.09
C VAL D 61 34.62 19.63 31.38
N ASP D 62 33.88 20.74 31.45
CA ASP D 62 34.53 22.04 31.63
C ASP D 62 35.33 22.07 32.92
N SER D 63 34.88 21.36 33.96
CA SER D 63 35.49 21.48 35.28
C SER D 63 36.90 20.89 35.35
N VAL D 64 37.28 20.05 34.39
CA VAL D 64 38.63 19.49 34.36
C VAL D 64 39.32 19.78 33.03
N LYS D 65 38.80 20.74 32.26
CA LYS D 65 39.15 20.87 30.85
C LYS D 65 40.66 21.02 30.63
N ASP D 66 41.29 21.97 31.31
CA ASP D 66 42.70 22.23 31.10
C ASP D 66 43.61 21.48 32.07
N ARG D 67 43.04 20.72 33.01
CA ARG D 67 43.83 20.00 33.99
C ARG D 67 44.00 18.52 33.68
N PHE D 68 43.04 17.89 33.02
CA PHE D 68 43.12 16.47 32.70
C PHE D 68 43.49 16.28 31.24
N THR D 69 44.18 15.18 30.95
CA THR D 69 44.53 14.81 29.59
C THR D 69 44.35 13.31 29.44
N ILE D 70 43.51 12.90 28.49
CA ILE D 70 43.23 11.49 28.26
C ILE D 70 43.92 11.07 26.97
N SER D 71 44.49 9.88 26.99
CA SER D 71 45.23 9.36 25.84
C SER D 71 45.27 7.85 25.96
N ARG D 72 45.71 7.22 24.89
CA ARG D 72 45.83 5.79 24.81
C ARG D 72 47.19 5.45 24.22
N HIS D 73 47.84 4.45 24.78
CA HIS D 73 49.07 3.92 24.21
C HIS D 73 48.70 2.66 23.45
N ASN D 74 48.85 2.69 22.12
CA ASN D 74 48.37 1.61 21.29
C ASN D 74 49.08 0.30 21.59
N ALA D 75 50.31 0.37 22.12
CA ALA D 75 51.10 -0.83 22.36
C ALA D 75 50.47 -1.70 23.45
N ASN D 76 50.29 -1.14 24.64
CA ASN D 76 49.81 -1.88 25.79
C ASN D 76 48.28 -1.91 25.89
N ASN D 77 47.59 -1.33 24.91
CA ASN D 77 46.12 -1.30 24.88
C ASN D 77 45.55 -0.68 26.16
N THR D 78 46.17 0.42 26.60
CA THR D 78 45.83 1.05 27.87
C THR D 78 45.54 2.52 27.66
N VAL D 79 44.50 3.02 28.31
CA VAL D 79 44.09 4.42 28.23
C VAL D 79 44.52 5.12 29.51
N TYR D 80 45.23 6.24 29.37
CA TYR D 80 45.80 6.97 30.49
C TYR D 80 45.06 8.27 30.70
N LEU D 81 44.82 8.61 31.97
CA LEU D 81 44.23 9.88 32.36
C LEU D 81 45.24 10.61 33.24
N GLN D 82 45.87 11.64 32.68
CA GLN D 82 46.86 12.44 33.40
C GLN D 82 46.13 13.56 34.13
N MET D 83 46.13 13.48 35.46
CA MET D 83 45.40 14.44 36.30
C MET D 83 46.41 15.38 36.95
N ASN D 84 46.47 16.61 36.44
CA ASN D 84 47.34 17.65 36.96
C ASN D 84 46.51 18.69 37.70
N MET D 85 47.19 19.47 38.56
CA MET D 85 46.57 20.55 39.32
C MET D 85 45.35 20.05 40.10
N LEU D 86 45.51 18.90 40.75
CA LEU D 86 44.40 18.30 41.49
C LEU D 86 43.94 19.22 42.61
N LYS D 87 42.63 19.22 42.84
CA LYS D 87 41.96 20.04 43.84
C LYS D 87 41.22 19.14 44.81
N PRO D 88 40.92 19.62 46.02
CA PRO D 88 40.13 18.80 46.95
C PRO D 88 38.78 18.39 46.41
N GLU D 89 38.24 19.14 45.44
CA GLU D 89 36.98 18.78 44.82
C GLU D 89 37.08 17.46 44.06
N ASP D 90 38.26 17.13 43.53
CA ASP D 90 38.44 15.94 42.70
C ASP D 90 38.43 14.64 43.49
N THR D 91 38.32 14.68 44.81
CA THR D 91 38.34 13.45 45.61
C THR D 91 37.11 12.60 45.30
N ALA D 92 37.34 11.43 44.73
CA ALA D 92 36.26 10.51 44.39
C ALA D 92 36.87 9.15 44.05
N ILE D 93 36.00 8.16 43.91
CA ILE D 93 36.37 6.85 43.41
C ILE D 93 36.25 6.92 41.89
N TYR D 94 37.39 6.88 41.20
CA TYR D 94 37.41 7.01 39.75
C TYR D 94 37.27 5.63 39.12
N TYR D 95 36.29 5.49 38.23
CA TYR D 95 36.06 4.27 37.47
C TYR D 95 36.39 4.52 36.01
N CYS D 96 36.77 3.46 35.30
CA CYS D 96 36.81 3.49 33.84
C CYS D 96 35.79 2.49 33.32
N ALA D 97 35.06 2.92 32.29
CA ALA D 97 33.99 2.12 31.69
C ALA D 97 34.24 2.00 30.20
N ALA D 98 33.49 1.13 29.55
CA ALA D 98 33.66 0.90 28.12
C ALA D 98 32.32 0.49 27.51
N GLY D 99 32.13 0.88 26.25
CA GLY D 99 30.96 0.48 25.50
C GLY D 99 31.31 0.24 24.05
N ARG D 100 30.53 -0.62 23.40
CA ARG D 100 30.78 -1.03 22.02
C ARG D 100 30.18 -0.01 21.06
N PHE D 101 30.81 1.16 21.02
CA PHE D 101 30.42 2.25 20.13
C PHE D 101 31.58 3.23 20.04
N ALA D 102 31.51 4.10 19.05
CA ALA D 102 32.44 5.20 18.88
C ALA D 102 31.76 6.49 19.32
N GLY D 103 32.17 7.02 20.46
CA GLY D 103 31.59 8.26 20.94
C GLY D 103 31.67 8.38 22.46
N ARG D 104 30.66 9.02 23.02
CA ARG D 104 30.68 9.42 24.41
C ARG D 104 29.25 9.50 24.93
N ASP D 105 29.08 9.29 26.23
CA ASP D 105 27.77 9.38 26.85
C ASP D 105 27.94 9.76 28.31
N THR D 106 27.01 10.57 28.80
CA THR D 106 26.99 11.01 30.19
C THR D 106 26.25 10.06 31.11
N TRP D 107 25.52 9.08 30.56
CA TRP D 107 24.74 8.16 31.37
C TRP D 107 25.55 6.91 31.66
N PRO D 108 25.81 6.59 32.93
CA PRO D 108 26.55 5.35 33.24
C PRO D 108 25.91 4.11 32.64
N SER D 109 24.58 4.06 32.60
CA SER D 109 23.87 2.91 32.07
C SER D 109 24.12 2.67 30.58
N SER D 110 24.81 3.59 29.89
CA SER D 110 25.19 3.37 28.50
C SER D 110 26.49 2.61 28.35
N TYR D 111 27.18 2.32 29.45
CA TYR D 111 28.44 1.59 29.42
C TYR D 111 28.22 0.21 30.04
N ASP D 112 28.47 -0.84 29.25
CA ASP D 112 28.24 -2.20 29.70
C ASP D 112 29.38 -2.77 30.52
N TYR D 113 30.59 -2.25 30.35
CA TYR D 113 31.79 -2.83 30.93
C TYR D 113 32.39 -1.83 31.91
N TRP D 114 32.68 -2.29 33.12
CA TRP D 114 33.22 -1.45 34.18
C TRP D 114 34.38 -2.18 34.85
N GLY D 115 35.11 -1.42 35.65
CA GLY D 115 36.17 -1.98 36.47
C GLY D 115 36.13 -1.35 37.85
N GLN D 116 36.18 -2.17 38.89
CA GLN D 116 36.18 -1.66 40.26
C GLN D 116 37.26 -0.59 40.40
N GLY D 117 36.83 0.62 40.75
CA GLY D 117 37.63 1.80 40.53
C GLY D 117 38.73 2.00 41.56
N THR D 118 39.63 2.93 41.24
CA THR D 118 40.70 3.32 42.13
C THR D 118 40.31 4.57 42.92
N GLN D 119 40.77 4.64 44.16
CA GLN D 119 40.49 5.77 45.03
C GLN D 119 41.47 6.90 44.76
N VAL D 120 40.96 8.12 44.64
CA VAL D 120 41.78 9.33 44.52
C VAL D 120 41.31 10.30 45.58
N THR D 121 42.21 10.67 46.49
CA THR D 121 41.89 11.61 47.57
C THR D 121 42.93 12.71 47.60
N VAL D 122 42.45 13.96 47.63
CA VAL D 122 43.31 15.15 47.57
C VAL D 122 43.06 15.97 48.83
N SER D 123 44.04 16.01 49.72
CA SER D 123 43.98 16.85 50.92
C SER D 123 45.39 17.07 51.42
N SER D 124 45.51 17.85 52.50
CA SER D 124 46.81 18.18 53.07
C SER D 124 46.86 17.94 54.57
N HIS E 3 19.37 -4.73 -27.53
CA HIS E 3 20.48 -5.01 -26.63
C HIS E 3 20.52 -4.02 -25.45
N HIS E 4 20.21 -4.52 -24.26
CA HIS E 4 20.20 -3.68 -23.06
C HIS E 4 21.57 -3.69 -22.41
N HIS E 5 22.08 -2.49 -22.09
CA HIS E 5 23.32 -2.37 -21.36
C HIS E 5 23.28 -1.07 -20.56
N HIS E 6 23.80 -1.12 -19.33
CA HIS E 6 23.72 0.03 -18.43
C HIS E 6 24.46 1.24 -18.97
N THR E 7 25.17 1.10 -20.09
CA THR E 7 25.85 2.19 -20.76
C THR E 7 25.03 2.82 -21.87
N ASN E 8 23.86 2.26 -22.19
CA ASN E 8 23.05 2.82 -23.26
C ASN E 8 22.51 4.19 -22.85
N LEU E 9 22.15 4.98 -23.87
CA LEU E 9 21.58 6.29 -23.60
C LEU E 9 20.20 6.13 -22.96
N CYS E 10 19.88 7.06 -22.06
CA CYS E 10 18.62 6.97 -21.35
C CYS E 10 17.45 7.03 -22.33
N PRO E 11 16.35 6.33 -22.05
CA PRO E 11 15.24 6.32 -23.02
C PRO E 11 14.44 7.61 -22.99
N PHE E 12 15.13 8.74 -22.95
CA PHE E 12 14.45 10.02 -22.91
C PHE E 12 13.50 10.21 -24.09
N GLY E 13 13.70 9.44 -25.17
CA GLY E 13 12.77 9.49 -26.28
C GLY E 13 11.38 9.03 -25.90
N GLU E 14 11.29 7.98 -25.09
CA GLU E 14 9.99 7.46 -24.67
C GLU E 14 9.17 8.49 -23.91
N VAL E 15 9.83 9.47 -23.30
CA VAL E 15 9.14 10.47 -22.48
C VAL E 15 8.82 11.70 -23.32
N PHE E 16 9.86 12.29 -23.94
CA PHE E 16 9.66 13.53 -24.67
C PHE E 16 8.85 13.30 -25.94
N ASN E 17 9.08 12.19 -26.64
CA ASN E 17 8.47 11.93 -27.94
C ASN E 17 7.35 10.91 -27.87
N ALA E 18 6.74 10.70 -26.71
CA ALA E 18 5.62 9.79 -26.61
C ALA E 18 4.43 10.32 -27.41
N THR E 19 3.76 9.41 -28.11
CA THR E 19 2.64 9.83 -28.96
C THR E 19 1.46 10.35 -28.15
N ARG E 20 1.37 10.00 -26.87
CA ARG E 20 0.35 10.53 -25.99
C ARG E 20 0.97 10.89 -24.64
N PHE E 21 0.50 11.99 -24.05
CA PHE E 21 0.89 12.42 -22.72
C PHE E 21 -0.27 12.22 -21.75
N ALA E 22 0.06 12.21 -20.46
CA ALA E 22 -0.94 12.05 -19.43
C ALA E 22 -1.69 13.36 -19.18
N SER E 23 -2.92 13.24 -18.71
CA SER E 23 -3.63 14.38 -18.17
C SER E 23 -2.94 14.85 -16.89
N VAL E 24 -2.90 16.17 -16.68
CA VAL E 24 -2.12 16.73 -15.59
C VAL E 24 -2.61 16.24 -14.23
N TYR E 25 -3.93 16.02 -14.08
CA TYR E 25 -4.43 15.50 -12.82
C TYR E 25 -3.93 14.09 -12.53
N ALA E 26 -3.54 13.35 -13.58
CA ALA E 26 -3.00 12.01 -13.44
C ALA E 26 -1.63 11.94 -14.10
N TRP E 27 -0.74 12.83 -13.67
CA TRP E 27 0.54 13.01 -14.32
C TRP E 27 1.39 11.75 -14.23
N ASN E 28 2.07 11.44 -15.33
CA ASN E 28 2.92 10.26 -15.41
C ASN E 28 4.24 10.52 -14.73
N ARG E 29 4.74 9.51 -14.01
CA ARG E 29 6.07 9.55 -13.41
C ARG E 29 6.85 8.36 -13.90
N LYS E 30 8.02 8.63 -14.49
CA LYS E 30 8.90 7.60 -15.03
C LYS E 30 10.25 7.73 -14.34
N ARG E 31 10.68 6.67 -13.67
CA ARG E 31 12.02 6.64 -13.11
C ARG E 31 13.03 6.34 -14.21
N ILE E 32 14.18 7.00 -14.13
CA ILE E 32 15.24 6.86 -15.13
C ILE E 32 16.43 6.20 -14.47
N SER E 33 16.86 5.07 -15.04
CA SER E 33 17.70 4.14 -14.32
C SER E 33 18.58 3.37 -15.29
N ASN E 34 19.85 3.19 -14.92
CA ASN E 34 20.79 2.35 -15.64
C ASN E 34 21.00 2.84 -17.08
N CYS E 35 21.39 4.10 -17.21
CA CYS E 35 21.64 4.66 -18.53
C CYS E 35 22.39 5.99 -18.40
N VAL E 36 22.83 6.49 -19.55
CA VAL E 36 23.62 7.71 -19.66
C VAL E 36 22.77 8.78 -20.31
N ALA E 37 22.97 10.03 -19.90
CA ALA E 37 22.19 11.14 -20.39
C ALA E 37 23.06 12.36 -20.61
N ASP E 38 22.80 13.09 -21.70
CA ASP E 38 23.45 14.36 -21.99
C ASP E 38 22.41 15.46 -21.83
N TYR E 39 22.23 15.89 -20.58
CA TYR E 39 21.28 16.96 -20.28
C TYR E 39 21.64 18.24 -21.00
N SER E 40 22.94 18.50 -21.16
CA SER E 40 23.37 19.71 -21.87
C SER E 40 22.85 19.72 -23.31
N VAL E 41 22.65 18.54 -23.90
CA VAL E 41 22.03 18.49 -25.23
C VAL E 41 20.55 18.86 -25.14
N LEU E 42 19.88 18.43 -24.06
CA LEU E 42 18.50 18.84 -23.87
C LEU E 42 18.37 20.34 -23.66
N TYR E 43 19.27 20.91 -22.85
CA TYR E 43 19.15 22.33 -22.54
C TYR E 43 19.31 23.20 -23.79
N ASN E 44 20.24 22.84 -24.67
CA ASN E 44 20.50 23.64 -25.86
C ASN E 44 19.63 23.26 -27.04
N SER E 45 18.62 22.42 -26.84
CA SER E 45 17.69 22.09 -27.91
C SER E 45 16.69 23.23 -28.06
N ALA E 46 16.62 23.80 -29.27
CA ALA E 46 15.60 24.81 -29.55
C ALA E 46 14.19 24.24 -29.59
N SER E 47 14.05 22.91 -29.50
CA SER E 47 12.73 22.30 -29.46
C SER E 47 11.93 22.75 -28.25
N PHE E 48 12.61 23.12 -27.17
CA PHE E 48 11.97 23.47 -25.91
C PHE E 48 11.94 24.98 -25.73
N SER E 49 10.73 25.52 -25.55
CA SER E 49 10.51 26.94 -25.30
C SER E 49 10.59 27.31 -23.83
N THR E 50 10.40 26.34 -22.94
CA THR E 50 10.55 26.53 -21.50
C THR E 50 11.59 25.54 -21.00
N PHE E 51 12.64 26.04 -20.38
CA PHE E 51 13.65 25.18 -19.77
C PHE E 51 14.22 25.94 -18.58
N LYS E 52 13.70 25.64 -17.38
CA LYS E 52 14.05 26.35 -16.16
C LYS E 52 14.46 25.35 -15.10
N CYS E 53 15.66 25.52 -14.57
CA CYS E 53 16.19 24.63 -13.55
C CYS E 53 16.25 25.33 -12.20
N TYR E 54 16.07 24.56 -11.14
CA TYR E 54 16.00 25.06 -9.78
C TYR E 54 16.94 24.27 -8.90
N GLY E 55 17.69 24.97 -8.07
CA GLY E 55 18.62 24.33 -7.16
C GLY E 55 19.83 23.71 -7.82
N VAL E 56 19.98 23.83 -9.13
CA VAL E 56 21.12 23.26 -9.85
C VAL E 56 21.14 23.87 -11.24
N SER E 57 22.33 24.03 -11.80
CA SER E 57 22.38 24.65 -13.12
C SER E 57 22.38 23.58 -14.22
N PRO E 58 21.73 23.86 -15.35
CA PRO E 58 21.57 22.81 -16.37
C PRO E 58 22.89 22.29 -16.90
N THR E 59 23.85 23.18 -17.14
CA THR E 59 25.12 22.76 -17.72
C THR E 59 25.82 21.73 -16.86
N LYS E 60 25.77 21.90 -15.54
CA LYS E 60 26.51 21.05 -14.62
C LYS E 60 25.72 19.80 -14.21
N LEU E 61 24.58 19.53 -14.86
CA LEU E 61 23.84 18.30 -14.57
C LEU E 61 24.64 17.07 -14.96
N ASN E 62 25.50 17.18 -15.98
CA ASN E 62 26.34 16.05 -16.40
C ASN E 62 27.53 15.84 -15.49
N ASP E 63 27.79 16.73 -14.55
CA ASP E 63 28.96 16.64 -13.68
C ASP E 63 28.63 16.13 -12.28
N LEU E 64 27.35 15.89 -11.98
CA LEU E 64 26.90 15.51 -10.65
C LEU E 64 26.50 14.03 -10.63
N CYS E 65 26.25 13.54 -9.41
CA CYS E 65 25.82 12.16 -9.17
C CYS E 65 24.43 12.17 -8.55
N PHE E 66 23.56 11.29 -9.05
CA PHE E 66 22.19 11.20 -8.54
C PHE E 66 21.88 9.80 -8.07
N THR E 67 21.13 9.74 -6.96
CA THR E 67 20.57 8.50 -6.43
C THR E 67 19.32 8.10 -7.17
N ASN E 68 18.55 9.08 -7.62
CA ASN E 68 17.27 8.88 -8.26
C ASN E 68 17.00 10.09 -9.15
N VAL E 69 16.47 9.83 -10.34
CA VAL E 69 15.99 10.89 -11.22
C VAL E 69 14.61 10.48 -11.72
N TYR E 70 13.64 11.37 -11.53
CA TYR E 70 12.29 11.15 -12.00
C TYR E 70 12.00 12.05 -13.19
N ALA E 71 11.20 11.55 -14.12
CA ALA E 71 10.69 12.34 -15.23
C ALA E 71 9.17 12.35 -15.11
N ASP E 72 8.63 13.46 -14.63
CA ASP E 72 7.19 13.66 -14.61
C ASP E 72 6.78 14.42 -15.86
N SER E 73 5.69 13.96 -16.48
CA SER E 73 5.21 14.57 -17.72
C SER E 73 3.69 14.61 -17.72
N PHE E 74 3.16 15.63 -18.38
CA PHE E 74 1.72 15.88 -18.46
C PHE E 74 1.51 16.98 -19.50
N VAL E 75 0.25 17.34 -19.72
CA VAL E 75 -0.11 18.42 -20.63
C VAL E 75 -1.01 19.40 -19.89
N ILE E 76 -0.68 20.68 -19.98
CA ILE E 76 -1.53 21.77 -19.52
C ILE E 76 -1.67 22.72 -20.69
N ARG E 77 -2.38 23.82 -20.49
CA ARG E 77 -2.46 24.84 -21.53
C ARG E 77 -1.36 25.88 -21.32
N GLY E 78 -1.17 26.72 -22.34
CA GLY E 78 -0.03 27.61 -22.36
C GLY E 78 -0.03 28.61 -21.22
N ASP E 79 -1.19 29.17 -20.90
CA ASP E 79 -1.30 30.13 -19.80
C ASP E 79 -0.87 29.55 -18.47
N GLU E 80 -0.92 28.23 -18.31
CA GLU E 80 -0.67 27.57 -17.04
C GLU E 80 0.76 27.05 -16.89
N VAL E 81 1.61 27.23 -17.90
CA VAL E 81 2.98 26.75 -17.82
C VAL E 81 3.72 27.42 -16.66
N ARG E 82 3.41 28.70 -16.39
CA ARG E 82 4.10 29.39 -15.30
C ARG E 82 3.72 28.85 -13.92
N GLN E 83 2.68 28.02 -13.82
CA GLN E 83 2.34 27.41 -12.55
C GLN E 83 3.22 26.22 -12.19
N ILE E 84 3.86 25.59 -13.19
CA ILE E 84 4.74 24.46 -12.94
C ILE E 84 6.08 25.02 -12.45
N ALA E 85 6.13 25.44 -11.21
CA ALA E 85 7.31 26.08 -10.64
C ALA E 85 7.14 26.14 -9.13
N PRO E 86 8.26 26.24 -8.38
CA PRO E 86 8.15 26.38 -6.93
C PRO E 86 7.41 27.67 -6.54
N GLY E 87 6.56 27.55 -5.53
CA GLY E 87 5.90 28.71 -4.97
C GLY E 87 4.85 29.36 -5.84
N GLN E 88 4.09 28.56 -6.59
CA GLN E 88 3.05 29.07 -7.47
C GLN E 88 1.68 28.61 -6.98
N THR E 89 0.66 29.35 -7.39
CA THR E 89 -0.72 28.99 -7.08
C THR E 89 -1.58 29.14 -8.33
N GLY E 90 -2.70 28.44 -8.31
CA GLY E 90 -3.56 28.32 -9.47
C GLY E 90 -4.21 26.96 -9.49
N LYS E 91 -5.13 26.77 -10.43
CA LYS E 91 -5.85 25.50 -10.51
C LYS E 91 -4.89 24.33 -10.68
N ILE E 92 -3.83 24.54 -11.47
CA ILE E 92 -2.87 23.46 -11.70
C ILE E 92 -2.01 23.24 -10.45
N ALA E 93 -1.31 24.28 -10.02
CA ALA E 93 -0.37 24.14 -8.90
C ALA E 93 -1.07 23.71 -7.61
N ASP E 94 -2.34 24.06 -7.44
CA ASP E 94 -3.03 23.72 -6.21
C ASP E 94 -3.73 22.38 -6.26
N TYR E 95 -4.27 21.96 -7.41
CA TYR E 95 -5.11 20.78 -7.48
C TYR E 95 -4.60 19.68 -8.41
N ASN E 96 -3.47 19.87 -9.09
CA ASN E 96 -3.06 18.88 -10.08
C ASN E 96 -1.60 18.46 -9.94
N TYR E 97 -0.69 19.43 -9.91
CA TYR E 97 0.74 19.14 -9.83
C TYR E 97 1.43 20.28 -9.10
N LYS E 98 2.09 19.96 -7.99
CA LYS E 98 2.63 20.95 -7.08
C LYS E 98 4.12 20.68 -6.85
N LEU E 99 4.96 21.64 -7.20
CA LEU E 99 6.36 21.44 -6.89
C LEU E 99 6.69 21.97 -5.50
N PRO E 100 7.64 21.36 -4.81
CA PRO E 100 8.03 21.85 -3.48
C PRO E 100 8.83 23.14 -3.58
N ASP E 101 8.88 23.85 -2.46
CA ASP E 101 9.68 25.08 -2.40
C ASP E 101 11.15 24.78 -2.62
N ASP E 102 11.64 23.63 -2.15
CA ASP E 102 13.03 23.23 -2.32
C ASP E 102 13.22 22.29 -3.51
N PHE E 103 12.43 22.47 -4.56
CA PHE E 103 12.56 21.63 -5.75
C PHE E 103 13.96 21.71 -6.33
N THR E 104 14.53 20.54 -6.63
CA THR E 104 15.83 20.43 -7.29
C THR E 104 15.63 19.72 -8.62
N GLY E 105 15.59 20.49 -9.69
CA GLY E 105 15.39 19.91 -11.01
C GLY E 105 14.99 20.98 -12.00
N CYS E 106 14.44 20.51 -13.12
CA CYS E 106 14.20 21.38 -14.26
C CYS E 106 12.80 21.17 -14.82
N VAL E 107 12.19 22.26 -15.26
CA VAL E 107 10.88 22.25 -15.91
C VAL E 107 11.09 22.54 -17.39
N ILE E 108 10.76 21.55 -18.22
CA ILE E 108 10.85 21.66 -19.67
C ILE E 108 9.44 21.67 -20.24
N ALA E 109 9.23 22.46 -21.28
CA ALA E 109 7.90 22.57 -21.87
C ALA E 109 8.01 23.02 -23.32
N TRP E 110 7.03 22.61 -24.13
CA TRP E 110 7.02 23.00 -25.53
C TRP E 110 5.58 23.00 -26.05
N ASN E 111 5.31 23.90 -27.00
CA ASN E 111 4.01 23.95 -27.65
C ASN E 111 3.77 22.66 -28.42
N SER E 112 2.63 22.03 -28.16
CA SER E 112 2.29 20.75 -28.79
C SER E 112 0.98 20.84 -29.55
N ASN E 113 0.66 22.04 -30.05
CA ASN E 113 -0.60 22.24 -30.76
C ASN E 113 -0.71 21.31 -31.96
N ASN E 114 0.40 21.07 -32.66
CA ASN E 114 0.37 20.18 -33.82
C ASN E 114 0.23 18.71 -33.44
N LEU E 115 0.32 18.38 -32.15
CA LEU E 115 0.20 17.00 -31.69
C LEU E 115 -1.06 16.72 -30.90
N ASP E 116 -1.53 17.68 -30.11
CA ASP E 116 -2.62 17.43 -29.18
C ASP E 116 -3.89 18.22 -29.49
N SER E 117 -3.87 19.10 -30.48
CA SER E 117 -5.09 19.76 -30.90
C SER E 117 -5.81 18.92 -31.94
N LYS E 118 -7.07 19.25 -32.16
CA LYS E 118 -7.98 18.41 -32.93
C LYS E 118 -9.15 19.27 -33.38
N VAL E 119 -9.54 19.13 -34.65
CA VAL E 119 -10.62 19.95 -35.19
C VAL E 119 -11.92 19.60 -34.48
N GLY E 120 -12.52 20.59 -33.83
CA GLY E 120 -13.64 20.38 -32.94
C GLY E 120 -13.27 20.28 -31.48
N GLY E 121 -11.97 20.22 -31.16
CA GLY E 121 -11.52 20.13 -29.79
C GLY E 121 -11.06 18.75 -29.38
N ASN E 122 -9.90 18.68 -28.74
CA ASN E 122 -9.40 17.41 -28.18
C ASN E 122 -9.69 17.43 -26.68
N TYR E 123 -10.69 16.65 -26.27
CA TYR E 123 -11.14 16.61 -24.90
C TYR E 123 -10.53 15.44 -24.13
N ASN E 124 -9.47 14.84 -24.66
CA ASN E 124 -8.82 13.74 -23.95
C ASN E 124 -8.12 14.23 -22.69
N TYR E 125 -7.43 15.38 -22.77
CA TYR E 125 -6.70 15.91 -21.63
C TYR E 125 -7.65 16.61 -20.68
N ARG E 126 -7.51 16.30 -19.39
CA ARG E 126 -8.37 16.86 -18.36
C ARG E 126 -7.53 17.40 -17.21
N TYR E 127 -8.17 18.20 -16.38
CA TYR E 127 -7.55 18.76 -15.18
C TYR E 127 -8.56 18.69 -14.03
N ARG E 128 -8.06 18.86 -12.81
CA ARG E 128 -8.90 18.91 -11.63
C ARG E 128 -9.32 20.34 -11.36
N LEU E 129 -10.62 20.57 -11.26
CA LEU E 129 -11.16 21.92 -11.07
C LEU E 129 -11.54 22.20 -9.61
N PHE E 130 -11.94 21.18 -8.87
CA PHE E 130 -12.34 21.35 -7.48
C PHE E 130 -11.58 20.37 -6.60
N ARG E 131 -11.28 20.82 -5.38
CA ARG E 131 -10.63 19.98 -4.39
C ARG E 131 -10.77 20.66 -3.03
N LYS E 132 -10.87 19.84 -1.98
CA LYS E 132 -11.11 20.38 -0.64
C LYS E 132 -9.87 21.04 -0.05
N SER E 133 -8.69 20.62 -0.48
CA SER E 133 -7.46 21.23 -0.01
C SER E 133 -6.42 21.14 -1.12
N ASN E 134 -5.31 21.86 -0.92
CA ASN E 134 -4.26 21.88 -1.92
C ASN E 134 -3.47 20.57 -1.87
N LEU E 135 -2.86 20.23 -3.01
CA LEU E 135 -1.97 19.09 -3.04
C LEU E 135 -0.69 19.40 -2.28
N LYS E 136 -0.22 18.43 -1.51
CA LYS E 136 1.16 18.45 -1.05
C LYS E 136 2.07 18.30 -2.27
N PRO E 137 3.32 18.75 -2.19
CA PRO E 137 4.22 18.61 -3.32
C PRO E 137 4.33 17.17 -3.81
N PHE E 138 4.33 17.01 -5.13
CA PHE E 138 4.47 15.72 -5.81
C PHE E 138 3.34 14.76 -5.50
N GLU E 139 2.21 15.27 -5.00
CA GLU E 139 1.05 14.43 -4.79
C GLU E 139 0.26 14.28 -6.09
N ARG E 140 -0.37 13.12 -6.26
CA ARG E 140 -1.24 12.86 -7.40
C ARG E 140 -2.60 12.43 -6.88
N ASP E 141 -3.65 13.08 -7.37
CA ASP E 141 -5.03 12.80 -7.00
C ASP E 141 -5.76 12.38 -8.27
N ILE E 142 -6.14 11.10 -8.34
CA ILE E 142 -6.84 10.58 -9.51
C ILE E 142 -8.28 10.21 -9.15
N SER E 143 -8.77 10.64 -8.01
CA SER E 143 -10.16 10.41 -7.64
C SER E 143 -11.10 11.21 -8.52
N THR E 144 -12.29 10.65 -8.75
CA THR E 144 -13.35 11.33 -9.47
C THR E 144 -14.65 11.31 -8.66
N GLU E 145 -14.53 11.49 -7.35
CA GLU E 145 -15.69 11.54 -6.47
C GLU E 145 -16.38 12.90 -6.59
N ILE E 146 -17.72 12.90 -6.52
CA ILE E 146 -18.48 14.13 -6.68
C ILE E 146 -18.09 15.12 -5.60
N TYR E 147 -17.69 16.32 -6.02
CA TYR E 147 -17.17 17.33 -5.12
C TYR E 147 -18.32 18.10 -4.47
N GLN E 148 -18.26 18.24 -3.14
CA GLN E 148 -19.31 18.89 -2.37
C GLN E 148 -18.94 20.34 -2.10
N ALA E 149 -19.73 21.26 -2.64
CA ALA E 149 -19.53 22.69 -2.42
C ALA E 149 -20.38 23.18 -1.26
N GLY E 150 -21.69 23.23 -1.46
CA GLY E 150 -22.60 23.68 -0.43
C GLY E 150 -22.66 22.73 0.75
N SER E 151 -23.40 23.17 1.78
CA SER E 151 -23.50 22.42 3.02
C SER E 151 -24.33 21.14 2.87
N LYS E 152 -25.06 20.98 1.77
CA LYS E 152 -25.85 19.77 1.58
C LYS E 152 -24.97 18.64 1.07
N PRO E 153 -25.19 17.41 1.54
CA PRO E 153 -24.36 16.30 1.08
C PRO E 153 -24.59 16.00 -0.40
N CYS E 154 -23.53 15.53 -1.06
CA CYS E 154 -23.65 15.19 -2.46
C CYS E 154 -24.25 13.81 -2.67
N ASN E 155 -23.80 12.83 -1.90
CA ASN E 155 -24.22 11.45 -2.05
C ASN E 155 -24.06 10.98 -3.50
N GLY E 156 -22.81 11.11 -3.97
CA GLY E 156 -22.40 10.67 -5.29
C GLY E 156 -23.37 11.01 -6.41
N VAL E 157 -23.92 12.22 -6.41
CA VAL E 157 -24.86 12.66 -7.44
C VAL E 157 -24.48 14.07 -7.85
N GLU E 158 -24.14 14.26 -9.13
CA GLU E 158 -23.93 15.59 -9.66
C GLU E 158 -25.26 16.36 -9.62
N GLY E 159 -25.19 17.63 -9.23
CA GLY E 159 -26.37 18.45 -9.12
C GLY E 159 -26.06 19.79 -8.50
N PHE E 160 -26.95 20.27 -7.64
CA PHE E 160 -26.73 21.56 -7.00
C PHE E 160 -25.55 21.49 -6.05
N ASN E 161 -24.66 22.48 -6.14
CA ASN E 161 -23.45 22.56 -5.32
C ASN E 161 -22.73 21.22 -5.21
N CYS E 162 -22.83 20.40 -6.26
CA CYS E 162 -22.24 19.07 -6.30
C CYS E 162 -21.77 18.84 -7.74
N TYR E 163 -20.46 18.94 -7.96
CA TYR E 163 -19.93 18.95 -9.31
C TYR E 163 -18.91 17.83 -9.50
N PHE E 164 -18.85 17.33 -10.72
CA PHE E 164 -17.77 16.44 -11.13
C PHE E 164 -16.45 17.21 -11.05
N PRO E 165 -15.44 16.68 -10.37
CA PRO E 165 -14.23 17.48 -10.09
C PRO E 165 -13.30 17.68 -11.28
N LEU E 166 -13.48 16.97 -12.38
CA LEU E 166 -12.58 17.08 -13.52
C LEU E 166 -13.25 17.81 -14.68
N GLN E 167 -12.51 18.72 -15.30
CA GLN E 167 -12.94 19.41 -16.51
C GLN E 167 -11.95 19.11 -17.63
N SER E 168 -12.45 19.09 -18.85
CA SER E 168 -11.65 18.73 -20.02
C SER E 168 -11.16 19.99 -20.73
N TYR E 169 -9.87 20.01 -21.06
CA TYR E 169 -9.38 20.96 -22.04
C TYR E 169 -10.04 20.68 -23.38
N GLY E 170 -10.32 21.75 -24.12
CA GLY E 170 -10.85 21.62 -25.46
C GLY E 170 -9.87 22.12 -26.50
N PHE E 171 -8.80 21.36 -26.73
CA PHE E 171 -7.69 21.85 -27.55
C PHE E 171 -8.09 21.85 -29.02
N GLN E 172 -8.29 23.05 -29.57
CA GLN E 172 -8.56 23.29 -30.96
C GLN E 172 -7.36 23.97 -31.61
N PRO E 173 -7.09 23.68 -32.89
CA PRO E 173 -5.91 24.29 -33.53
C PRO E 173 -5.96 25.80 -33.59
N THR E 174 -7.17 26.36 -33.64
CA THR E 174 -7.38 27.79 -33.78
C THR E 174 -7.34 28.55 -32.46
N ASN E 175 -7.00 27.89 -31.36
CA ASN E 175 -6.92 28.55 -30.07
C ASN E 175 -5.77 29.56 -30.04
N GLY E 176 -5.94 30.58 -29.20
CA GLY E 176 -4.81 31.43 -28.87
C GLY E 176 -3.77 30.68 -28.07
N VAL E 177 -2.52 31.13 -28.18
CA VAL E 177 -1.39 30.35 -27.67
C VAL E 177 -1.52 30.07 -26.18
N GLY E 178 -2.07 31.00 -25.41
CA GLY E 178 -2.32 30.76 -24.00
C GLY E 178 -3.33 29.67 -23.72
N TYR E 179 -4.15 29.32 -24.71
CA TYR E 179 -5.10 28.23 -24.58
C TYR E 179 -4.68 26.99 -25.39
N GLN E 180 -3.51 27.01 -25.99
CA GLN E 180 -3.01 25.88 -26.76
C GLN E 180 -2.33 24.85 -25.86
N PRO E 181 -2.24 23.59 -26.30
CA PRO E 181 -1.65 22.56 -25.44
C PRO E 181 -0.14 22.66 -25.40
N TYR E 182 0.41 22.46 -24.19
CA TYR E 182 1.85 22.42 -23.98
C TYR E 182 2.19 21.13 -23.25
N ARG E 183 3.17 20.42 -23.78
CA ARG E 183 3.69 19.22 -23.13
C ARG E 183 4.79 19.63 -22.18
N VAL E 184 4.74 19.11 -20.96
CA VAL E 184 5.65 19.48 -19.90
C VAL E 184 6.36 18.22 -19.40
N VAL E 185 7.68 18.31 -19.24
CA VAL E 185 8.46 17.27 -18.57
C VAL E 185 9.22 17.92 -17.43
N VAL E 186 9.03 17.39 -16.23
CA VAL E 186 9.67 17.91 -15.03
C VAL E 186 10.67 16.86 -14.55
N LEU E 187 11.95 17.18 -14.62
CA LEU E 187 13.02 16.31 -14.15
C LEU E 187 13.41 16.72 -12.75
N SER E 188 13.30 15.79 -11.80
CA SER E 188 13.72 16.01 -10.43
C SER E 188 14.82 15.02 -10.07
N PHE E 189 15.77 15.47 -9.25
CA PHE E 189 16.93 14.67 -8.90
C PHE E 189 17.10 14.64 -7.38
N GLU E 190 17.61 13.52 -6.90
CA GLU E 190 18.11 13.39 -5.53
C GLU E 190 19.60 13.11 -5.63
N LEU E 191 20.39 14.03 -5.10
CA LEU E 191 21.84 13.98 -5.30
C LEU E 191 22.52 13.08 -4.29
N LEU E 192 23.74 12.69 -4.63
CA LEU E 192 24.54 11.81 -3.79
C LEU E 192 25.22 12.63 -2.71
N HIS E 193 25.02 12.24 -1.46
CA HIS E 193 25.79 12.80 -0.38
C HIS E 193 27.24 12.37 -0.52
N ALA E 194 28.13 13.32 -0.78
CA ALA E 194 29.51 13.00 -1.07
C ALA E 194 30.39 14.24 -0.95
N PRO E 195 31.63 14.08 -0.48
CA PRO E 195 32.57 15.21 -0.50
C PRO E 195 32.75 15.76 -1.91
N ALA E 196 33.17 17.02 -1.98
CA ALA E 196 33.36 17.67 -3.28
C ALA E 196 34.49 17.03 -4.07
N THR E 197 35.47 16.42 -3.40
CA THR E 197 36.58 15.73 -4.05
C THR E 197 36.14 14.51 -4.84
N VAL E 198 34.88 14.10 -4.75
CA VAL E 198 34.36 12.94 -5.45
C VAL E 198 33.50 13.34 -6.64
N CYS E 199 32.39 14.03 -6.39
CA CYS E 199 31.36 14.22 -7.41
C CYS E 199 30.64 15.54 -7.26
N GLN F 1 14.31 45.91 -3.50
CA GLN F 1 15.45 45.03 -3.39
C GLN F 1 15.99 44.65 -4.78
N VAL F 2 15.35 43.70 -5.45
CA VAL F 2 15.74 43.35 -6.81
C VAL F 2 15.25 44.43 -7.76
N GLN F 3 16.16 44.95 -8.59
CA GLN F 3 15.83 46.10 -9.42
C GLN F 3 16.61 46.01 -10.73
N LEU F 4 15.90 46.20 -11.85
CA LEU F 4 16.49 46.17 -13.17
C LEU F 4 16.48 47.57 -13.77
N VAL F 5 17.65 48.10 -14.07
CA VAL F 5 17.82 49.42 -14.65
C VAL F 5 18.20 49.25 -16.11
N GLU F 6 17.55 50.01 -16.98
CA GLU F 6 17.57 49.75 -18.41
C GLU F 6 17.91 51.01 -19.18
N SER F 7 18.71 50.85 -20.23
CA SER F 7 19.09 51.97 -21.09
C SER F 7 19.72 51.40 -22.36
N GLY F 8 19.75 52.24 -23.40
CA GLY F 8 20.44 51.88 -24.63
C GLY F 8 19.62 52.05 -25.89
N GLY F 9 18.33 52.35 -25.76
CA GLY F 9 17.46 52.48 -26.91
C GLY F 9 17.62 53.80 -27.63
N GLY F 10 16.86 53.95 -28.70
CA GLY F 10 16.87 55.18 -29.48
C GLY F 10 16.36 54.95 -30.88
N LEU F 11 16.79 55.84 -31.78
CA LEU F 11 16.41 55.81 -33.19
C LEU F 11 17.63 55.40 -34.01
N VAL F 12 17.41 54.55 -35.01
CA VAL F 12 18.49 54.10 -35.88
C VAL F 12 17.92 53.83 -37.27
N GLN F 13 18.82 53.80 -38.27
CA GLN F 13 18.44 53.52 -39.65
C GLN F 13 18.44 52.01 -39.89
N PRO F 14 17.64 51.55 -40.85
CA PRO F 14 17.64 50.11 -41.17
C PRO F 14 19.03 49.64 -41.56
N GLY F 15 19.59 48.76 -40.75
CA GLY F 15 20.94 48.26 -40.93
C GLY F 15 21.91 48.70 -39.85
N GLY F 16 21.62 49.80 -39.16
CA GLY F 16 22.51 50.29 -38.13
C GLY F 16 22.52 49.38 -36.91
N SER F 17 23.26 49.83 -35.90
CA SER F 17 23.43 49.04 -34.69
C SER F 17 22.88 49.79 -33.48
N LEU F 18 22.87 49.08 -32.35
CA LEU F 18 22.35 49.61 -31.10
C LEU F 18 22.73 48.65 -29.98
N ARG F 19 23.06 49.22 -28.82
CA ARG F 19 23.53 48.45 -27.67
C ARG F 19 22.59 48.68 -26.50
N LEU F 20 21.87 47.64 -26.10
CA LEU F 20 21.00 47.70 -24.94
C LEU F 20 21.72 47.16 -23.71
N SER F 21 21.34 47.68 -22.55
CA SER F 21 21.98 47.29 -21.30
C SER F 21 20.94 47.10 -20.22
N CYS F 22 21.14 46.07 -19.39
CA CYS F 22 20.24 45.74 -18.29
C CYS F 22 21.10 45.59 -17.04
N ALA F 23 20.88 46.45 -16.05
CA ALA F 23 21.68 46.49 -14.84
C ALA F 23 20.87 45.84 -13.71
N ALA F 24 21.31 44.68 -13.26
CA ALA F 24 20.61 43.91 -12.24
C ALA F 24 21.27 44.13 -10.88
N SER F 25 20.48 44.62 -9.93
CA SER F 25 20.94 44.83 -8.56
C SER F 25 19.96 44.16 -7.60
N GLY F 26 20.49 43.66 -6.49
CA GLY F 26 19.68 42.99 -5.50
C GLY F 26 19.73 41.48 -5.53
N PHE F 27 20.60 40.89 -6.33
CA PHE F 27 20.72 39.44 -6.40
C PHE F 27 21.82 38.94 -5.47
N THR F 28 21.47 37.97 -4.62
CA THR F 28 22.42 37.42 -3.66
C THR F 28 23.53 36.64 -4.34
N ASN F 29 23.17 35.87 -5.37
CA ASN F 29 24.08 34.98 -6.06
C ASN F 29 23.88 35.14 -7.57
N ASP F 30 24.64 34.35 -8.34
CA ASP F 30 24.51 34.35 -9.79
C ASP F 30 23.42 33.41 -10.28
N PHE F 31 22.61 32.83 -9.38
CA PHE F 31 21.61 31.85 -9.79
C PHE F 31 20.30 32.56 -10.15
N TYR F 32 20.36 33.25 -11.28
CA TYR F 32 19.19 33.87 -11.89
C TYR F 32 19.40 33.90 -13.40
N SER F 33 18.36 34.29 -14.12
CA SER F 33 18.41 34.32 -15.58
C SER F 33 17.82 35.63 -16.08
N ILE F 34 18.34 36.08 -17.21
CA ILE F 34 17.92 37.33 -17.84
C ILE F 34 17.30 37.00 -19.19
N ALA F 35 16.22 37.70 -19.53
CA ALA F 35 15.60 37.57 -20.83
C ALA F 35 15.29 38.94 -21.39
N TRP F 36 15.28 39.05 -22.72
CA TRP F 36 14.94 40.29 -23.41
C TRP F 36 13.62 40.08 -24.13
N PHE F 37 12.59 40.80 -23.71
CA PHE F 37 11.28 40.77 -24.34
C PHE F 37 11.05 42.08 -25.08
N ARG F 38 10.50 41.99 -26.28
CA ARG F 38 10.12 43.16 -27.04
C ARG F 38 8.63 43.10 -27.32
N GLN F 39 8.00 44.27 -27.31
CA GLN F 39 6.55 44.40 -27.49
C GLN F 39 6.31 45.37 -28.63
N ALA F 40 6.06 44.84 -29.83
CA ALA F 40 5.73 45.69 -30.97
C ALA F 40 4.41 46.42 -30.70
N PRO F 41 4.19 47.55 -31.38
CA PRO F 41 2.91 48.26 -31.20
C PRO F 41 1.69 47.39 -31.48
N GLY F 42 0.97 47.01 -30.43
CA GLY F 42 -0.20 46.16 -30.56
C GLY F 42 0.04 44.68 -30.38
N LYS F 43 1.26 44.20 -30.58
CA LYS F 43 1.58 42.79 -30.40
C LYS F 43 1.81 42.46 -28.93
N GLU F 44 1.89 41.17 -28.64
CA GLU F 44 2.21 40.72 -27.29
C GLU F 44 3.73 40.76 -27.09
N ARG F 45 4.14 40.71 -25.81
CA ARG F 45 5.56 40.65 -25.49
C ARG F 45 6.12 39.31 -25.94
N GLU F 46 7.23 39.36 -26.67
CA GLU F 46 7.87 38.16 -27.21
C GLU F 46 9.33 38.17 -26.84
N GLY F 47 9.82 37.03 -26.33
CA GLY F 47 11.22 36.94 -25.97
C GLY F 47 12.08 36.73 -27.21
N VAL F 48 13.24 37.38 -27.22
CA VAL F 48 14.16 37.27 -28.33
C VAL F 48 15.53 36.73 -27.92
N SER F 49 15.94 36.87 -26.67
CA SER F 49 17.24 36.40 -26.24
C SER F 49 17.21 36.13 -24.74
N TRP F 50 17.94 35.09 -24.33
CA TRP F 50 18.00 34.67 -22.94
C TRP F 50 19.46 34.49 -22.53
N LEU F 51 19.70 34.69 -21.24
CA LEU F 51 21.02 34.42 -20.66
C LEU F 51 20.81 33.90 -19.25
N SER F 52 21.15 32.64 -19.04
CA SER F 52 21.23 32.10 -17.68
C SER F 52 22.58 32.47 -17.11
N VAL F 53 22.59 33.24 -16.03
CA VAL F 53 23.83 33.86 -15.58
C VAL F 53 24.76 32.84 -14.94
N SER F 54 24.20 31.94 -14.12
CA SER F 54 25.05 31.04 -13.33
C SER F 54 25.94 30.18 -14.22
N ASP F 55 25.45 29.77 -15.39
CA ASP F 55 26.21 28.94 -16.30
C ASP F 55 26.60 29.68 -17.57
N ASN F 56 26.22 30.96 -17.71
CA ASN F 56 26.64 31.81 -18.82
C ASN F 56 26.26 31.17 -20.16
N THR F 57 24.98 30.85 -20.30
CA THR F 57 24.51 30.15 -21.50
C THR F 57 23.49 31.02 -22.23
N PRO F 58 23.80 31.52 -23.42
CA PRO F 58 22.84 32.32 -24.17
C PRO F 58 21.90 31.47 -25.03
N THR F 59 20.81 32.10 -25.43
CA THR F 59 19.81 31.49 -26.30
C THR F 59 19.17 32.60 -27.13
N TYR F 60 18.88 32.29 -28.39
CA TYR F 60 18.29 33.25 -29.31
C TYR F 60 17.11 32.64 -30.03
N VAL F 61 16.20 33.51 -30.46
CA VAL F 61 15.16 33.11 -31.42
C VAL F 61 15.73 33.14 -32.83
N ASP F 62 15.11 32.38 -33.73
CA ASP F 62 15.64 32.25 -35.08
C ASP F 62 15.68 33.60 -35.81
N SER F 63 14.71 34.47 -35.56
CA SER F 63 14.61 35.69 -36.37
C SER F 63 15.72 36.69 -36.08
N VAL F 64 16.43 36.56 -34.96
CA VAL F 64 17.52 37.46 -34.63
C VAL F 64 18.83 36.70 -34.39
N LYS F 65 18.90 35.44 -34.84
CA LYS F 65 19.95 34.53 -34.39
C LYS F 65 21.34 35.10 -34.63
N ASP F 66 21.65 35.47 -35.87
CA ASP F 66 22.99 35.94 -36.21
C ASP F 66 23.12 37.45 -36.14
N ARG F 67 22.04 38.17 -35.83
CA ARG F 67 22.07 39.63 -35.75
C ARG F 67 22.19 40.16 -34.33
N PHE F 68 21.66 39.44 -33.34
CA PHE F 68 21.74 39.84 -31.95
C PHE F 68 22.78 39.00 -31.21
N THR F 69 23.40 39.62 -30.21
CA THR F 69 24.32 38.92 -29.33
C THR F 69 24.14 39.44 -27.91
N ILE F 70 23.89 38.53 -26.98
CA ILE F 70 23.69 38.87 -25.57
C ILE F 70 24.92 38.43 -24.80
N SER F 71 25.32 39.25 -23.83
CA SER F 71 26.48 38.95 -23.00
C SER F 71 26.35 39.74 -21.71
N ARG F 72 27.21 39.40 -20.75
CA ARG F 72 27.19 40.01 -19.44
C ARG F 72 28.61 40.40 -19.04
N HIS F 73 28.75 41.59 -18.45
CA HIS F 73 30.02 42.02 -17.88
C HIS F 73 29.96 41.85 -16.37
N ASN F 74 30.76 40.92 -15.84
CA ASN F 74 30.71 40.57 -14.42
C ASN F 74 31.04 41.74 -13.51
N ALA F 75 31.81 42.71 -13.99
CA ALA F 75 32.25 43.82 -13.13
C ALA F 75 31.06 44.67 -12.69
N ASN F 76 30.33 45.23 -13.65
CA ASN F 76 29.24 46.15 -13.36
C ASN F 76 27.89 45.45 -13.19
N ASN F 77 27.85 44.11 -13.25
CA ASN F 77 26.62 43.33 -13.08
C ASN F 77 25.54 43.76 -14.07
N THR F 78 25.94 43.93 -15.33
CA THR F 78 25.07 44.45 -16.37
C THR F 78 25.06 43.51 -17.58
N VAL F 79 23.88 43.26 -18.14
CA VAL F 79 23.70 42.38 -19.29
C VAL F 79 23.51 43.22 -20.55
N TYR F 80 24.29 42.93 -21.58
CA TYR F 80 24.27 43.70 -22.81
C TYR F 80 23.69 42.87 -23.95
N LEU F 81 22.86 43.51 -24.77
CA LEU F 81 22.31 42.92 -25.99
C LEU F 81 22.76 43.76 -27.17
N GLN F 82 23.69 43.23 -27.97
CA GLN F 82 24.22 43.94 -29.12
C GLN F 82 23.32 43.67 -30.33
N MET F 83 22.64 44.72 -30.79
CA MET F 83 21.70 44.61 -31.90
C MET F 83 22.34 45.20 -33.16
N ASN F 84 22.79 44.32 -34.06
CA ASN F 84 23.34 44.71 -35.34
C ASN F 84 22.38 44.33 -36.46
N MET F 85 22.57 44.96 -37.62
CA MET F 85 21.74 44.70 -38.80
C MET F 85 20.26 44.89 -38.48
N LEU F 86 19.95 45.96 -37.75
CA LEU F 86 18.57 46.21 -37.33
C LEU F 86 17.67 46.39 -38.54
N LYS F 87 16.44 45.90 -38.42
CA LYS F 87 15.44 45.92 -39.47
C LYS F 87 14.20 46.67 -38.99
N PRO F 88 13.37 47.16 -39.90
CA PRO F 88 12.12 47.82 -39.47
C PRO F 88 11.22 46.91 -38.65
N GLU F 89 11.36 45.59 -38.81
CA GLU F 89 10.60 44.64 -38.01
C GLU F 89 10.96 44.71 -36.54
N ASP F 90 12.21 45.05 -36.22
CA ASP F 90 12.69 45.07 -34.84
C ASP F 90 12.16 46.26 -34.03
N THR F 91 11.37 47.14 -34.63
CA THR F 91 10.84 48.30 -33.92
C THR F 91 9.89 47.85 -32.83
N ALA F 92 10.26 48.08 -31.57
CA ALA F 92 9.43 47.68 -30.44
C ALA F 92 9.98 48.32 -29.17
N ILE F 93 9.22 48.21 -28.09
CA ILE F 93 9.67 48.57 -26.75
C ILE F 93 10.34 47.34 -26.16
N TYR F 94 11.65 47.40 -25.97
CA TYR F 94 12.42 46.27 -25.46
C TYR F 94 12.48 46.32 -23.94
N TYR F 95 12.08 45.22 -23.30
CA TYR F 95 12.18 45.05 -21.85
C TYR F 95 13.23 43.99 -21.55
N CYS F 96 13.86 44.12 -20.38
CA CYS F 96 14.67 43.04 -19.82
C CYS F 96 14.00 42.55 -18.54
N ALA F 97 13.95 41.24 -18.39
CA ALA F 97 13.29 40.60 -17.26
C ALA F 97 14.27 39.69 -16.56
N ALA F 98 13.85 39.19 -15.39
CA ALA F 98 14.71 38.34 -14.57
C ALA F 98 13.83 37.38 -13.79
N GLY F 99 14.35 36.20 -13.56
CA GLY F 99 13.67 35.22 -12.72
C GLY F 99 14.68 34.43 -11.92
N ARG F 100 14.24 33.93 -10.77
CA ARG F 100 15.11 33.18 -9.87
C ARG F 100 15.17 31.71 -10.30
N PHE F 101 15.84 31.50 -11.43
CA PHE F 101 16.05 30.16 -11.96
C PHE F 101 17.18 30.23 -12.97
N ALA F 102 17.70 29.06 -13.32
CA ALA F 102 18.71 28.93 -14.37
C ALA F 102 18.01 28.37 -15.60
N GLY F 103 17.85 29.20 -16.62
CA GLY F 103 17.24 28.71 -17.83
C GLY F 103 16.56 29.83 -18.59
N ARG F 104 15.44 29.47 -19.23
CA ARG F 104 14.76 30.35 -20.16
C ARG F 104 13.29 29.97 -20.23
N ASP F 105 12.47 30.96 -20.59
CA ASP F 105 11.04 30.74 -20.78
C ASP F 105 10.54 31.76 -21.79
N THR F 106 9.61 31.36 -22.63
CA THR F 106 9.00 32.26 -23.59
C THR F 106 7.81 33.01 -23.00
N TRP F 107 7.35 32.61 -21.82
CA TRP F 107 6.17 33.19 -21.23
C TRP F 107 6.59 34.34 -20.32
N PRO F 108 6.12 35.58 -20.59
CA PRO F 108 6.46 36.69 -19.69
C PRO F 108 6.08 36.42 -18.25
N SER F 109 4.94 35.77 -18.02
CA SER F 109 4.45 35.53 -16.67
C SER F 109 5.38 34.66 -15.84
N SER F 110 6.40 34.06 -16.44
CA SER F 110 7.39 33.31 -15.70
C SER F 110 8.49 34.18 -15.12
N TYR F 111 8.49 35.47 -15.42
CA TYR F 111 9.49 36.41 -14.93
C TYR F 111 8.86 37.34 -13.91
N ASP F 112 9.41 37.32 -12.69
CA ASP F 112 8.88 38.13 -11.61
C ASP F 112 9.39 39.56 -11.62
N TYR F 113 10.55 39.79 -12.23
CA TYR F 113 11.22 41.08 -12.17
C TYR F 113 11.35 41.66 -13.57
N TRP F 114 10.92 42.90 -13.74
CA TRP F 114 10.93 43.59 -15.01
C TRP F 114 11.50 44.99 -14.81
N GLY F 115 11.82 45.63 -15.92
CA GLY F 115 12.22 47.01 -15.91
C GLY F 115 11.54 47.73 -17.06
N GLN F 116 10.94 48.88 -16.78
CA GLN F 116 10.27 49.66 -17.82
C GLN F 116 11.21 49.89 -19.00
N GLY F 117 10.80 49.39 -20.16
CA GLY F 117 11.72 49.17 -21.25
C GLY F 117 12.09 50.42 -22.03
N THR F 118 13.13 50.27 -22.85
CA THR F 118 13.60 51.32 -23.72
C THR F 118 13.00 51.17 -25.11
N GLN F 119 12.78 52.31 -25.76
CA GLN F 119 12.21 52.33 -27.10
C GLN F 119 13.29 52.10 -28.15
N VAL F 120 12.98 51.26 -29.13
CA VAL F 120 13.86 51.02 -30.27
C VAL F 120 13.03 51.25 -31.54
N THR F 121 13.48 52.19 -32.37
CA THR F 121 12.78 52.54 -33.61
C THR F 121 13.74 52.44 -34.78
N VAL F 122 13.35 51.69 -35.80
CA VAL F 122 14.18 51.46 -36.98
C VAL F 122 13.40 51.92 -38.20
N SER F 123 13.81 53.04 -38.79
CA SER F 123 13.20 53.55 -40.02
C SER F 123 14.21 54.48 -40.69
N SER F 124 13.81 55.01 -41.84
CA SER F 124 14.69 55.86 -42.63
C SER F 124 14.05 57.18 -43.07
N HIS G 3 30.06 -7.96 15.94
CA HIS G 3 30.58 -6.68 15.50
C HIS G 3 30.05 -6.29 14.12
N HIS G 4 29.37 -5.15 14.06
CA HIS G 4 28.83 -4.62 12.81
C HIS G 4 29.65 -3.41 12.37
N HIS G 5 29.93 -3.34 11.07
CA HIS G 5 30.61 -2.21 10.48
C HIS G 5 30.29 -2.21 8.99
N HIS G 6 30.20 -1.01 8.42
CA HIS G 6 29.80 -0.91 7.01
C HIS G 6 30.85 -1.51 6.08
N THR G 7 32.02 -1.88 6.59
CA THR G 7 33.05 -2.52 5.78
C THR G 7 32.96 -4.04 5.76
N ASN G 8 32.13 -4.63 6.62
CA ASN G 8 32.04 -6.08 6.70
C ASN G 8 31.59 -6.68 5.36
N LEU G 9 31.84 -7.97 5.21
CA LEU G 9 31.43 -8.66 4.00
C LEU G 9 29.92 -8.85 3.99
N CYS G 10 29.33 -8.65 2.82
CA CYS G 10 27.88 -8.72 2.69
C CYS G 10 27.37 -10.07 3.17
N PRO G 11 26.24 -10.10 3.88
CA PRO G 11 25.76 -11.38 4.44
C PRO G 11 25.23 -12.32 3.38
N PHE G 12 25.97 -12.49 2.29
CA PHE G 12 25.49 -13.34 1.20
C PHE G 12 25.21 -14.76 1.67
N GLY G 13 25.81 -15.18 2.78
CA GLY G 13 25.52 -16.50 3.32
C GLY G 13 24.07 -16.67 3.73
N GLU G 14 23.47 -15.62 4.29
CA GLU G 14 22.08 -15.69 4.70
C GLU G 14 21.15 -15.95 3.51
N VAL G 15 21.55 -15.52 2.32
CA VAL G 15 20.72 -15.69 1.14
C VAL G 15 20.97 -17.05 0.50
N PHE G 16 22.21 -17.28 0.08
CA PHE G 16 22.51 -18.48 -0.71
C PHE G 16 22.37 -19.75 0.13
N ASN G 17 22.78 -19.70 1.39
CA ASN G 17 22.82 -20.88 2.24
C ASN G 17 21.63 -20.98 3.17
N ALA G 18 20.55 -20.28 2.88
CA ALA G 18 19.37 -20.32 3.74
C ALA G 18 18.85 -21.75 3.86
N THR G 19 18.52 -22.16 5.09
CA THR G 19 18.05 -23.52 5.31
C THR G 19 16.73 -23.78 4.58
N ARG G 20 15.89 -22.76 4.41
CA ARG G 20 14.67 -22.88 3.63
C ARG G 20 14.56 -21.70 2.67
N PHE G 21 14.18 -21.99 1.44
CA PHE G 21 13.88 -20.98 0.44
C PHE G 21 12.37 -20.77 0.36
N ALA G 22 11.99 -19.65 -0.28
CA ALA G 22 10.58 -19.32 -0.44
C ALA G 22 10.01 -20.03 -1.66
N SER G 23 8.69 -20.22 -1.65
CA SER G 23 7.99 -20.62 -2.86
C SER G 23 8.13 -19.53 -3.91
N VAL G 24 8.16 -19.94 -5.18
CA VAL G 24 8.39 -18.97 -6.25
C VAL G 24 7.24 -17.98 -6.33
N TYR G 25 6.01 -18.42 -6.01
CA TYR G 25 4.88 -17.49 -6.04
C TYR G 25 5.02 -16.42 -4.98
N ALA G 26 5.71 -16.72 -3.87
CA ALA G 26 5.96 -15.75 -2.81
C ALA G 26 7.46 -15.53 -2.66
N TRP G 27 8.10 -15.08 -3.74
CA TRP G 27 9.55 -15.04 -3.78
C TRP G 27 10.11 -14.02 -2.79
N ASN G 28 11.24 -14.37 -2.19
CA ASN G 28 11.87 -13.54 -1.19
C ASN G 28 12.68 -12.44 -1.85
N ARG G 29 12.64 -11.24 -1.25
CA ARG G 29 13.49 -10.13 -1.67
C ARG G 29 14.23 -9.60 -0.46
N LYS G 30 15.56 -9.56 -0.57
CA LYS G 30 16.43 -9.05 0.48
C LYS G 30 17.22 -7.88 -0.08
N ARG G 31 17.10 -6.72 0.57
CA ARG G 31 17.94 -5.59 0.24
C ARG G 31 19.31 -5.76 0.87
N ILE G 32 20.35 -5.39 0.13
CA ILE G 32 21.73 -5.55 0.55
C ILE G 32 22.34 -4.17 0.71
N SER G 33 22.78 -3.84 1.92
CA SER G 33 23.22 -2.48 2.22
C SER G 33 24.29 -2.50 3.31
N ASN G 34 25.18 -1.52 3.23
CA ASN G 34 26.24 -1.30 4.21
C ASN G 34 27.13 -2.54 4.35
N CYS G 35 27.74 -2.93 3.24
CA CYS G 35 28.66 -4.06 3.24
C CYS G 35 29.39 -4.12 1.91
N VAL G 36 30.46 -4.91 1.89
CA VAL G 36 31.33 -5.07 0.74
C VAL G 36 31.10 -6.46 0.14
N ALA G 37 31.10 -6.54 -1.18
CA ALA G 37 30.86 -7.79 -1.87
C ALA G 37 31.96 -8.04 -2.89
N ASP G 38 32.29 -9.32 -3.08
CA ASP G 38 33.19 -9.76 -4.14
C ASP G 38 32.35 -10.65 -5.06
N TYR G 39 31.78 -10.03 -6.09
CA TYR G 39 30.95 -10.78 -7.02
C TYR G 39 31.79 -11.69 -7.91
N SER G 40 33.03 -11.28 -8.19
CA SER G 40 33.93 -12.13 -8.97
C SER G 40 34.18 -13.46 -8.25
N VAL G 41 34.08 -13.46 -6.92
CA VAL G 41 34.17 -14.72 -6.18
C VAL G 41 32.94 -15.57 -6.39
N LEU G 42 31.76 -14.95 -6.48
CA LEU G 42 30.54 -15.71 -6.75
C LEU G 42 30.53 -16.25 -8.17
N TYR G 43 31.03 -15.46 -9.14
CA TYR G 43 30.98 -15.90 -10.52
C TYR G 43 31.84 -17.14 -10.74
N ASN G 44 33.01 -17.19 -10.12
CA ASN G 44 33.94 -18.28 -10.32
C ASN G 44 33.69 -19.46 -9.39
N SER G 45 32.64 -19.41 -8.56
CA SER G 45 32.31 -20.53 -7.68
C SER G 45 31.68 -21.65 -8.48
N ALA G 46 32.28 -22.84 -8.41
CA ALA G 46 31.74 -24.01 -9.11
C ALA G 46 30.40 -24.48 -8.55
N SER G 47 29.95 -23.93 -7.43
CA SER G 47 28.70 -24.36 -6.82
C SER G 47 27.48 -24.00 -7.67
N PHE G 48 27.59 -22.98 -8.51
CA PHE G 48 26.45 -22.47 -9.28
C PHE G 48 26.50 -23.01 -10.70
N SER G 49 25.51 -23.82 -11.06
CA SER G 49 25.43 -24.36 -12.42
C SER G 49 24.90 -23.32 -13.41
N THR G 50 24.08 -22.38 -12.96
CA THR G 50 23.57 -21.30 -13.79
C THR G 50 24.06 -19.98 -13.22
N PHE G 51 24.78 -19.21 -14.04
CA PHE G 51 25.21 -17.86 -13.67
C PHE G 51 25.18 -17.03 -14.95
N LYS G 52 24.13 -16.23 -15.12
CA LYS G 52 23.93 -15.43 -16.32
C LYS G 52 23.62 -14.00 -15.90
N CYS G 53 24.45 -13.06 -16.32
CA CYS G 53 24.22 -11.65 -16.03
C CYS G 53 23.72 -10.93 -17.28
N TYR G 54 23.00 -9.84 -17.06
CA TYR G 54 22.32 -9.11 -18.11
C TYR G 54 22.57 -7.61 -17.92
N GLY G 55 22.89 -6.94 -19.03
CA GLY G 55 23.17 -5.52 -19.00
C GLY G 55 24.44 -5.11 -18.32
N VAL G 56 25.23 -6.07 -17.83
CA VAL G 56 26.47 -5.78 -17.11
C VAL G 56 27.28 -7.07 -17.06
N SER G 57 28.63 -6.92 -17.05
CA SER G 57 29.39 -8.17 -17.00
C SER G 57 29.71 -8.54 -15.56
N PRO G 58 29.75 -9.84 -15.25
CA PRO G 58 29.97 -10.26 -13.86
C PRO G 58 31.32 -9.84 -13.30
N THR G 59 32.35 -9.80 -14.15
CA THR G 59 33.68 -9.47 -13.67
C THR G 59 33.75 -8.04 -13.17
N LYS G 60 33.08 -7.12 -13.85
CA LYS G 60 33.18 -5.70 -13.58
C LYS G 60 32.14 -5.22 -12.56
N LEU G 61 31.40 -6.13 -11.94
CA LEU G 61 30.47 -5.73 -10.89
C LEU G 61 31.19 -5.06 -9.73
N ASN G 62 32.39 -5.54 -9.39
CA ASN G 62 33.16 -4.96 -8.30
C ASN G 62 33.73 -3.59 -8.65
N ASP G 63 33.69 -3.19 -9.91
CA ASP G 63 34.22 -1.89 -10.33
C ASP G 63 33.16 -0.80 -10.37
N LEU G 64 31.90 -1.13 -10.09
CA LEU G 64 30.78 -0.23 -10.31
C LEU G 64 30.22 0.27 -8.98
N CYS G 65 29.36 1.28 -9.09
CA CYS G 65 28.69 1.89 -7.94
C CYS G 65 27.19 1.70 -8.07
N PHE G 66 26.54 1.25 -7.00
CA PHE G 66 25.11 1.03 -7.03
C PHE G 66 24.40 1.78 -5.90
N THR G 67 23.16 2.18 -6.21
CA THR G 67 22.26 2.82 -5.27
C THR G 67 21.50 1.80 -4.44
N ASN G 68 21.13 0.69 -5.07
CA ASN G 68 20.42 -0.39 -4.41
C ASN G 68 20.74 -1.69 -5.15
N VAL G 69 20.95 -2.75 -4.39
CA VAL G 69 21.10 -4.10 -4.94
C VAL G 69 20.12 -5.01 -4.21
N TYR G 70 19.31 -5.73 -4.96
CA TYR G 70 18.36 -6.67 -4.40
C TYR G 70 18.83 -8.09 -4.66
N ALA G 71 18.48 -8.99 -3.74
CA ALA G 71 18.70 -10.42 -3.90
C ALA G 71 17.33 -11.09 -3.76
N ASP G 72 16.78 -11.54 -4.89
CA ASP G 72 15.56 -12.31 -4.91
C ASP G 72 15.89 -13.80 -4.91
N SER G 73 15.05 -14.58 -4.25
CA SER G 73 15.36 -16.00 -4.09
C SER G 73 14.08 -16.81 -3.97
N PHE G 74 14.10 -18.00 -4.57
CA PHE G 74 12.96 -18.91 -4.62
C PHE G 74 13.47 -20.25 -5.13
N VAL G 75 12.56 -21.22 -5.20
CA VAL G 75 12.86 -22.54 -5.77
C VAL G 75 11.86 -22.82 -6.88
N ILE G 76 12.38 -23.24 -8.03
CA ILE G 76 11.60 -23.79 -9.11
C ILE G 76 12.23 -25.11 -9.51
N ARG G 77 11.57 -25.84 -10.40
CA ARG G 77 12.15 -27.08 -10.86
C ARG G 77 13.10 -26.81 -12.01
N GLY G 78 14.00 -27.78 -12.24
CA GLY G 78 15.13 -27.53 -13.14
C GLY G 78 14.72 -27.08 -14.53
N ASP G 79 13.65 -27.65 -15.07
CA ASP G 79 13.23 -27.30 -16.42
C ASP G 79 12.86 -25.82 -16.53
N GLU G 80 12.45 -25.21 -15.43
CA GLU G 80 11.95 -23.84 -15.43
C GLU G 80 13.04 -22.80 -15.25
N VAL G 81 14.31 -23.21 -15.07
CA VAL G 81 15.38 -22.25 -14.83
C VAL G 81 15.56 -21.32 -16.02
N ARG G 82 15.33 -21.81 -17.24
CA ARG G 82 15.42 -20.95 -18.41
C ARG G 82 14.35 -19.88 -18.45
N GLN G 83 13.35 -19.95 -17.58
CA GLN G 83 12.33 -18.90 -17.52
C GLN G 83 12.76 -17.71 -16.67
N ILE G 84 13.81 -17.87 -15.86
CA ILE G 84 14.32 -16.74 -15.05
C ILE G 84 15.32 -16.02 -15.94
N ALA G 85 14.79 -15.25 -16.89
CA ALA G 85 15.60 -14.51 -17.85
C ALA G 85 14.70 -13.48 -18.52
N PRO G 86 15.27 -12.40 -19.04
CA PRO G 86 14.44 -11.39 -19.72
C PRO G 86 13.78 -11.94 -20.97
N GLY G 87 12.49 -11.61 -21.12
CA GLY G 87 11.78 -11.94 -22.35
C GLY G 87 11.39 -13.38 -22.52
N GLN G 88 11.05 -14.08 -21.44
CA GLN G 88 10.63 -15.47 -21.48
C GLN G 88 9.15 -15.58 -21.12
N THR G 89 8.57 -16.74 -21.42
CA THR G 89 7.19 -17.02 -21.03
C THR G 89 7.11 -18.45 -20.49
N GLY G 90 6.00 -18.71 -19.81
CA GLY G 90 5.77 -19.95 -19.09
C GLY G 90 5.10 -19.65 -17.77
N LYS G 91 4.64 -20.68 -17.06
CA LYS G 91 3.91 -20.46 -15.81
C LYS G 91 4.75 -19.67 -14.80
N ILE G 92 6.07 -19.86 -14.82
CA ILE G 92 6.92 -19.14 -13.88
C ILE G 92 7.09 -17.68 -14.30
N ALA G 93 7.48 -17.46 -15.56
CA ALA G 93 7.70 -16.10 -16.03
C ALA G 93 6.41 -15.28 -16.05
N ASP G 94 5.27 -15.93 -16.31
CA ASP G 94 4.03 -15.20 -16.48
C ASP G 94 3.28 -15.00 -15.17
N TYR G 95 3.30 -15.97 -14.26
CA TYR G 95 2.45 -15.94 -13.08
C TYR G 95 3.20 -15.94 -11.75
N ASN G 96 4.54 -15.98 -11.75
CA ASN G 96 5.26 -16.09 -10.48
C ASN G 96 6.40 -15.09 -10.34
N TYR G 97 7.36 -15.09 -11.26
CA TYR G 97 8.49 -14.18 -11.18
C TYR G 97 8.87 -13.72 -12.59
N LYS G 98 8.72 -12.43 -12.86
CA LYS G 98 8.94 -11.88 -14.20
C LYS G 98 10.11 -10.92 -14.18
N LEU G 99 11.12 -11.18 -15.03
CA LEU G 99 12.16 -10.18 -15.15
C LEU G 99 11.84 -9.21 -16.27
N PRO G 100 12.20 -7.94 -16.11
CA PRO G 100 11.91 -6.95 -17.15
C PRO G 100 12.82 -7.15 -18.35
N ASP G 101 12.36 -6.64 -19.50
CA ASP G 101 13.18 -6.68 -20.70
C ASP G 101 14.51 -5.97 -20.50
N ASP G 102 14.53 -4.88 -19.73
CA ASP G 102 15.74 -4.12 -19.45
C ASP G 102 16.38 -4.52 -18.12
N PHE G 103 16.26 -5.79 -17.75
CA PHE G 103 16.87 -6.29 -16.52
C PHE G 103 18.37 -6.02 -16.49
N THR G 104 18.84 -5.44 -15.38
CA THR G 104 20.26 -5.20 -15.13
C THR G 104 20.64 -6.05 -13.92
N GLY G 105 21.35 -7.14 -14.15
CA GLY G 105 21.75 -7.97 -13.04
C GLY G 105 22.04 -9.40 -13.50
N CYS G 106 21.98 -10.31 -12.52
CA CYS G 106 22.49 -11.65 -12.69
C CYS G 106 21.50 -12.68 -12.17
N VAL G 107 21.40 -13.80 -12.87
CA VAL G 107 20.57 -14.94 -12.50
C VAL G 107 21.50 -16.08 -12.06
N ILE G 108 21.28 -16.57 -10.85
CA ILE G 108 22.11 -17.62 -10.25
C ILE G 108 21.20 -18.77 -9.86
N ALA G 109 21.64 -19.99 -10.15
CA ALA G 109 20.84 -21.18 -9.84
C ALA G 109 21.74 -22.39 -9.61
N TRP G 110 21.33 -23.25 -8.69
CA TRP G 110 22.06 -24.48 -8.44
C TRP G 110 21.08 -25.57 -8.03
N ASN G 111 21.41 -26.80 -8.41
CA ASN G 111 20.59 -27.96 -8.06
C ASN G 111 20.54 -28.12 -6.55
N SER G 112 19.33 -28.21 -6.02
CA SER G 112 19.12 -28.32 -4.58
C SER G 112 18.37 -29.61 -4.22
N ASN G 113 18.61 -30.69 -4.99
CA ASN G 113 17.93 -31.95 -4.72
C ASN G 113 18.34 -32.58 -3.41
N ASN G 114 19.55 -32.28 -2.92
CA ASN G 114 19.98 -32.81 -1.63
C ASN G 114 19.37 -32.06 -0.46
N LEU G 115 18.87 -30.84 -0.68
CA LEU G 115 18.31 -30.03 0.38
C LEU G 115 16.78 -30.01 0.40
N ASP G 116 16.15 -29.93 -0.78
CA ASP G 116 14.72 -29.61 -0.86
C ASP G 116 13.85 -30.78 -1.28
N SER G 117 14.43 -31.94 -1.61
CA SER G 117 13.65 -33.11 -1.94
C SER G 117 13.49 -34.01 -0.72
N LYS G 118 12.61 -34.99 -0.84
CA LYS G 118 12.09 -35.70 0.32
C LYS G 118 11.41 -36.98 -0.15
N VAL G 119 11.71 -38.10 0.53
CA VAL G 119 11.12 -39.38 0.13
C VAL G 119 9.61 -39.30 0.24
N GLY G 120 8.91 -39.60 -0.86
CA GLY G 120 7.48 -39.42 -0.95
C GLY G 120 7.06 -38.06 -1.46
N GLY G 121 7.97 -37.11 -1.51
CA GLY G 121 7.69 -35.79 -2.05
C GLY G 121 7.78 -34.71 -0.98
N ASN G 122 8.35 -33.57 -1.34
CA ASN G 122 8.36 -32.37 -0.52
C ASN G 122 7.42 -31.37 -1.18
N TYR G 123 6.28 -31.12 -0.53
CA TYR G 123 5.24 -30.27 -1.10
C TYR G 123 5.23 -28.88 -0.48
N ASN G 124 6.33 -28.49 0.16
CA ASN G 124 6.42 -27.15 0.75
C ASN G 124 6.43 -26.08 -0.34
N TYR G 125 7.22 -26.29 -1.39
CA TYR G 125 7.36 -25.29 -2.44
C TYR G 125 6.18 -25.32 -3.39
N ARG G 126 5.64 -24.15 -3.69
CA ARG G 126 4.45 -24.03 -4.50
C ARG G 126 4.68 -23.00 -5.60
N TYR G 127 3.82 -23.03 -6.62
CA TYR G 127 3.84 -22.07 -7.71
C TYR G 127 2.40 -21.75 -8.10
N ARG G 128 2.23 -20.58 -8.69
CA ARG G 128 0.92 -20.15 -9.17
C ARG G 128 0.66 -20.75 -10.55
N LEU G 129 -0.46 -21.45 -10.68
CA LEU G 129 -0.82 -22.10 -11.93
C LEU G 129 -1.79 -21.29 -12.78
N PHE G 130 -2.63 -20.46 -12.15
CA PHE G 130 -3.66 -19.71 -12.85
C PHE G 130 -3.58 -18.24 -12.47
N ARG G 131 -3.86 -17.38 -13.45
CA ARG G 131 -3.93 -15.95 -13.20
C ARG G 131 -4.67 -15.30 -14.35
N LYS G 132 -5.32 -14.17 -14.05
CA LYS G 132 -6.10 -13.48 -15.07
C LYS G 132 -5.22 -12.68 -16.03
N SER G 133 -4.04 -12.27 -15.59
CA SER G 133 -3.11 -11.53 -16.44
C SER G 133 -1.69 -11.82 -16.00
N ASN G 134 -0.75 -11.62 -16.92
CA ASN G 134 0.65 -11.82 -16.60
C ASN G 134 1.12 -10.79 -15.58
N LEU G 135 2.12 -11.18 -14.80
CA LEU G 135 2.73 -10.25 -13.85
C LEU G 135 3.54 -9.20 -14.59
N LYS G 136 3.43 -7.96 -14.13
CA LYS G 136 4.41 -6.96 -14.51
C LYS G 136 5.76 -7.37 -13.92
N PRO G 137 6.86 -6.90 -14.52
CA PRO G 137 8.18 -7.29 -14.01
C PRO G 137 8.34 -6.95 -12.53
N PHE G 138 8.92 -7.88 -11.79
CA PHE G 138 9.21 -7.77 -10.36
C PHE G 138 7.96 -7.70 -9.50
N GLU G 139 6.79 -8.03 -10.06
CA GLU G 139 5.56 -8.07 -9.28
C GLU G 139 5.45 -9.40 -8.55
N ARG G 140 4.85 -9.35 -7.35
CA ARG G 140 4.63 -10.52 -6.51
C ARG G 140 3.14 -10.63 -6.21
N ASP G 141 2.53 -11.76 -6.58
CA ASP G 141 1.13 -12.04 -6.28
C ASP G 141 1.07 -13.23 -5.32
N ILE G 142 0.60 -13.00 -4.10
CA ILE G 142 0.50 -14.03 -3.09
C ILE G 142 -0.95 -14.31 -2.70
N SER G 143 -1.90 -13.90 -3.53
CA SER G 143 -3.31 -14.17 -3.25
C SER G 143 -3.62 -15.65 -3.44
N THR G 144 -4.55 -16.16 -2.64
CA THR G 144 -5.06 -17.52 -2.80
C THR G 144 -6.56 -17.50 -3.03
N GLU G 145 -7.04 -16.54 -3.81
CA GLU G 145 -8.47 -16.46 -4.13
C GLU G 145 -8.80 -17.47 -5.21
N ILE G 146 -9.97 -18.11 -5.08
CA ILE G 146 -10.39 -19.13 -6.02
C ILE G 146 -10.43 -18.55 -7.43
N TYR G 147 -9.75 -19.20 -8.36
CA TYR G 147 -9.56 -18.68 -9.70
C TYR G 147 -10.72 -19.10 -10.61
N GLN G 148 -11.26 -18.12 -11.35
CA GLN G 148 -12.42 -18.35 -12.19
C GLN G 148 -11.99 -18.59 -13.63
N ALA G 149 -12.40 -19.72 -14.18
CA ALA G 149 -12.11 -20.05 -15.58
C ALA G 149 -13.34 -19.76 -16.45
N GLY G 150 -14.42 -20.49 -16.21
CA GLY G 150 -15.63 -20.30 -16.97
C GLY G 150 -16.32 -18.98 -16.67
N SER G 151 -17.46 -18.78 -17.33
CA SER G 151 -18.22 -17.55 -17.14
C SER G 151 -18.96 -17.52 -15.80
N LYS G 152 -19.19 -18.66 -15.20
CA LYS G 152 -19.92 -18.69 -13.93
C LYS G 152 -19.04 -18.14 -12.82
N PRO G 153 -19.62 -17.38 -11.89
CA PRO G 153 -18.81 -16.82 -10.79
C PRO G 153 -18.36 -17.91 -9.85
N CYS G 154 -17.14 -17.75 -9.32
CA CYS G 154 -16.60 -18.78 -8.46
C CYS G 154 -17.19 -18.73 -7.06
N ASN G 155 -17.53 -17.55 -6.56
CA ASN G 155 -18.12 -17.42 -5.22
C ASN G 155 -17.24 -18.08 -4.17
N GLY G 156 -15.93 -17.86 -4.29
CA GLY G 156 -14.95 -18.34 -3.35
C GLY G 156 -15.02 -19.82 -3.01
N VAL G 157 -15.50 -20.64 -3.93
CA VAL G 157 -15.59 -22.08 -3.72
C VAL G 157 -14.94 -22.80 -4.90
N GLU G 158 -14.04 -23.73 -4.62
CA GLU G 158 -13.48 -24.56 -5.67
C GLU G 158 -14.57 -25.43 -6.30
N GLY G 159 -14.20 -26.08 -7.38
CA GLY G 159 -15.15 -26.91 -8.09
C GLY G 159 -15.06 -26.70 -9.58
N PHE G 160 -16.20 -26.64 -10.25
CA PHE G 160 -16.20 -26.59 -11.70
C PHE G 160 -15.75 -25.22 -12.20
N ASN G 161 -14.80 -25.23 -13.14
CA ASN G 161 -14.15 -24.04 -13.67
C ASN G 161 -13.79 -23.04 -12.56
N CYS G 162 -13.41 -23.56 -11.39
CA CYS G 162 -13.10 -22.74 -10.22
C CYS G 162 -12.04 -23.49 -9.42
N TYR G 163 -10.79 -23.07 -9.54
CA TYR G 163 -9.66 -23.82 -9.01
C TYR G 163 -8.84 -22.99 -8.03
N PHE G 164 -8.32 -23.67 -7.01
CA PHE G 164 -7.27 -23.09 -6.19
C PHE G 164 -6.12 -22.65 -7.10
N PRO G 165 -5.54 -21.46 -6.88
CA PRO G 165 -4.54 -20.93 -7.81
C PRO G 165 -3.12 -21.48 -7.64
N LEU G 166 -2.82 -22.19 -6.57
CA LEU G 166 -1.47 -22.69 -6.32
C LEU G 166 -1.43 -24.21 -6.47
N GLN G 167 -0.30 -24.70 -6.98
CA GLN G 167 -0.01 -26.13 -7.08
C GLN G 167 1.34 -26.39 -6.44
N SER G 168 1.46 -27.55 -5.78
CA SER G 168 2.69 -27.91 -5.08
C SER G 168 3.59 -28.73 -6.00
N TYR G 169 4.88 -28.37 -6.03
CA TYR G 169 5.88 -29.30 -6.51
C TYR G 169 5.92 -30.51 -5.59
N GLY G 170 6.16 -31.68 -6.17
CA GLY G 170 6.35 -32.88 -5.37
C GLY G 170 7.78 -33.37 -5.46
N PHE G 171 8.70 -32.64 -4.81
CA PHE G 171 10.13 -32.84 -5.01
C PHE G 171 10.57 -34.15 -4.37
N GLN G 172 10.75 -35.17 -5.20
CA GLN G 172 11.28 -36.46 -4.81
C GLN G 172 12.73 -36.59 -5.26
N PRO G 173 13.56 -37.34 -4.52
CA PRO G 173 14.97 -37.45 -4.90
C PRO G 173 15.18 -38.19 -6.21
N THR G 174 14.27 -39.11 -6.55
CA THR G 174 14.38 -39.93 -7.74
C THR G 174 13.86 -39.24 -8.99
N ASN G 175 13.46 -37.98 -8.89
CA ASN G 175 13.05 -37.24 -10.07
C ASN G 175 14.20 -37.08 -11.04
N GLY G 176 13.86 -36.98 -12.33
CA GLY G 176 14.82 -36.52 -13.30
C GLY G 176 15.25 -35.09 -13.02
N VAL G 177 16.37 -34.70 -13.62
CA VAL G 177 16.98 -33.41 -13.31
C VAL G 177 16.05 -32.26 -13.71
N GLY G 178 15.24 -32.46 -14.76
CA GLY G 178 14.30 -31.43 -15.15
C GLY G 178 13.17 -31.23 -14.15
N TYR G 179 12.90 -32.23 -13.32
CA TYR G 179 11.87 -32.14 -12.29
C TYR G 179 12.45 -32.10 -10.90
N GLN G 180 13.77 -31.83 -10.76
CA GLN G 180 14.45 -31.68 -9.48
C GLN G 180 14.45 -30.20 -9.07
N PRO G 181 14.46 -29.94 -7.76
CA PRO G 181 14.42 -28.54 -7.31
C PRO G 181 15.72 -27.82 -7.62
N TYR G 182 15.60 -26.55 -7.97
CA TYR G 182 16.75 -25.69 -8.17
C TYR G 182 16.54 -24.41 -7.37
N ARG G 183 17.56 -24.03 -6.61
CA ARG G 183 17.54 -22.79 -5.86
C ARG G 183 18.06 -21.66 -6.73
N VAL G 184 17.32 -20.57 -6.79
CA VAL G 184 17.61 -19.47 -7.69
C VAL G 184 17.77 -18.20 -6.86
N VAL G 185 18.87 -17.48 -7.10
CA VAL G 185 19.09 -16.15 -6.53
C VAL G 185 19.27 -15.17 -7.67
N VAL G 186 18.48 -14.09 -7.67
CA VAL G 186 18.51 -13.08 -8.72
C VAL G 186 19.03 -11.79 -8.12
N LEU G 187 20.23 -11.39 -8.55
CA LEU G 187 20.83 -10.13 -8.12
C LEU G 187 20.52 -9.07 -9.17
N SER G 188 19.76 -8.05 -8.78
CA SER G 188 19.49 -6.90 -9.62
C SER G 188 20.16 -5.67 -9.04
N PHE G 189 20.51 -4.72 -9.92
CA PHE G 189 21.31 -3.57 -9.54
C PHE G 189 20.69 -2.29 -10.09
N GLU G 190 20.79 -1.24 -9.29
CA GLU G 190 20.40 0.11 -9.66
C GLU G 190 21.65 0.98 -9.60
N LEU G 191 22.17 1.36 -10.77
CA LEU G 191 23.48 1.98 -10.83
C LEU G 191 23.43 3.46 -10.49
N LEU G 192 24.61 3.99 -10.18
CA LEU G 192 24.77 5.41 -9.91
C LEU G 192 24.79 6.19 -11.22
N HIS G 193 23.93 7.20 -11.33
CA HIS G 193 24.09 8.20 -12.38
C HIS G 193 25.27 9.07 -12.02
N ALA G 194 26.35 8.98 -12.79
CA ALA G 194 27.57 9.69 -12.39
C ALA G 194 28.48 9.87 -13.59
N PRO G 195 29.21 10.98 -13.69
CA PRO G 195 30.26 11.09 -14.70
C PRO G 195 31.20 9.91 -14.64
N ALA G 196 31.63 9.44 -15.82
CA ALA G 196 32.47 8.24 -15.89
C ALA G 196 33.73 8.37 -15.06
N THR G 197 34.28 9.59 -14.99
CA THR G 197 35.52 9.86 -14.25
C THR G 197 35.35 9.67 -12.75
N VAL G 198 34.15 9.32 -12.31
CA VAL G 198 33.88 9.05 -10.89
C VAL G 198 33.88 7.56 -10.60
N CYS G 199 33.13 6.77 -11.38
CA CYS G 199 32.89 5.37 -11.05
C CYS G 199 32.22 4.63 -12.20
N GLN H 1 20.93 -14.23 -39.36
CA GLN H 1 21.78 -13.22 -38.77
C GLN H 1 22.87 -13.84 -37.91
N VAL H 2 22.52 -14.26 -36.69
CA VAL H 2 23.49 -14.92 -35.82
C VAL H 2 23.74 -16.34 -36.32
N GLN H 3 25.01 -16.70 -36.48
CA GLN H 3 25.38 -17.97 -37.08
C GLN H 3 26.67 -18.47 -36.44
N LEU H 4 26.68 -19.74 -36.06
CA LEU H 4 27.84 -20.38 -35.45
C LEU H 4 28.40 -21.42 -36.42
N VAL H 5 29.66 -21.23 -36.81
CA VAL H 5 30.34 -22.10 -37.76
C VAL H 5 31.33 -22.96 -36.98
N GLU H 6 31.32 -24.27 -37.27
CA GLU H 6 31.96 -25.27 -36.42
C GLU H 6 32.87 -26.17 -37.24
N SER H 7 34.01 -26.54 -36.64
CA SER H 7 34.96 -27.43 -37.29
C SER H 7 35.97 -27.91 -36.25
N GLY H 8 36.63 -29.02 -36.56
CA GLY H 8 37.72 -29.48 -35.73
C GLY H 8 37.67 -30.93 -35.29
N GLY H 9 36.55 -31.61 -35.52
CA GLY H 9 36.39 -32.97 -35.07
C GLY H 9 37.16 -33.97 -35.93
N GLY H 10 37.08 -35.24 -35.52
CA GLY H 10 37.74 -36.29 -36.27
C GLY H 10 37.98 -37.51 -35.40
N LEU H 11 38.98 -38.28 -35.80
CA LEU H 11 39.40 -39.50 -35.10
C LEU H 11 40.78 -39.30 -34.49
N VAL H 12 40.96 -39.79 -33.26
CA VAL H 12 42.25 -39.74 -32.59
C VAL H 12 42.36 -40.92 -31.64
N GLN H 13 43.66 -41.27 -31.22
CA GLN H 13 43.94 -42.35 -30.28
C GLN H 13 43.87 -41.86 -28.84
N PRO H 14 43.56 -42.75 -27.89
CA PRO H 14 43.52 -42.34 -26.47
C PRO H 14 44.85 -41.76 -26.02
N GLY H 15 44.80 -40.48 -25.63
CA GLY H 15 45.99 -39.73 -25.25
C GLY H 15 46.33 -38.59 -26.17
N GLY H 16 45.85 -38.62 -27.41
CA GLY H 16 46.14 -37.57 -28.37
C GLY H 16 45.40 -36.28 -28.04
N SER H 17 45.55 -35.31 -28.94
CA SER H 17 44.93 -34.00 -28.78
C SER H 17 43.99 -33.74 -29.96
N LEU H 18 43.25 -32.63 -29.84
CA LEU H 18 42.29 -32.22 -30.85
C LEU H 18 41.84 -30.80 -30.52
N ARG H 19 41.67 -29.99 -31.56
CA ARG H 19 41.36 -28.58 -31.42
C ARG H 19 40.03 -28.30 -32.13
N LEU H 20 39.01 -27.93 -31.36
CA LEU H 20 37.71 -27.56 -31.93
C LEU H 20 37.64 -26.04 -32.06
N SER H 21 36.83 -25.58 -33.01
CA SER H 21 36.69 -24.15 -33.26
C SER H 21 35.23 -23.81 -33.45
N CYS H 22 34.83 -22.67 -32.90
CA CYS H 22 33.46 -22.16 -32.99
C CYS H 22 33.55 -20.73 -33.48
N ALA H 23 32.98 -20.46 -34.65
CA ALA H 23 33.08 -19.14 -35.29
C ALA H 23 31.74 -18.44 -35.14
N ALA H 24 31.72 -17.37 -34.35
CA ALA H 24 30.50 -16.62 -34.06
C ALA H 24 30.42 -15.39 -34.95
N SER H 25 29.35 -15.30 -35.75
CA SER H 25 29.10 -14.15 -36.61
C SER H 25 27.67 -13.68 -36.40
N GLY H 26 27.48 -12.37 -36.51
CA GLY H 26 26.17 -11.77 -36.32
C GLY H 26 25.95 -11.11 -34.98
N PHE H 27 26.97 -11.00 -34.16
CA PHE H 27 26.86 -10.36 -32.85
C PHE H 27 27.31 -8.90 -32.94
N THR H 28 26.45 -8.01 -32.44
CA THR H 28 26.74 -6.57 -32.51
C THR H 28 27.92 -6.19 -31.62
N ASN H 29 28.00 -6.79 -30.43
CA ASN H 29 29.00 -6.45 -29.43
C ASN H 29 29.60 -7.73 -28.86
N ASP H 30 30.49 -7.59 -27.88
CA ASP H 30 31.09 -8.74 -27.22
C ASP H 30 30.22 -9.29 -26.10
N PHE H 31 29.00 -8.82 -25.93
CA PHE H 31 28.16 -9.23 -24.79
C PHE H 31 27.35 -10.46 -25.17
N TYR H 32 28.08 -11.58 -25.28
CA TYR H 32 27.48 -12.89 -25.46
C TYR H 32 28.40 -13.92 -24.81
N SER H 33 27.92 -15.16 -24.74
CA SER H 33 28.68 -16.24 -24.13
C SER H 33 28.63 -17.49 -25.00
N ILE H 34 29.72 -18.25 -24.96
CA ILE H 34 29.87 -19.47 -25.75
C ILE H 34 29.97 -20.66 -24.80
N ALA H 35 29.33 -21.76 -25.16
CA ALA H 35 29.40 -22.99 -24.41
C ALA H 35 29.65 -24.16 -25.34
N TRP H 36 30.28 -25.20 -24.81
CA TRP H 36 30.52 -26.44 -25.54
C TRP H 36 29.69 -27.55 -24.91
N PHE H 37 28.73 -28.06 -25.68
CA PHE H 37 27.90 -29.19 -25.28
C PHE H 37 28.31 -30.41 -26.09
N ARG H 38 28.41 -31.56 -25.42
CA ARG H 38 28.72 -32.82 -26.07
C ARG H 38 27.61 -33.82 -25.79
N GLN H 39 27.32 -34.65 -26.79
CA GLN H 39 26.22 -35.62 -26.73
C GLN H 39 26.80 -37.01 -26.98
N ALA H 40 27.08 -37.72 -25.91
CA ALA H 40 27.57 -39.09 -26.00
C ALA H 40 26.49 -39.99 -26.62
N PRO H 41 26.90 -41.13 -27.19
CA PRO H 41 25.91 -42.06 -27.77
C PRO H 41 24.84 -42.46 -26.77
N GLY H 42 23.63 -41.95 -26.96
CA GLY H 42 22.52 -42.21 -26.08
C GLY H 42 22.33 -41.20 -24.97
N LYS H 43 23.38 -40.49 -24.59
CA LYS H 43 23.27 -39.50 -23.54
C LYS H 43 22.71 -38.18 -24.09
N GLU H 44 22.30 -37.32 -23.18
CA GLU H 44 21.83 -35.99 -23.50
C GLU H 44 23.02 -35.03 -23.66
N ARG H 45 22.73 -33.85 -24.18
CA ARG H 45 23.74 -32.81 -24.28
C ARG H 45 24.15 -32.35 -22.88
N GLU H 46 25.46 -32.31 -22.64
CA GLU H 46 26.02 -31.91 -21.36
C GLU H 46 27.12 -30.88 -21.61
N GLY H 47 27.12 -29.81 -20.81
CA GLY H 47 28.15 -28.77 -20.99
C GLY H 47 29.49 -29.21 -20.39
N VAL H 48 30.56 -28.88 -21.11
CA VAL H 48 31.90 -29.23 -20.66
C VAL H 48 32.80 -28.00 -20.54
N SER H 49 32.50 -26.93 -21.27
CA SER H 49 33.32 -25.73 -21.20
C SER H 49 32.49 -24.52 -21.61
N TRP H 50 32.72 -23.40 -20.93
CA TRP H 50 32.02 -22.16 -21.17
C TRP H 50 33.02 -21.02 -21.29
N LEU H 51 32.64 -19.99 -22.05
CA LEU H 51 33.44 -18.78 -22.16
C LEU H 51 32.50 -17.59 -22.28
N SER H 52 32.49 -16.73 -21.28
CA SER H 52 31.83 -15.44 -21.38
C SER H 52 32.77 -14.47 -22.06
N VAL H 53 32.38 -13.97 -23.24
CA VAL H 53 33.31 -13.24 -24.08
C VAL H 53 33.62 -11.87 -23.51
N SER H 54 32.59 -11.16 -23.03
CA SER H 54 32.75 -9.77 -22.61
C SER H 54 33.77 -9.62 -21.50
N ASP H 55 33.88 -10.60 -20.60
CA ASP H 55 34.83 -10.55 -19.51
C ASP H 55 35.92 -11.61 -19.59
N ASN H 56 35.91 -12.44 -20.63
CA ASN H 56 36.99 -13.39 -20.90
C ASN H 56 37.23 -14.34 -19.72
N THR H 57 36.17 -15.01 -19.30
CA THR H 57 36.21 -15.90 -18.15
C THR H 57 35.84 -17.33 -18.55
N PRO H 58 36.77 -18.28 -18.47
CA PRO H 58 36.46 -19.67 -18.80
C PRO H 58 35.88 -20.42 -17.61
N THR H 59 35.24 -21.54 -17.91
CA THR H 59 34.67 -22.41 -16.89
C THR H 59 34.70 -23.83 -17.43
N TYR H 60 35.04 -24.79 -16.57
CA TYR H 60 35.17 -26.17 -16.95
C TYR H 60 34.43 -27.06 -15.97
N VAL H 61 34.02 -28.23 -16.43
CA VAL H 61 33.57 -29.28 -15.53
C VAL H 61 34.77 -30.02 -14.95
N ASP H 62 34.56 -30.63 -13.78
CA ASP H 62 35.67 -31.29 -13.09
C ASP H 62 36.31 -32.39 -13.94
N SER H 63 35.52 -33.08 -14.75
CA SER H 63 36.02 -34.23 -15.49
C SER H 63 36.96 -33.85 -16.63
N VAL H 64 36.95 -32.58 -17.06
CA VAL H 64 37.84 -32.13 -18.13
C VAL H 64 38.71 -30.96 -17.68
N LYS H 65 38.83 -30.76 -16.37
CA LYS H 65 39.38 -29.52 -15.83
C LYS H 65 40.78 -29.23 -16.37
N ASP H 66 41.70 -30.18 -16.19
CA ASP H 66 43.08 -29.97 -16.61
C ASP H 66 43.39 -30.50 -18.00
N ARG H 67 42.41 -31.10 -18.68
CA ARG H 67 42.64 -31.62 -20.02
C ARG H 67 42.17 -30.70 -21.12
N PHE H 68 41.11 -29.93 -20.87
CA PHE H 68 40.57 -28.99 -21.85
C PHE H 68 40.99 -27.56 -21.50
N THR H 69 41.15 -26.75 -22.55
CA THR H 69 41.41 -25.33 -22.38
C THR H 69 40.62 -24.59 -23.45
N ILE H 70 39.77 -23.66 -23.02
CA ILE H 70 38.94 -22.87 -23.93
C ILE H 70 39.51 -21.46 -23.97
N SER H 71 39.53 -20.88 -25.17
CA SER H 71 40.07 -19.55 -25.36
C SER H 71 39.49 -18.97 -26.64
N ARG H 72 39.72 -17.66 -26.82
CA ARG H 72 39.18 -16.95 -27.97
C ARG H 72 40.28 -16.12 -28.61
N HIS H 73 40.31 -16.11 -29.94
CA HIS H 73 41.18 -15.23 -30.71
C HIS H 73 40.33 -14.08 -31.22
N ASN H 74 40.61 -12.87 -30.72
CA ASN H 74 39.77 -11.73 -31.02
C ASN H 74 39.76 -11.41 -32.51
N ALA H 75 40.81 -11.79 -33.23
CA ALA H 75 40.91 -11.44 -34.65
C ALA H 75 39.83 -12.15 -35.47
N ASN H 76 39.81 -13.47 -35.46
CA ASN H 76 38.86 -14.18 -36.30
C ASN H 76 37.51 -14.38 -35.62
N ASN H 77 37.33 -13.84 -34.41
CA ASN H 77 36.07 -13.95 -33.67
C ASN H 77 35.66 -15.41 -33.50
N THR H 78 36.64 -16.24 -33.17
CA THR H 78 36.46 -17.69 -33.09
C THR H 78 36.94 -18.18 -31.73
N VAL H 79 36.17 -19.09 -31.13
CA VAL H 79 36.48 -19.65 -29.83
C VAL H 79 37.03 -21.05 -30.04
N TYR H 80 38.18 -21.33 -29.43
CA TYR H 80 38.89 -22.60 -29.62
C TYR H 80 38.83 -23.40 -28.32
N LEU H 81 38.63 -24.71 -28.46
CA LEU H 81 38.66 -25.65 -27.33
C LEU H 81 39.79 -26.64 -27.58
N GLN H 82 40.88 -26.51 -26.81
CA GLN H 82 42.03 -27.39 -26.94
C GLN H 82 41.80 -28.60 -26.05
N MET H 83 41.61 -29.76 -26.68
CA MET H 83 41.31 -31.00 -25.98
C MET H 83 42.56 -31.86 -25.96
N ASN H 84 43.23 -31.92 -24.81
CA ASN H 84 44.43 -32.72 -24.63
C ASN H 84 44.12 -33.96 -23.80
N MET H 85 44.99 -34.96 -23.91
CA MET H 85 44.87 -36.21 -23.14
C MET H 85 43.48 -36.81 -23.29
N LEU H 86 42.99 -36.84 -24.54
CA LEU H 86 41.65 -37.32 -24.79
C LEU H 86 41.49 -38.78 -24.34
N LYS H 87 40.31 -39.08 -23.84
CA LYS H 87 39.99 -40.41 -23.31
C LYS H 87 38.82 -40.99 -24.08
N PRO H 88 38.63 -42.31 -24.06
CA PRO H 88 37.46 -42.90 -24.73
C PRO H 88 36.15 -42.36 -24.22
N GLU H 89 36.12 -41.85 -22.99
CA GLU H 89 34.90 -41.26 -22.44
C GLU H 89 34.51 -40.01 -23.20
N ASP H 90 35.48 -39.27 -23.75
CA ASP H 90 35.22 -38.01 -24.43
C ASP H 90 34.57 -38.17 -25.79
N THR H 91 34.36 -39.40 -26.26
CA THR H 91 33.78 -39.64 -27.59
C THR H 91 32.32 -39.18 -27.59
N ALA H 92 32.02 -38.14 -28.37
CA ALA H 92 30.67 -37.59 -28.44
C ALA H 92 30.60 -36.62 -29.62
N ILE H 93 29.38 -36.18 -29.92
CA ILE H 93 29.14 -35.09 -30.87
C ILE H 93 29.21 -33.78 -30.09
N TYR H 94 30.24 -32.98 -30.35
CA TYR H 94 30.44 -31.72 -29.65
C TYR H 94 29.75 -30.59 -30.40
N TYR H 95 28.90 -29.85 -29.70
CA TYR H 95 28.25 -28.66 -30.23
C TYR H 95 28.78 -27.44 -29.50
N CYS H 96 28.77 -26.29 -30.19
CA CYS H 96 28.98 -25.01 -29.53
C CYS H 96 27.71 -24.19 -29.62
N ALA H 97 27.36 -23.53 -28.52
CA ALA H 97 26.13 -22.76 -28.43
C ALA H 97 26.46 -21.34 -28.01
N ALA H 98 25.45 -20.48 -28.07
CA ALA H 98 25.64 -19.07 -27.75
C ALA H 98 24.35 -18.52 -27.16
N GLY H 99 24.50 -17.56 -26.25
CA GLY H 99 23.36 -16.87 -25.68
C GLY H 99 23.69 -15.42 -25.42
N ARG H 100 22.65 -14.58 -25.44
CA ARG H 100 22.83 -13.14 -25.25
C ARG H 100 22.90 -12.82 -23.77
N PHE H 101 24.01 -13.22 -23.16
CA PHE H 101 24.26 -12.94 -21.75
C PHE H 101 25.74 -13.15 -21.48
N ALA H 102 26.19 -12.63 -20.35
CA ALA H 102 27.56 -12.85 -19.89
C ALA H 102 27.50 -13.86 -18.76
N GLY H 103 27.98 -15.06 -19.02
CA GLY H 103 27.98 -16.07 -17.99
C GLY H 103 27.92 -17.47 -18.59
N ARG H 104 27.24 -18.36 -17.89
CA ARG H 104 27.25 -19.78 -18.19
C ARG H 104 25.97 -20.41 -17.67
N ASP H 105 25.57 -21.50 -18.33
CA ASP H 105 24.40 -22.26 -17.89
C ASP H 105 24.58 -23.70 -18.32
N THR H 106 24.12 -24.62 -17.48
CA THR H 106 24.18 -26.04 -17.77
C THR H 106 22.99 -26.54 -18.58
N TRP H 107 21.97 -25.72 -18.74
CA TRP H 107 20.76 -26.12 -19.43
C TRP H 107 20.85 -25.74 -20.90
N PRO H 108 20.81 -26.71 -21.82
CA PRO H 108 20.82 -26.35 -23.25
C PRO H 108 19.72 -25.38 -23.63
N SER H 109 18.54 -25.50 -23.01
CA SER H 109 17.42 -24.63 -23.35
C SER H 109 17.69 -23.16 -23.06
N SER H 110 18.79 -22.83 -22.38
CA SER H 110 19.16 -21.43 -22.14
C SER H 110 19.99 -20.82 -23.25
N TYR H 111 20.39 -21.60 -24.25
CA TYR H 111 21.18 -21.12 -25.37
C TYR H 111 20.31 -21.07 -26.62
N ASP H 112 20.19 -19.88 -27.21
CA ASP H 112 19.33 -19.66 -28.36
C ASP H 112 20.00 -20.02 -29.68
N TYR H 113 21.32 -20.03 -29.74
CA TYR H 113 22.06 -20.22 -30.98
C TYR H 113 22.93 -21.45 -30.88
N TRP H 114 22.86 -22.30 -31.91
CA TRP H 114 23.61 -23.55 -31.96
C TRP H 114 24.27 -23.70 -33.33
N GLY H 115 25.17 -24.66 -33.41
CA GLY H 115 25.76 -25.08 -34.66
C GLY H 115 25.84 -26.58 -34.73
N GLN H 116 25.40 -27.18 -35.85
CA GLN H 116 25.47 -28.62 -36.01
C GLN H 116 26.88 -29.11 -35.73
N GLY H 117 27.00 -30.00 -34.74
CA GLY H 117 28.29 -30.23 -34.13
C GLY H 117 29.19 -31.14 -34.94
N THR H 118 30.46 -31.15 -34.54
CA THR H 118 31.47 -32.01 -35.15
C THR H 118 31.65 -33.27 -34.32
N GLN H 119 31.96 -34.37 -34.99
CA GLN H 119 32.14 -35.64 -34.32
C GLN H 119 33.55 -35.77 -33.75
N VAL H 120 33.63 -36.26 -32.51
CA VAL H 120 34.90 -36.55 -31.85
C VAL H 120 34.86 -38.00 -31.39
N THR H 121 35.80 -38.81 -31.87
CA THR H 121 35.86 -40.23 -31.53
C THR H 121 37.25 -40.57 -31.05
N VAL H 122 37.33 -41.19 -29.87
CA VAL H 122 38.60 -41.54 -29.23
C VAL H 122 38.61 -43.04 -29.00
N SER H 123 39.41 -43.76 -29.76
CA SER H 123 39.59 -45.20 -29.61
C SER H 123 40.91 -45.59 -30.25
N SER H 124 41.21 -46.88 -30.20
CA SER H 124 42.47 -47.39 -30.74
C SER H 124 42.22 -48.55 -31.70
N GLN I 1 -18.09 -5.54 -16.81
CA GLN I 1 -18.93 -6.12 -17.85
C GLN I 1 -19.61 -5.03 -18.69
N VAL I 2 -18.79 -4.19 -19.32
CA VAL I 2 -19.27 -3.14 -20.21
C VAL I 2 -20.13 -3.74 -21.31
N GLN I 3 -21.43 -3.46 -21.29
CA GLN I 3 -22.34 -4.04 -22.26
C GLN I 3 -23.21 -2.97 -22.91
N LEU I 4 -23.42 -3.10 -24.21
CA LEU I 4 -24.31 -2.24 -24.98
C LEU I 4 -25.26 -3.11 -25.79
N VAL I 5 -26.55 -2.76 -25.76
CA VAL I 5 -27.60 -3.55 -26.40
C VAL I 5 -28.50 -2.61 -27.19
N GLU I 6 -28.49 -2.75 -28.51
CA GLU I 6 -29.39 -1.97 -29.36
C GLU I 6 -30.76 -2.62 -29.44
N SER I 7 -31.78 -1.77 -29.53
CA SER I 7 -33.17 -2.19 -29.66
C SER I 7 -33.83 -1.32 -30.72
N GLY I 8 -35.07 -1.68 -31.06
CA GLY I 8 -35.78 -0.95 -32.09
C GLY I 8 -35.20 -1.24 -33.46
N GLY I 9 -35.87 -0.80 -34.51
CA GLY I 9 -35.37 -1.12 -35.83
C GLY I 9 -35.99 -2.36 -36.42
N GLY I 10 -36.21 -2.33 -37.72
CA GLY I 10 -36.85 -3.41 -38.44
C GLY I 10 -37.23 -2.93 -39.82
N LEU I 11 -38.46 -3.18 -40.21
CA LEU I 11 -38.97 -2.74 -41.51
C LEU I 11 -39.73 -1.43 -41.35
N VAL I 12 -39.35 -0.43 -42.13
CA VAL I 12 -40.02 0.87 -42.12
C VAL I 12 -40.11 1.38 -43.56
N LYS I 13 -41.22 2.04 -43.88
CA LYS I 13 -41.47 2.48 -45.24
C LYS I 13 -40.57 3.66 -45.59
N PRO I 14 -40.30 3.86 -46.88
CA PRO I 14 -39.52 5.04 -47.29
C PRO I 14 -40.26 6.33 -46.98
N GLY I 15 -39.52 7.34 -46.57
CA GLY I 15 -40.10 8.57 -46.08
C GLY I 15 -40.64 8.48 -44.67
N GLY I 16 -40.42 7.36 -43.98
CA GLY I 16 -40.97 7.14 -42.66
C GLY I 16 -39.99 7.49 -41.56
N SER I 17 -40.39 7.16 -40.34
CA SER I 17 -39.62 7.47 -39.14
C SER I 17 -39.34 6.21 -38.34
N LEU I 18 -38.27 6.27 -37.55
CA LEU I 18 -37.89 5.16 -36.68
C LEU I 18 -36.94 5.68 -35.61
N ARG I 19 -37.06 5.10 -34.42
CA ARG I 19 -36.22 5.47 -33.28
C ARG I 19 -35.48 4.24 -32.75
N LEU I 20 -34.18 4.39 -32.53
CA LEU I 20 -33.34 3.31 -32.04
C LEU I 20 -32.92 3.56 -30.59
N SER I 21 -32.87 2.50 -29.81
CA SER I 21 -32.42 2.55 -28.42
C SER I 21 -31.11 1.79 -28.26
N CYS I 22 -30.37 2.16 -27.22
CA CYS I 22 -29.10 1.50 -26.89
C CYS I 22 -28.97 1.47 -25.37
N ALA I 23 -29.12 0.29 -24.78
CA ALA I 23 -29.09 0.14 -23.33
C ALA I 23 -27.65 -0.07 -22.87
N ALA I 24 -27.21 0.76 -21.93
CA ALA I 24 -25.84 0.72 -21.43
C ALA I 24 -25.82 0.11 -20.04
N SER I 25 -24.77 -0.66 -19.77
CA SER I 25 -24.62 -1.36 -18.50
C SER I 25 -23.14 -1.54 -18.21
N GLY I 26 -22.81 -1.65 -16.93
CA GLY I 26 -21.44 -1.94 -16.55
C GLY I 26 -20.49 -0.77 -16.55
N PHE I 27 -20.98 0.45 -16.76
CA PHE I 27 -20.13 1.63 -16.71
C PHE I 27 -21.02 2.84 -16.42
N THR I 28 -20.39 3.92 -15.96
CA THR I 28 -21.13 5.14 -15.64
C THR I 28 -21.47 5.84 -16.95
N PHE I 29 -22.71 5.66 -17.39
CA PHE I 29 -23.14 6.14 -18.70
C PHE I 29 -22.91 7.64 -18.87
N ARG I 30 -23.26 8.43 -17.86
CA ARG I 30 -23.31 9.87 -18.02
C ARG I 30 -21.95 10.52 -18.26
N TYR I 31 -20.86 9.79 -18.09
CA TYR I 31 -19.53 10.34 -18.28
C TYR I 31 -18.88 9.88 -19.59
N ALA I 32 -19.57 9.07 -20.38
CA ALA I 32 -19.00 8.48 -21.58
C ALA I 32 -19.60 9.14 -22.81
N TRP I 33 -18.75 9.41 -23.80
CA TRP I 33 -19.25 9.82 -25.10
C TRP I 33 -19.80 8.61 -25.83
N MET I 34 -20.89 8.81 -26.56
CA MET I 34 -21.53 7.74 -27.32
C MET I 34 -21.59 8.11 -28.79
N ASN I 35 -21.33 7.14 -29.65
CA ASN I 35 -21.41 7.33 -31.09
C ASN I 35 -22.25 6.23 -31.72
N TRP I 36 -22.87 6.56 -32.85
CA TRP I 36 -23.60 5.61 -33.68
C TRP I 36 -22.79 5.35 -34.95
N VAL I 37 -22.64 4.07 -35.30
CA VAL I 37 -21.96 3.67 -36.53
C VAL I 37 -22.82 2.64 -37.23
N ARG I 38 -23.05 2.80 -38.53
CA ARG I 38 -23.86 1.87 -39.29
C ARG I 38 -23.03 1.18 -40.36
N GLN I 39 -23.57 0.05 -40.84
CA GLN I 39 -22.90 -0.73 -41.87
C GLN I 39 -23.97 -1.36 -42.75
N ALA I 40 -24.06 -0.90 -44.00
CA ALA I 40 -24.97 -1.49 -44.97
C ALA I 40 -24.56 -2.94 -45.24
N PRO I 41 -25.50 -3.79 -45.67
CA PRO I 41 -25.16 -5.19 -45.97
C PRO I 41 -24.07 -5.30 -47.02
N GLY I 42 -22.96 -5.92 -46.63
CA GLY I 42 -21.82 -6.12 -47.51
C GLY I 42 -20.98 -4.89 -47.80
N LYS I 43 -21.28 -3.75 -47.17
CA LYS I 43 -20.52 -2.53 -47.36
C LYS I 43 -19.66 -2.26 -46.12
N GLY I 44 -18.98 -1.12 -46.14
CA GLY I 44 -18.08 -0.76 -45.07
C GLY I 44 -18.79 -0.08 -43.91
N LEU I 45 -18.00 0.28 -42.91
CA LEU I 45 -18.51 1.03 -41.76
C LEU I 45 -18.70 2.49 -42.13
N GLU I 46 -19.76 3.09 -41.61
CA GLU I 46 -20.04 4.50 -41.84
C GLU I 46 -20.46 5.16 -40.53
N TRP I 47 -19.74 6.20 -40.15
CA TRP I 47 -20.05 6.93 -38.93
C TRP I 47 -21.33 7.73 -39.09
N VAL I 48 -22.24 7.59 -38.13
CA VAL I 48 -23.53 8.27 -38.17
C VAL I 48 -23.53 9.57 -37.38
N GLY I 49 -23.11 9.51 -36.12
CA GLY I 49 -23.07 10.71 -35.31
C GLY I 49 -22.48 10.43 -33.94
N ARG I 50 -22.42 11.50 -33.15
CA ARG I 50 -21.73 11.50 -31.87
C ARG I 50 -22.43 12.45 -30.92
N ILE I 51 -22.50 12.07 -29.64
CA ILE I 51 -22.95 12.96 -28.57
C ILE I 51 -21.96 12.85 -27.43
N ARG I 52 -21.59 14.00 -26.87
CA ARG I 52 -20.61 14.02 -25.79
C ARG I 52 -21.33 13.87 -24.47
N SER I 53 -20.57 13.55 -23.43
CA SER I 53 -21.12 13.56 -22.09
C SER I 53 -21.59 14.97 -21.74
N LYS I 54 -22.51 15.05 -20.78
CA LYS I 54 -23.02 16.36 -20.36
C LYS I 54 -21.91 17.20 -19.75
N THR I 55 -20.98 16.56 -19.03
CA THR I 55 -19.88 17.30 -18.40
C THR I 55 -18.99 17.96 -19.44
N ASP I 56 -18.93 17.41 -20.66
CA ASP I 56 -18.16 18.00 -21.73
C ASP I 56 -19.01 18.83 -22.70
N GLY I 57 -20.27 19.10 -22.35
CA GLY I 57 -21.13 19.96 -23.13
C GLY I 57 -22.34 19.29 -23.74
N GLU I 58 -22.35 17.96 -23.84
CA GLU I 58 -23.46 17.21 -24.44
C GLU I 58 -23.76 17.68 -25.86
N THR I 59 -22.72 18.08 -26.60
CA THR I 59 -22.91 18.58 -27.95
C THR I 59 -22.91 17.43 -28.95
N THR I 60 -23.74 17.55 -29.97
CA THR I 60 -23.92 16.48 -30.94
C THR I 60 -23.31 16.86 -32.28
N ASP I 61 -22.82 15.84 -32.99
CA ASP I 61 -22.37 15.97 -34.37
C ASP I 61 -23.00 14.86 -35.19
N HIS I 62 -23.29 15.15 -36.45
CA HIS I 62 -23.91 14.18 -37.33
C HIS I 62 -23.18 14.16 -38.67
N ALA I 63 -23.19 13.01 -39.32
CA ALA I 63 -22.53 12.83 -40.59
C ALA I 63 -23.34 13.50 -41.70
N ALA I 64 -22.63 13.95 -42.73
CA ALA I 64 -23.27 14.58 -43.88
C ALA I 64 -24.40 13.76 -44.49
N PRO I 65 -24.29 12.43 -44.68
CA PRO I 65 -25.41 11.70 -45.29
C PRO I 65 -26.72 11.77 -44.52
N VAL I 66 -26.70 12.09 -43.23
CA VAL I 66 -27.90 12.06 -42.40
C VAL I 66 -28.23 13.41 -41.79
N LYS I 67 -27.42 14.44 -42.00
CA LYS I 67 -27.61 15.71 -41.33
C LYS I 67 -28.97 16.32 -41.68
N GLY I 68 -29.69 16.77 -40.66
CA GLY I 68 -31.03 17.30 -40.84
C GLY I 68 -32.13 16.26 -40.79
N ARG I 69 -31.79 14.97 -40.88
CA ARG I 69 -32.77 13.90 -40.83
C ARG I 69 -32.61 12.95 -39.65
N PHE I 70 -31.42 12.83 -39.09
CA PHE I 70 -31.17 12.02 -37.90
C PHE I 70 -30.87 12.92 -36.71
N ALA I 71 -31.28 12.49 -35.53
CA ALA I 71 -31.04 13.23 -34.30
C ALA I 71 -30.56 12.28 -33.22
N ILE I 72 -29.47 12.63 -32.58
CA ILE I 72 -28.93 11.86 -31.46
C ILE I 72 -29.31 12.55 -30.16
N SER I 73 -29.97 11.80 -29.29
CA SER I 73 -30.31 12.26 -27.95
C SER I 73 -29.74 11.27 -26.93
N ARG I 74 -29.76 11.70 -25.68
CA ARG I 74 -29.22 10.94 -24.57
C ARG I 74 -30.18 11.03 -23.41
N ASP I 75 -30.30 9.94 -22.65
CA ASP I 75 -31.10 9.91 -21.42
C ASP I 75 -30.24 9.30 -20.32
N ASP I 76 -29.46 10.14 -19.66
CA ASP I 76 -28.57 9.66 -18.60
C ASP I 76 -29.35 9.02 -17.45
N SER I 77 -30.62 9.38 -17.27
CA SER I 77 -31.39 8.83 -16.16
C SER I 77 -31.63 7.33 -16.33
N GLU I 78 -31.92 6.87 -17.54
CA GLU I 78 -32.15 5.45 -17.79
C GLU I 78 -30.98 4.74 -18.45
N ASN I 79 -29.84 5.42 -18.59
CA ASN I 79 -28.64 4.85 -19.22
C ASN I 79 -28.93 4.36 -20.64
N THR I 80 -29.54 5.24 -21.43
CA THR I 80 -30.00 4.88 -22.77
C THR I 80 -29.55 5.93 -23.77
N LEU I 81 -29.05 5.46 -24.91
CA LEU I 81 -28.71 6.31 -26.05
C LEU I 81 -29.75 6.12 -27.13
N TYR I 82 -30.19 7.23 -27.73
CA TYR I 82 -31.23 7.19 -28.74
C TYR I 82 -30.72 7.71 -30.08
N LEU I 83 -31.39 7.30 -31.15
CA LEU I 83 -31.15 7.83 -32.48
C LEU I 83 -32.50 7.94 -33.20
N GLN I 84 -33.01 9.16 -33.32
CA GLN I 84 -34.29 9.40 -33.99
C GLN I 84 -34.02 9.58 -35.47
N MET I 85 -34.53 8.66 -36.28
CA MET I 85 -34.35 8.70 -37.73
C MET I 85 -35.65 9.14 -38.39
N ASN I 86 -35.54 10.10 -39.31
CA ASN I 86 -36.70 10.66 -39.98
C ASN I 86 -36.36 10.82 -41.46
N SER I 87 -37.41 10.85 -42.29
CA SER I 87 -37.26 10.90 -43.74
C SER I 87 -36.32 9.80 -44.23
N LEU I 88 -36.55 8.59 -43.72
CA LEU I 88 -35.65 7.47 -44.01
C LEU I 88 -35.67 7.13 -45.49
N LYS I 89 -34.51 6.74 -46.01
CA LYS I 89 -34.32 6.36 -47.39
C LYS I 89 -33.83 4.91 -47.44
N THR I 90 -33.72 4.39 -48.66
CA THR I 90 -33.25 3.02 -48.82
C THR I 90 -31.76 2.91 -48.48
N GLU I 91 -30.97 3.92 -48.85
CA GLU I 91 -29.55 3.92 -48.48
C GLU I 91 -29.34 3.99 -46.97
N ASP I 92 -30.38 4.25 -46.18
CA ASP I 92 -30.27 4.17 -44.74
C ASP I 92 -30.34 2.74 -44.23
N THR I 93 -30.66 1.77 -45.09
CA THR I 93 -30.71 0.37 -44.68
C THR I 93 -29.32 -0.10 -44.28
N ALA I 94 -29.19 -0.58 -43.04
CA ALA I 94 -27.92 -1.01 -42.50
C ALA I 94 -28.15 -1.65 -41.14
N VAL I 95 -27.08 -2.22 -40.59
CA VAL I 95 -27.01 -2.58 -39.17
C VAL I 95 -26.44 -1.39 -38.41
N TYR I 96 -27.14 -0.96 -37.37
CA TYR I 96 -26.76 0.22 -36.61
C TYR I 96 -26.16 -0.19 -35.28
N TYR I 97 -24.94 0.26 -35.02
CA TYR I 97 -24.23 0.00 -33.77
C TYR I 97 -24.17 1.27 -32.93
N CYS I 98 -24.28 1.12 -31.62
CA CYS I 98 -23.89 2.15 -30.68
C CYS I 98 -22.55 1.78 -30.07
N THR I 99 -21.69 2.79 -29.88
CA THR I 99 -20.34 2.59 -29.38
C THR I 99 -20.03 3.64 -28.32
N THR I 100 -19.20 3.25 -27.36
CA THR I 100 -18.65 4.18 -26.38
C THR I 100 -17.15 4.20 -26.54
N ASP I 101 -16.53 5.29 -26.10
CA ASP I 101 -15.13 5.54 -26.39
C ASP I 101 -14.20 4.78 -25.43
N TRP I 102 -12.92 4.78 -25.78
CA TRP I 102 -11.90 4.02 -25.07
C TRP I 102 -11.47 4.74 -23.81
N VAL I 103 -11.61 4.09 -22.66
CA VAL I 103 -11.22 4.66 -21.38
C VAL I 103 -10.68 3.55 -20.47
N ARG I 104 -9.37 3.58 -20.23
CA ARG I 104 -8.70 2.64 -19.35
C ARG I 104 -8.15 3.40 -18.14
N GLY I 105 -9.04 3.84 -17.27
CA GLY I 105 -8.62 4.50 -16.04
C GLY I 105 -8.43 5.99 -16.27
N THR I 106 -7.26 6.48 -15.87
CA THR I 106 -6.90 7.87 -16.17
C THR I 106 -6.54 8.08 -17.63
N LEU I 107 -6.35 7.01 -18.39
CA LEU I 107 -6.10 7.13 -19.83
C LEU I 107 -7.43 7.24 -20.57
N LEU I 108 -7.45 8.06 -21.61
CA LEU I 108 -8.66 8.30 -22.38
C LEU I 108 -8.29 8.65 -23.82
N GLU I 109 -8.99 8.04 -24.77
CA GLU I 109 -8.81 8.32 -26.19
C GLU I 109 -10.20 8.39 -26.82
N HIS I 110 -10.74 9.61 -26.96
CA HIS I 110 -12.07 9.78 -27.50
C HIS I 110 -12.13 9.34 -28.96
N ASP I 111 -13.33 8.93 -29.38
CA ASP I 111 -13.63 8.52 -30.75
C ASP I 111 -12.85 7.29 -31.17
N ALA I 112 -12.27 6.57 -30.20
CA ALA I 112 -11.73 5.23 -30.41
C ALA I 112 -12.74 4.25 -29.80
N TYR I 113 -13.55 3.64 -30.66
CA TYR I 113 -14.63 2.76 -30.21
C TYR I 113 -14.06 1.41 -29.78
N ASP I 114 -14.08 1.14 -28.47
CA ASP I 114 -13.63 -0.17 -27.99
C ASP I 114 -14.76 -1.04 -27.49
N VAL I 115 -15.95 -0.49 -27.24
CA VAL I 115 -17.11 -1.27 -26.82
C VAL I 115 -18.20 -1.05 -27.84
N TRP I 116 -18.57 -2.11 -28.56
CA TRP I 116 -19.62 -2.09 -29.56
C TRP I 116 -20.78 -2.96 -29.10
N GLY I 117 -21.98 -2.63 -29.57
CA GLY I 117 -23.13 -3.47 -29.36
C GLY I 117 -23.21 -4.55 -30.42
N GLN I 118 -24.24 -5.39 -30.30
CA GLN I 118 -24.47 -6.42 -31.31
C GLN I 118 -24.99 -5.83 -32.61
N GLY I 119 -25.59 -4.64 -32.55
CA GLY I 119 -26.16 -4.02 -33.72
C GLY I 119 -27.61 -4.40 -33.91
N THR I 120 -28.42 -3.46 -34.39
CA THR I 120 -29.80 -3.73 -34.79
C THR I 120 -29.96 -3.44 -36.28
N MET I 121 -30.80 -4.23 -36.93
CA MET I 121 -30.99 -4.10 -38.37
C MET I 121 -32.15 -3.16 -38.66
N VAL I 122 -31.94 -2.25 -39.61
CA VAL I 122 -32.97 -1.34 -40.09
C VAL I 122 -33.09 -1.55 -41.60
N THR I 123 -34.29 -1.90 -42.04
CA THR I 123 -34.59 -2.11 -43.46
C THR I 123 -35.62 -1.06 -43.90
N VAL I 124 -35.23 -0.23 -44.87
CA VAL I 124 -36.12 0.79 -45.40
C VAL I 124 -36.45 0.40 -46.84
N SER I 125 -37.62 -0.18 -47.05
CA SER I 125 -38.07 -0.55 -48.38
C SER I 125 -39.56 -0.24 -48.52
N SER I 126 -39.97 -0.05 -49.77
CA SER I 126 -41.37 0.12 -50.11
C SER I 126 -42.09 -1.20 -50.23
N ALA I 127 -41.40 -2.31 -50.03
CA ALA I 127 -41.98 -3.62 -50.23
C ALA I 127 -42.92 -3.96 -49.07
N SER I 128 -43.42 -5.19 -49.08
CA SER I 128 -44.30 -5.66 -48.03
C SER I 128 -43.85 -7.06 -47.65
N THR I 129 -44.17 -7.47 -46.43
CA THR I 129 -43.76 -8.78 -45.96
C THR I 129 -44.40 -9.87 -46.84
N LYS I 130 -43.56 -10.77 -47.35
CA LYS I 130 -44.00 -11.84 -48.22
C LYS I 130 -43.23 -13.11 -47.88
N GLY I 131 -43.95 -14.22 -47.78
CA GLY I 131 -43.33 -15.51 -47.52
C GLY I 131 -42.70 -16.12 -48.76
N PRO I 132 -41.65 -16.90 -48.55
CA PRO I 132 -40.93 -17.49 -49.68
C PRO I 132 -41.54 -18.79 -50.18
N SER I 133 -41.34 -19.02 -51.48
CA SER I 133 -41.65 -20.31 -52.10
C SER I 133 -40.40 -21.17 -52.12
N VAL I 134 -40.54 -22.44 -51.74
CA VAL I 134 -39.43 -23.38 -51.63
C VAL I 134 -39.59 -24.45 -52.70
N PHE I 135 -38.58 -24.56 -53.57
CA PHE I 135 -38.60 -25.51 -54.67
C PHE I 135 -37.41 -26.47 -54.58
N PRO I 136 -37.58 -27.70 -55.05
CA PRO I 136 -36.48 -28.69 -54.98
C PRO I 136 -35.50 -28.58 -56.14
N LEU I 137 -34.23 -28.77 -55.82
CA LEU I 137 -33.16 -28.87 -56.81
C LEU I 137 -32.72 -30.33 -56.85
N ALA I 138 -33.37 -31.13 -57.72
CA ALA I 138 -33.22 -32.58 -57.73
C ALA I 138 -31.88 -33.01 -58.32
N PRO I 139 -31.28 -34.07 -57.80
CA PRO I 139 -30.02 -34.59 -58.35
C PRO I 139 -30.27 -35.32 -59.67
N SER I 140 -29.59 -34.87 -60.73
CA SER I 140 -29.80 -35.43 -62.05
C SER I 140 -29.11 -36.78 -62.17
N SER I 141 -29.30 -37.42 -63.32
CA SER I 141 -28.68 -38.72 -63.59
C SER I 141 -27.29 -38.56 -64.20
N LYS I 142 -27.19 -37.80 -65.29
CA LYS I 142 -25.90 -37.61 -65.95
C LYS I 142 -24.96 -36.74 -65.12
N GLY I 147 -19.97 -40.62 -58.65
CA GLY I 147 -19.73 -41.10 -57.30
C GLY I 147 -20.44 -40.28 -56.23
N THR I 148 -20.49 -38.96 -56.44
CA THR I 148 -21.18 -38.05 -55.53
C THR I 148 -22.14 -37.17 -56.31
N ALA I 149 -23.38 -37.08 -55.85
CA ALA I 149 -24.42 -36.26 -56.44
C ALA I 149 -24.75 -35.08 -55.54
N ALA I 150 -25.34 -34.05 -56.13
CA ALA I 150 -25.69 -32.81 -55.45
C ALA I 150 -27.17 -32.49 -55.61
N LEU I 151 -27.77 -31.99 -54.53
CA LEU I 151 -29.18 -31.59 -54.54
C LEU I 151 -29.36 -30.40 -53.61
N GLY I 152 -30.50 -29.73 -53.72
CA GLY I 152 -30.71 -28.56 -52.89
C GLY I 152 -32.12 -28.00 -52.99
N CYS I 153 -32.26 -26.78 -52.46
CA CYS I 153 -33.55 -26.11 -52.34
C CYS I 153 -33.42 -24.65 -52.77
N LEU I 154 -34.50 -24.12 -53.37
CA LEU I 154 -34.56 -22.73 -53.82
C LEU I 154 -35.59 -21.98 -53.00
N VAL I 155 -35.12 -21.02 -52.19
CA VAL I 155 -35.98 -20.19 -51.35
C VAL I 155 -36.13 -18.86 -52.08
N LYS I 156 -37.20 -18.73 -52.87
CA LYS I 156 -37.34 -17.62 -53.81
C LYS I 156 -38.48 -16.69 -53.42
N ASP I 157 -38.27 -15.39 -53.66
CA ASP I 157 -39.31 -14.37 -53.64
C ASP I 157 -39.92 -14.11 -52.26
N TYR I 158 -39.09 -13.66 -51.32
CA TYR I 158 -39.56 -13.27 -49.99
C TYR I 158 -39.07 -11.88 -49.64
N PHE I 159 -39.65 -11.33 -48.57
CA PHE I 159 -39.28 -10.05 -47.99
C PHE I 159 -39.87 -9.98 -46.59
N PRO I 160 -39.17 -9.40 -45.61
CA PRO I 160 -37.78 -8.91 -45.68
C PRO I 160 -36.80 -10.01 -45.32
N GLU I 161 -35.54 -9.67 -45.08
CA GLU I 161 -34.58 -10.63 -44.59
C GLU I 161 -34.88 -10.97 -43.14
N PRO I 162 -34.44 -12.15 -42.66
CA PRO I 162 -33.72 -13.23 -43.34
C PRO I 162 -34.47 -14.57 -43.38
N VAL I 163 -33.89 -15.61 -43.99
CA VAL I 163 -34.40 -16.97 -43.94
C VAL I 163 -33.30 -17.89 -43.41
N THR I 164 -33.73 -19.04 -42.88
CA THR I 164 -32.83 -20.09 -42.39
C THR I 164 -33.20 -21.43 -43.01
N VAL I 165 -32.18 -22.21 -43.36
CA VAL I 165 -32.36 -23.52 -44.00
C VAL I 165 -31.47 -24.55 -43.31
N SER I 166 -32.06 -25.67 -42.90
CA SER I 166 -31.34 -26.84 -42.43
C SER I 166 -31.66 -28.07 -43.30
N TRP I 167 -31.00 -29.18 -43.02
CA TRP I 167 -31.15 -30.41 -43.79
C TRP I 167 -31.36 -31.61 -42.87
N ASN I 168 -32.40 -32.39 -43.17
CA ASN I 168 -32.79 -33.56 -42.36
C ASN I 168 -32.93 -33.17 -40.89
N SER I 169 -33.53 -32.01 -40.64
CA SER I 169 -33.80 -31.51 -39.29
C SER I 169 -32.50 -31.38 -38.49
N GLY I 170 -31.40 -31.11 -39.18
CA GLY I 170 -30.10 -30.99 -38.56
C GLY I 170 -29.23 -32.22 -38.66
N ALA I 171 -29.79 -33.35 -39.14
CA ALA I 171 -29.03 -34.59 -39.22
C ALA I 171 -28.03 -34.61 -40.36
N LEU I 172 -28.26 -33.82 -41.41
CA LEU I 172 -27.35 -33.74 -42.55
C LEU I 172 -26.74 -32.33 -42.55
N THR I 173 -25.45 -32.25 -42.25
CA THR I 173 -24.77 -30.96 -42.19
C THR I 173 -23.53 -30.95 -43.07
N SER I 174 -22.89 -32.10 -43.23
CA SER I 174 -21.70 -32.20 -44.07
C SER I 174 -22.07 -31.92 -45.52
N GLY I 175 -21.30 -31.05 -46.16
CA GLY I 175 -21.53 -30.70 -47.55
C GLY I 175 -22.69 -29.77 -47.80
N VAL I 176 -23.13 -29.02 -46.79
CA VAL I 176 -24.28 -28.11 -46.91
C VAL I 176 -23.78 -26.69 -47.12
N HIS I 177 -24.23 -26.06 -48.20
CA HIS I 177 -23.98 -24.64 -48.46
C HIS I 177 -25.32 -23.93 -48.61
N THR I 178 -25.57 -22.95 -47.74
CA THR I 178 -26.73 -22.06 -47.87
C THR I 178 -26.20 -20.67 -48.21
N PHE I 179 -26.49 -20.22 -49.44
CA PHE I 179 -25.93 -19.00 -49.99
C PHE I 179 -26.66 -17.76 -49.49
N PRO I 180 -25.96 -16.63 -49.38
CA PRO I 180 -26.65 -15.37 -49.04
C PRO I 180 -27.61 -14.95 -50.14
N ALA I 181 -28.72 -14.34 -49.72
CA ALA I 181 -29.79 -13.97 -50.63
C ALA I 181 -29.34 -12.88 -51.60
N VAL I 182 -30.12 -12.70 -52.67
CA VAL I 182 -29.94 -11.61 -53.61
C VAL I 182 -31.23 -10.79 -53.66
N LEU I 183 -31.09 -9.47 -53.78
CA LEU I 183 -32.24 -8.58 -53.91
C LEU I 183 -32.60 -8.46 -55.38
N GLN I 184 -33.72 -9.05 -55.76
CA GLN I 184 -34.18 -9.07 -57.14
C GLN I 184 -34.75 -7.71 -57.53
N SER I 185 -34.95 -7.52 -58.83
CA SER I 185 -35.47 -6.26 -59.35
C SER I 185 -36.90 -6.00 -58.87
N SER I 186 -37.64 -7.02 -58.45
CA SER I 186 -38.98 -6.82 -57.92
C SER I 186 -38.97 -6.33 -56.47
N GLY I 187 -37.80 -6.07 -55.89
CA GLY I 187 -37.70 -5.70 -54.50
C GLY I 187 -37.73 -6.86 -53.53
N LEU I 188 -37.77 -8.09 -54.01
CA LEU I 188 -37.84 -9.29 -53.16
C LEU I 188 -36.52 -10.04 -53.19
N TYR I 189 -36.27 -10.79 -52.13
CA TYR I 189 -35.04 -11.56 -51.97
C TYR I 189 -35.25 -13.01 -52.42
N SER I 190 -34.17 -13.63 -52.90
CA SER I 190 -34.18 -15.03 -53.28
C SER I 190 -32.91 -15.70 -52.77
N LEU I 191 -33.01 -16.98 -52.41
CA LEU I 191 -31.91 -17.69 -51.77
C LEU I 191 -31.94 -19.17 -52.14
N SER I 192 -30.75 -19.78 -52.18
CA SER I 192 -30.61 -21.20 -52.47
C SER I 192 -29.74 -21.89 -51.42
N SER I 193 -30.02 -23.17 -51.19
CA SER I 193 -29.27 -24.02 -50.27
C SER I 193 -29.10 -25.40 -50.88
N VAL I 194 -27.87 -25.91 -50.93
CA VAL I 194 -27.55 -27.17 -51.60
C VAL I 194 -26.71 -28.07 -50.70
N VAL I 195 -26.64 -29.35 -51.08
CA VAL I 195 -25.85 -30.34 -50.34
C VAL I 195 -25.42 -31.46 -51.31
N THR I 196 -24.19 -31.92 -51.14
CA THR I 196 -23.63 -33.04 -51.91
C THR I 196 -23.65 -34.32 -51.09
N VAL I 197 -24.01 -35.43 -51.74
CA VAL I 197 -24.14 -36.73 -51.09
C VAL I 197 -23.62 -37.82 -52.01
N PRO I 198 -23.24 -38.97 -51.44
CA PRO I 198 -22.78 -40.09 -52.28
C PRO I 198 -23.89 -40.62 -53.19
N SER I 199 -23.49 -41.03 -54.40
CA SER I 199 -24.43 -41.52 -55.40
C SER I 199 -25.07 -42.86 -55.03
N SER I 200 -24.46 -43.62 -54.13
CA SER I 200 -25.02 -44.91 -53.74
C SER I 200 -26.15 -44.78 -52.73
N SER I 201 -26.34 -43.59 -52.15
CA SER I 201 -27.36 -43.38 -51.13
C SER I 201 -28.56 -42.59 -51.65
N LEU I 202 -28.62 -42.33 -52.96
CA LEU I 202 -29.77 -41.63 -53.52
C LEU I 202 -31.04 -42.48 -53.50
N GLY I 203 -30.92 -43.80 -53.47
CA GLY I 203 -32.08 -44.67 -53.52
C GLY I 203 -32.39 -45.32 -52.19
N THR I 204 -31.54 -45.09 -51.19
CA THR I 204 -31.75 -45.63 -49.85
C THR I 204 -31.83 -44.56 -48.77
N GLN I 205 -31.39 -43.34 -49.04
CA GLN I 205 -31.40 -42.26 -48.06
C GLN I 205 -32.34 -41.14 -48.53
N THR I 206 -33.09 -40.58 -47.59
CA THR I 206 -34.07 -39.52 -47.87
C THR I 206 -33.52 -38.18 -47.41
N TYR I 207 -33.62 -37.17 -48.27
CA TYR I 207 -33.07 -35.84 -48.01
C TYR I 207 -34.20 -34.81 -47.99
N ILE I 208 -34.21 -33.98 -46.94
CA ILE I 208 -35.28 -32.99 -46.73
C ILE I 208 -34.68 -31.69 -46.22
N CYS I 209 -34.95 -30.58 -46.90
CA CYS I 209 -34.50 -29.26 -46.46
C CYS I 209 -35.60 -28.57 -45.63
N ASN I 210 -35.18 -27.85 -44.59
CA ASN I 210 -36.09 -27.19 -43.65
C ASN I 210 -35.91 -25.67 -43.72
N VAL I 211 -36.86 -24.98 -44.35
CA VAL I 211 -36.81 -23.53 -44.57
C VAL I 211 -37.69 -22.82 -43.54
N ASN I 212 -37.17 -21.71 -42.99
CA ASN I 212 -37.86 -20.95 -41.95
C ASN I 212 -37.72 -19.45 -42.23
N HIS I 213 -38.84 -18.77 -42.45
CA HIS I 213 -38.91 -17.32 -42.67
C HIS I 213 -39.78 -16.70 -41.57
N LYS I 214 -39.14 -16.37 -40.45
CA LYS I 214 -39.87 -15.78 -39.34
C LYS I 214 -40.57 -14.46 -39.63
N PRO I 215 -40.05 -13.55 -40.47
CA PRO I 215 -40.80 -12.33 -40.78
C PRO I 215 -42.21 -12.58 -41.30
N SER I 216 -42.43 -13.68 -42.03
CA SER I 216 -43.77 -14.07 -42.45
C SER I 216 -44.24 -15.34 -41.75
N ASN I 217 -43.50 -15.80 -40.74
CA ASN I 217 -43.86 -16.99 -39.95
C ASN I 217 -44.03 -18.24 -40.82
N THR I 218 -43.24 -18.36 -41.87
CA THR I 218 -43.35 -19.48 -42.80
C THR I 218 -42.31 -20.55 -42.48
N LYS I 219 -42.76 -21.80 -42.32
CA LYS I 219 -41.89 -22.95 -42.15
C LYS I 219 -42.26 -24.01 -43.17
N VAL I 220 -41.27 -24.52 -43.91
CA VAL I 220 -41.50 -25.49 -44.96
C VAL I 220 -40.42 -26.56 -44.89
N ASP I 221 -40.84 -27.83 -44.92
CA ASP I 221 -39.94 -28.97 -45.06
C ASP I 221 -40.12 -29.53 -46.47
N LYS I 222 -39.04 -29.59 -47.24
CA LYS I 222 -39.10 -30.00 -48.63
C LYS I 222 -38.23 -31.22 -48.82
N ARG I 223 -38.82 -32.32 -49.29
CA ARG I 223 -38.04 -33.52 -49.61
C ARG I 223 -37.57 -33.45 -51.05
N VAL I 224 -36.30 -33.78 -51.26
CA VAL I 224 -35.66 -33.71 -52.57
C VAL I 224 -35.35 -35.14 -53.00
N GLU I 225 -36.00 -35.57 -54.08
CA GLU I 225 -35.85 -36.90 -54.64
C GLU I 225 -35.30 -36.81 -56.06
N PRO I 226 -34.54 -37.80 -56.50
CA PRO I 226 -34.00 -37.77 -57.87
C PRO I 226 -35.13 -37.70 -58.89
N LYS I 227 -34.92 -36.89 -59.92
CA LYS I 227 -35.90 -36.73 -60.97
C LYS I 227 -36.02 -38.00 -61.80
N SER I 228 -37.06 -38.09 -62.61
CA SER I 228 -37.34 -39.35 -63.30
C SER I 228 -37.66 -39.16 -64.78
N ASP J 1 -15.19 13.26 -42.07
CA ASP J 1 -15.09 14.51 -42.82
C ASP J 1 -13.93 14.45 -43.82
N ILE J 2 -12.90 13.67 -43.47
CA ILE J 2 -11.71 13.52 -44.29
C ILE J 2 -11.75 12.15 -44.96
N GLN J 3 -11.44 12.12 -46.27
CA GLN J 3 -11.46 10.85 -47.00
C GLN J 3 -10.31 9.96 -46.55
N MET J 4 -10.62 8.71 -46.22
CA MET J 4 -9.65 7.72 -45.79
C MET J 4 -9.57 6.65 -46.87
N THR J 5 -8.46 6.63 -47.61
CA THR J 5 -8.27 5.71 -48.73
C THR J 5 -7.43 4.53 -48.26
N GLN J 6 -8.05 3.36 -48.23
CA GLN J 6 -7.43 2.15 -47.71
C GLN J 6 -7.00 1.25 -48.86
N SER J 7 -5.85 0.60 -48.71
CA SER J 7 -5.31 -0.22 -49.76
C SER J 7 -4.42 -1.32 -49.20
N PRO J 8 -4.46 -2.52 -49.76
CA PRO J 8 -5.33 -2.97 -50.86
C PRO J 8 -6.71 -3.33 -50.36
N SER J 9 -7.76 -3.29 -51.20
CA SER J 9 -9.09 -3.66 -50.74
C SER J 9 -9.17 -5.14 -50.39
N SER J 10 -8.31 -5.96 -51.00
CA SER J 10 -8.21 -7.38 -50.69
C SER J 10 -6.75 -7.78 -50.80
N LEU J 11 -6.39 -8.85 -50.08
CA LEU J 11 -5.07 -9.42 -50.23
C LEU J 11 -5.08 -10.84 -49.71
N SER J 12 -4.31 -11.70 -50.36
CA SER J 12 -4.17 -13.09 -49.96
C SER J 12 -2.82 -13.30 -49.29
N ALA J 13 -2.80 -14.12 -48.25
CA ALA J 13 -1.58 -14.41 -47.52
C ALA J 13 -1.76 -15.73 -46.80
N SER J 14 -0.64 -16.29 -46.34
CA SER J 14 -0.63 -17.60 -45.71
C SER J 14 -0.20 -17.43 -44.25
N VAL J 15 -0.50 -18.46 -43.45
CA VAL J 15 -0.15 -18.41 -42.04
C VAL J 15 1.35 -18.23 -41.89
N GLY J 16 1.75 -17.21 -41.14
CA GLY J 16 3.14 -16.88 -40.94
C GLY J 16 3.64 -15.72 -41.79
N ASP J 17 2.92 -15.37 -42.86
CA ASP J 17 3.35 -14.26 -43.70
C ASP J 17 3.34 -12.95 -42.92
N ARG J 18 3.99 -11.94 -43.51
CA ARG J 18 3.98 -10.59 -42.98
C ARG J 18 3.05 -9.73 -43.84
N VAL J 19 2.06 -9.13 -43.20
CA VAL J 19 1.03 -8.36 -43.88
C VAL J 19 1.13 -6.90 -43.49
N THR J 20 0.90 -6.01 -44.46
CA THR J 20 0.84 -4.58 -44.19
C THR J 20 -0.32 -3.96 -44.95
N ILE J 21 -1.07 -3.11 -44.27
CA ILE J 21 -2.20 -2.39 -44.87
C ILE J 21 -1.92 -0.91 -44.72
N THR J 22 -2.46 -0.11 -45.64
CA THR J 22 -2.20 1.31 -45.68
C THR J 22 -3.50 2.10 -45.63
N CYS J 23 -3.48 3.19 -44.87
CA CYS J 23 -4.52 4.21 -44.95
C CYS J 23 -3.87 5.56 -45.20
N ARG J 24 -4.39 6.28 -46.19
CA ARG J 24 -3.92 7.61 -46.52
C ARG J 24 -5.08 8.59 -46.41
N ALA J 25 -4.85 9.71 -45.74
CA ALA J 25 -5.89 10.69 -45.47
C ALA J 25 -5.75 11.87 -46.42
N GLY J 26 -6.90 12.43 -46.81
CA GLY J 26 -6.93 13.57 -47.70
C GLY J 26 -6.28 14.82 -47.14
N GLN J 27 -6.05 14.85 -45.83
CA GLN J 27 -5.30 15.92 -45.18
C GLN J 27 -4.72 15.34 -43.91
N SER J 28 -3.80 16.08 -43.30
CA SER J 28 -3.18 15.58 -42.09
C SER J 28 -4.24 15.36 -41.02
N ILE J 29 -4.19 14.21 -40.37
CA ILE J 29 -5.06 13.89 -39.25
C ILE J 29 -4.25 13.68 -37.97
N SER J 30 -3.04 14.26 -37.93
CA SER J 30 -2.13 14.10 -36.80
C SER J 30 -1.94 12.63 -36.50
N THR J 31 -2.29 12.20 -35.28
CA THR J 31 -2.24 10.79 -34.90
C THR J 31 -3.57 10.34 -34.31
N PHE J 32 -4.68 10.92 -34.77
CA PHE J 32 -6.00 10.45 -34.37
C PHE J 32 -6.52 9.46 -35.41
N LEU J 33 -5.88 8.28 -35.40
CA LEU J 33 -6.26 7.21 -36.32
C LEU J 33 -6.32 5.90 -35.58
N ASN J 34 -7.38 5.14 -35.83
CA ASN J 34 -7.62 3.87 -35.18
C ASN J 34 -7.79 2.78 -36.23
N TRP J 35 -7.52 1.54 -35.81
CA TRP J 35 -7.65 0.36 -36.65
C TRP J 35 -8.63 -0.62 -36.02
N TYR J 36 -9.53 -1.15 -36.84
CA TYR J 36 -10.55 -2.07 -36.38
C TYR J 36 -10.46 -3.39 -37.15
N GLN J 37 -10.81 -4.48 -36.46
CA GLN J 37 -10.91 -5.81 -37.05
C GLN J 37 -12.33 -6.30 -36.91
N GLN J 38 -12.92 -6.77 -38.01
CA GLN J 38 -14.29 -7.26 -38.01
C GLN J 38 -14.31 -8.64 -38.66
N LYS J 39 -14.75 -9.64 -37.90
CA LYS J 39 -14.95 -10.98 -38.42
C LYS J 39 -16.41 -11.19 -38.78
N PRO J 40 -16.69 -12.13 -39.70
CA PRO J 40 -18.08 -12.36 -40.15
C PRO J 40 -19.10 -12.47 -39.03
N GLY J 41 -20.22 -11.77 -39.16
CA GLY J 41 -21.30 -11.83 -38.20
C GLY J 41 -21.04 -11.17 -36.87
N LYS J 42 -19.85 -10.64 -36.64
CA LYS J 42 -19.51 -9.98 -35.38
C LYS J 42 -19.43 -8.47 -35.57
N ALA J 43 -19.40 -7.77 -34.45
CA ALA J 43 -19.16 -6.33 -34.46
C ALA J 43 -17.66 -6.07 -34.50
N PRO J 44 -17.25 -4.90 -35.02
CA PRO J 44 -15.82 -4.58 -35.10
C PRO J 44 -15.14 -4.65 -33.74
N LYS J 45 -13.81 -4.80 -33.79
CA LYS J 45 -12.97 -4.93 -32.61
C LYS J 45 -11.81 -3.95 -32.73
N LEU J 46 -11.67 -3.06 -31.75
CA LEU J 46 -10.61 -2.06 -31.77
C LEU J 46 -9.26 -2.74 -31.53
N LEU J 47 -8.34 -2.59 -32.48
CA LEU J 47 -7.01 -3.17 -32.34
C LEU J 47 -5.96 -2.13 -31.99
N ILE J 48 -5.97 -0.98 -32.66
CA ILE J 48 -4.92 0.02 -32.49
C ILE J 48 -5.56 1.41 -32.49
N TYR J 49 -5.15 2.22 -31.52
CA TYR J 49 -5.59 3.61 -31.40
C TYR J 49 -4.36 4.50 -31.29
N ALA J 50 -4.57 5.80 -31.54
CA ALA J 50 -3.49 6.78 -31.53
C ALA J 50 -2.37 6.35 -32.48
N ALA J 51 -2.76 5.77 -33.61
CA ALA J 51 -1.88 5.34 -34.70
C ALA J 51 -0.97 4.17 -34.33
N SER J 52 -0.44 4.15 -33.11
CA SER J 52 0.60 3.20 -32.73
C SER J 52 0.30 2.39 -31.47
N SER J 53 -0.57 2.87 -30.59
CA SER J 53 -0.85 2.19 -29.33
C SER J 53 -1.75 0.98 -29.56
N LEU J 54 -1.43 -0.11 -28.87
CA LEU J 54 -2.07 -1.40 -29.08
C LEU J 54 -3.09 -1.67 -27.98
N GLN J 55 -4.30 -2.05 -28.38
CA GLN J 55 -5.39 -2.28 -27.44
C GLN J 55 -5.02 -3.34 -26.41
N SER J 56 -5.39 -3.08 -25.15
CA SER J 56 -5.07 -4.00 -24.07
C SER J 56 -5.67 -5.37 -24.35
N GLY J 57 -4.81 -6.38 -24.46
CA GLY J 57 -5.23 -7.74 -24.70
C GLY J 57 -5.09 -8.20 -26.13
N VAL J 58 -4.72 -7.32 -27.05
CA VAL J 58 -4.55 -7.67 -28.46
C VAL J 58 -3.16 -8.29 -28.64
N PRO J 59 -3.03 -9.35 -29.44
CA PRO J 59 -1.72 -10.00 -29.60
C PRO J 59 -0.64 -9.02 -30.05
N SER J 60 0.60 -9.34 -29.71
CA SER J 60 1.74 -8.47 -29.98
C SER J 60 2.13 -8.42 -31.45
N ARG J 61 1.66 -9.36 -32.27
CA ARG J 61 2.02 -9.34 -33.69
C ARG J 61 1.44 -8.14 -34.41
N PHE J 62 0.37 -7.54 -33.88
CA PHE J 62 -0.23 -6.37 -34.50
C PHE J 62 0.54 -5.11 -34.10
N SER J 63 0.76 -4.22 -35.07
CA SER J 63 1.42 -2.96 -34.76
C SER J 63 0.94 -1.90 -35.73
N GLY J 64 0.98 -0.65 -35.28
CA GLY J 64 0.58 0.47 -36.10
C GLY J 64 1.66 1.53 -36.12
N SER J 65 1.77 2.19 -37.27
CA SER J 65 2.71 3.29 -37.44
C SER J 65 2.05 4.36 -38.30
N GLY J 66 2.57 5.57 -38.22
CA GLY J 66 2.10 6.64 -39.08
C GLY J 66 1.79 7.94 -38.36
N SER J 67 1.81 9.02 -39.12
CA SER J 67 1.50 10.35 -38.62
C SER J 67 1.20 11.25 -39.81
N GLY J 68 0.37 12.25 -39.58
CA GLY J 68 -0.01 13.17 -40.65
C GLY J 68 -1.02 12.60 -41.61
N THR J 69 -0.55 12.05 -42.74
CA THR J 69 -1.44 11.59 -43.79
C THR J 69 -1.30 10.12 -44.16
N ASP J 70 -0.20 9.46 -43.79
CA ASP J 70 0.04 8.08 -44.18
C ASP J 70 0.23 7.20 -42.95
N PHE J 71 -0.46 6.07 -42.94
CA PHE J 71 -0.49 5.19 -41.78
C PHE J 71 -0.40 3.73 -42.23
N THR J 72 0.12 2.89 -41.36
CA THR J 72 0.33 1.48 -41.68
C THR J 72 -0.11 0.60 -40.52
N LEU J 73 -0.83 -0.47 -40.85
CA LEU J 73 -1.10 -1.54 -39.90
C LEU J 73 -0.34 -2.78 -40.36
N THR J 74 0.37 -3.41 -39.44
CA THR J 74 1.28 -4.50 -39.78
C THR J 74 1.05 -5.68 -38.85
N ILE J 75 0.87 -6.86 -39.46
CA ILE J 75 0.88 -8.13 -38.75
C ILE J 75 2.20 -8.81 -39.04
N SER J 76 2.97 -9.11 -37.99
CA SER J 76 4.30 -9.69 -38.14
C SER J 76 4.23 -11.06 -38.79
N SER J 77 3.71 -12.06 -38.07
CA SER J 77 3.45 -13.38 -38.63
C SER J 77 1.96 -13.64 -38.53
N LEU J 78 1.33 -13.88 -39.68
CA LEU J 78 -0.12 -14.04 -39.72
C LEU J 78 -0.56 -15.27 -38.93
N GLN J 79 -1.83 -15.29 -38.57
CA GLN J 79 -2.44 -16.40 -37.87
C GLN J 79 -3.76 -16.75 -38.53
N ARG J 80 -4.23 -17.97 -38.27
CA ARG J 80 -5.50 -18.41 -38.84
C ARG J 80 -6.65 -17.50 -38.39
N GLU J 81 -6.60 -17.03 -37.15
CA GLU J 81 -7.65 -16.15 -36.66
C GLU J 81 -7.54 -14.75 -37.26
N ASP J 82 -6.32 -14.26 -37.48
CA ASP J 82 -6.11 -12.89 -37.96
C ASP J 82 -6.77 -12.62 -39.31
N PHE J 83 -7.28 -13.65 -39.98
CA PHE J 83 -7.91 -13.46 -41.28
C PHE J 83 -9.27 -12.82 -41.08
N ALA J 84 -9.41 -11.57 -41.50
CA ALA J 84 -10.64 -10.81 -41.31
C ALA J 84 -10.56 -9.58 -42.19
N THR J 85 -11.55 -8.71 -42.06
CA THR J 85 -11.56 -7.42 -42.75
C THR J 85 -11.14 -6.34 -41.77
N TYR J 86 -10.34 -5.38 -42.25
CA TYR J 86 -9.76 -4.36 -41.40
C TYR J 86 -10.17 -2.99 -41.92
N TYR J 87 -10.69 -2.16 -41.02
CA TYR J 87 -11.04 -0.78 -41.34
C TYR J 87 -10.15 0.15 -40.51
N CYS J 88 -9.72 1.24 -41.12
CA CYS J 88 -9.09 2.31 -40.36
C CYS J 88 -10.09 3.46 -40.21
N GLN J 89 -9.88 4.28 -39.20
CA GLN J 89 -10.83 5.34 -38.91
C GLN J 89 -10.08 6.56 -38.39
N GLN J 90 -10.35 7.72 -39.00
CA GLN J 90 -9.77 8.97 -38.53
C GLN J 90 -10.70 9.63 -37.52
N SER J 91 -10.09 10.19 -36.47
CA SER J 91 -10.80 10.79 -35.35
C SER J 91 -10.48 12.26 -35.19
N TYR J 92 -10.02 12.91 -36.28
CA TYR J 92 -9.53 14.28 -36.23
C TYR J 92 -10.65 15.29 -36.43
N SER J 93 -11.25 15.31 -37.61
CA SER J 93 -12.44 16.08 -37.91
C SER J 93 -13.60 15.12 -38.09
N MET J 94 -14.60 15.20 -37.21
CA MET J 94 -15.76 14.31 -37.23
C MET J 94 -15.20 12.88 -37.13
N SER J 95 -15.64 11.96 -37.99
CA SER J 95 -15.18 10.58 -37.93
C SER J 95 -15.52 9.93 -39.26
N SER J 96 -14.52 9.41 -39.96
CA SER J 96 -14.72 8.67 -41.19
C SER J 96 -13.90 7.39 -41.16
N PHE J 97 -14.44 6.33 -41.75
CA PHE J 97 -13.74 5.07 -41.90
C PHE J 97 -13.12 4.93 -43.28
N GLY J 98 -12.14 4.03 -43.38
CA GLY J 98 -11.59 3.64 -44.66
C GLY J 98 -12.50 2.66 -45.37
N GLY J 99 -12.10 2.31 -46.59
CA GLY J 99 -12.89 1.38 -47.38
C GLY J 99 -12.90 -0.05 -46.84
N GLY J 100 -11.91 -0.40 -46.03
CA GLY J 100 -11.79 -1.77 -45.54
C GLY J 100 -10.82 -2.59 -46.36
N THR J 101 -10.10 -3.49 -45.69
CA THR J 101 -9.19 -4.42 -46.35
C THR J 101 -9.51 -5.83 -45.88
N LYS J 102 -9.98 -6.68 -46.81
CA LYS J 102 -10.29 -8.07 -46.51
C LYS J 102 -9.05 -8.94 -46.72
N VAL J 103 -8.67 -9.69 -45.69
CA VAL J 103 -7.49 -10.55 -45.72
C VAL J 103 -7.95 -12.00 -45.73
N GLU J 104 -7.73 -12.69 -46.84
CA GLU J 104 -8.18 -14.08 -46.99
C GLU J 104 -6.98 -15.03 -46.98
N ILE J 105 -7.29 -16.31 -46.96
CA ILE J 105 -6.32 -17.39 -46.84
C ILE J 105 -5.88 -17.86 -48.23
N LYS J 106 -4.56 -18.06 -48.38
CA LYS J 106 -4.00 -18.62 -49.59
C LYS J 106 -4.06 -20.14 -49.46
N ARG J 107 -4.91 -20.78 -50.24
CA ARG J 107 -4.84 -22.22 -50.38
C ARG J 107 -4.52 -22.59 -51.83
N THR J 108 -4.22 -23.87 -52.05
CA THR J 108 -3.95 -24.35 -53.39
C THR J 108 -5.19 -24.23 -54.26
N VAL J 109 -4.97 -24.10 -55.58
CA VAL J 109 -6.10 -23.95 -56.49
C VAL J 109 -6.96 -25.19 -56.44
N ALA J 110 -8.27 -24.99 -56.43
CA ALA J 110 -9.24 -26.07 -56.42
C ALA J 110 -10.27 -25.77 -57.49
N ALA J 111 -10.45 -26.69 -58.42
CA ALA J 111 -11.43 -26.49 -59.47
C ALA J 111 -12.84 -26.64 -58.89
N PRO J 112 -13.81 -25.91 -59.43
CA PRO J 112 -15.18 -26.03 -58.94
C PRO J 112 -15.83 -27.32 -59.42
N SER J 113 -16.72 -27.85 -58.58
CA SER J 113 -17.67 -28.88 -59.01
C SER J 113 -18.91 -28.17 -59.55
N VAL J 114 -19.24 -28.44 -60.80
CA VAL J 114 -20.31 -27.72 -61.50
C VAL J 114 -21.52 -28.62 -61.60
N PHE J 115 -22.67 -28.12 -61.12
CA PHE J 115 -23.95 -28.79 -61.22
C PHE J 115 -24.97 -27.82 -61.79
N ILE J 116 -25.92 -28.35 -62.55
CA ILE J 116 -27.00 -27.55 -63.11
C ILE J 116 -28.34 -28.14 -62.67
N PHE J 117 -29.26 -27.27 -62.25
CA PHE J 117 -30.57 -27.68 -61.79
C PHE J 117 -31.66 -27.09 -62.68
N PRO J 118 -32.44 -27.90 -63.38
CA PRO J 118 -33.58 -27.38 -64.15
C PRO J 118 -34.64 -26.82 -63.21
N PRO J 119 -35.51 -25.94 -63.71
CA PRO J 119 -36.58 -25.40 -62.86
C PRO J 119 -37.58 -26.49 -62.46
N SER J 120 -37.93 -26.51 -61.17
CA SER J 120 -38.90 -27.48 -60.69
C SER J 120 -40.26 -27.22 -61.32
N ASP J 121 -41.01 -28.29 -61.57
CA ASP J 121 -42.33 -28.14 -62.18
C ASP J 121 -43.28 -27.39 -61.26
N GLU J 122 -43.11 -27.52 -59.94
CA GLU J 122 -43.92 -26.75 -59.00
C GLU J 122 -43.74 -25.26 -59.23
N GLN J 123 -42.52 -24.83 -59.55
CA GLN J 123 -42.26 -23.43 -59.85
C GLN J 123 -42.76 -23.07 -61.24
N LEU J 124 -42.59 -23.98 -62.21
CA LEU J 124 -43.10 -23.74 -63.55
C LEU J 124 -44.62 -23.54 -63.54
N LYS J 125 -45.31 -24.14 -62.58
CA LYS J 125 -46.74 -23.89 -62.42
C LYS J 125 -47.01 -22.43 -62.07
N SER J 126 -46.06 -21.77 -61.40
CA SER J 126 -46.22 -20.38 -60.99
C SER J 126 -45.93 -19.39 -62.12
N GLY J 127 -45.37 -19.84 -63.23
CA GLY J 127 -45.09 -18.97 -64.35
C GLY J 127 -43.68 -18.42 -64.42
N THR J 128 -42.75 -18.94 -63.62
CA THR J 128 -41.38 -18.45 -63.60
C THR J 128 -40.44 -19.65 -63.58
N ALA J 129 -39.37 -19.57 -64.36
CA ALA J 129 -38.36 -20.62 -64.42
C ALA J 129 -37.06 -20.10 -63.80
N SER J 130 -36.55 -20.84 -62.82
CA SER J 130 -35.26 -20.53 -62.20
C SER J 130 -34.32 -21.71 -62.40
N VAL J 131 -33.28 -21.51 -63.21
CA VAL J 131 -32.25 -22.51 -63.44
C VAL J 131 -31.04 -22.15 -62.60
N VAL J 132 -30.58 -23.09 -61.78
CA VAL J 132 -29.49 -22.85 -60.82
C VAL J 132 -28.25 -23.59 -61.29
N CYS J 133 -27.14 -22.86 -61.38
CA CYS J 133 -25.83 -23.41 -61.64
C CYS J 133 -24.99 -23.28 -60.38
N LEU J 134 -24.43 -24.39 -59.91
CA LEU J 134 -23.68 -24.43 -58.67
C LEU J 134 -22.21 -24.71 -58.95
N LEU J 135 -21.34 -23.86 -58.41
CA LEU J 135 -19.89 -24.04 -58.45
C LEU J 135 -19.46 -24.34 -57.02
N ASN J 136 -19.06 -25.58 -56.77
CA ASN J 136 -18.88 -26.07 -55.42
C ASN J 136 -17.40 -26.19 -55.06
N ASN J 137 -17.02 -25.56 -53.95
CA ASN J 137 -15.74 -25.78 -53.28
C ASN J 137 -14.55 -25.54 -54.23
N PHE J 138 -14.38 -24.28 -54.60
CA PHE J 138 -13.29 -23.88 -55.49
C PHE J 138 -12.42 -22.83 -54.83
N TYR J 139 -11.24 -22.61 -55.43
CA TYR J 139 -10.33 -21.55 -55.01
C TYR J 139 -9.39 -21.26 -56.16
N PRO J 140 -9.05 -20.00 -56.44
CA PRO J 140 -9.50 -18.78 -55.74
C PRO J 140 -10.92 -18.34 -56.06
N ARG J 141 -11.34 -17.21 -55.48
CA ARG J 141 -12.74 -16.79 -55.57
C ARG J 141 -13.12 -16.37 -56.98
N GLU J 142 -12.18 -15.91 -57.78
CA GLU J 142 -12.49 -15.44 -59.12
C GLU J 142 -13.00 -16.59 -59.97
N ALA J 143 -14.23 -16.44 -60.47
CA ALA J 143 -14.87 -17.44 -61.30
C ALA J 143 -15.88 -16.77 -62.19
N LYS J 144 -15.98 -17.23 -63.43
CA LYS J 144 -16.91 -16.71 -64.41
C LYS J 144 -17.95 -17.77 -64.75
N VAL J 145 -19.22 -17.40 -64.65
CA VAL J 145 -20.34 -18.25 -65.03
C VAL J 145 -20.99 -17.65 -66.27
N GLN J 146 -21.04 -18.43 -67.35
CA GLN J 146 -21.63 -17.98 -68.61
C GLN J 146 -22.84 -18.85 -68.92
N TRP J 147 -24.01 -18.24 -68.94
CA TRP J 147 -25.24 -18.93 -69.30
C TRP J 147 -25.42 -18.95 -70.81
N LYS J 148 -25.66 -20.13 -71.36
CA LYS J 148 -25.90 -20.30 -72.78
C LYS J 148 -27.24 -21.00 -72.97
N VAL J 149 -28.13 -20.38 -73.75
CA VAL J 149 -29.47 -20.89 -74.00
C VAL J 149 -29.59 -21.09 -75.50
N ASP J 150 -29.69 -22.36 -75.92
CA ASP J 150 -29.54 -22.73 -77.33
C ASP J 150 -28.27 -22.11 -77.92
N ASN J 151 -27.19 -22.20 -77.15
CA ASN J 151 -25.85 -21.72 -77.51
C ASN J 151 -25.78 -20.19 -77.59
N ALA J 152 -26.85 -19.49 -77.22
CA ALA J 152 -26.84 -18.03 -77.20
C ALA J 152 -26.39 -17.56 -75.82
N LEU J 153 -25.33 -16.77 -75.78
CA LEU J 153 -24.77 -16.32 -74.50
C LEU J 153 -25.73 -15.33 -73.85
N GLN J 154 -26.09 -15.60 -72.59
CA GLN J 154 -27.07 -14.82 -71.86
C GLN J 154 -26.37 -13.83 -70.93
N SER J 155 -26.88 -12.59 -70.91
CA SER J 155 -26.57 -11.66 -69.83
C SER J 155 -27.82 -10.86 -69.50
N GLY J 156 -27.87 -10.37 -68.26
CA GLY J 156 -28.96 -9.53 -67.81
C GLY J 156 -30.03 -10.23 -66.99
N ASN J 157 -30.00 -11.56 -66.91
CA ASN J 157 -31.05 -12.30 -66.22
C ASN J 157 -30.49 -13.37 -65.30
N SER J 158 -29.32 -13.12 -64.72
CA SER J 158 -28.75 -14.02 -63.73
C SER J 158 -28.19 -13.20 -62.59
N GLN J 159 -28.08 -13.85 -61.42
CA GLN J 159 -27.48 -13.24 -60.25
C GLN J 159 -26.62 -14.27 -59.55
N GLU J 160 -25.56 -13.81 -58.90
CA GLU J 160 -24.61 -14.68 -58.24
C GLU J 160 -24.64 -14.44 -56.74
N SER J 161 -24.19 -15.45 -56.01
CA SER J 161 -24.03 -15.37 -54.57
C SER J 161 -22.81 -16.22 -54.23
N VAL J 162 -21.93 -15.68 -53.40
CA VAL J 162 -20.69 -16.37 -53.03
C VAL J 162 -20.66 -16.53 -51.52
N THR J 163 -20.33 -17.73 -51.07
CA THR J 163 -20.26 -18.00 -49.64
C THR J 163 -19.05 -17.30 -49.04
N GLU J 164 -19.08 -17.12 -47.73
CA GLU J 164 -17.87 -16.77 -47.02
C GLU J 164 -16.87 -17.91 -47.14
N GLN J 165 -15.59 -17.58 -47.17
CA GLN J 165 -14.57 -18.59 -47.29
C GLN J 165 -14.73 -19.60 -46.17
N ASP J 166 -14.78 -20.88 -46.55
CA ASP J 166 -15.10 -21.92 -45.56
C ASP J 166 -13.96 -22.01 -44.56
N SER J 167 -14.33 -22.01 -43.27
CA SER J 167 -13.37 -22.00 -42.18
C SER J 167 -12.59 -23.31 -42.06
N LYS J 168 -12.95 -24.33 -42.84
CA LYS J 168 -12.25 -25.62 -42.78
C LYS J 168 -11.39 -25.82 -44.01
N ASP J 169 -11.97 -26.04 -45.19
CA ASP J 169 -11.20 -26.34 -46.40
C ASP J 169 -10.80 -25.10 -47.20
N SER J 170 -11.14 -23.89 -46.72
CA SER J 170 -10.67 -22.63 -47.28
C SER J 170 -11.17 -22.37 -48.70
N THR J 171 -12.29 -22.94 -49.09
CA THR J 171 -12.80 -22.77 -50.44
C THR J 171 -14.02 -21.86 -50.46
N TYR J 172 -14.39 -21.45 -51.67
CA TYR J 172 -15.59 -20.67 -51.92
C TYR J 172 -16.60 -21.53 -52.69
N SER J 173 -17.86 -21.11 -52.64
CA SER J 173 -18.91 -21.73 -53.42
C SER J 173 -19.79 -20.63 -53.99
N LEU J 174 -20.31 -20.87 -55.19
CA LEU J 174 -21.06 -19.86 -55.92
C LEU J 174 -22.36 -20.46 -56.44
N SER J 175 -23.43 -19.69 -56.34
CA SER J 175 -24.74 -20.07 -56.87
C SER J 175 -25.19 -19.00 -57.85
N SER J 176 -25.30 -19.38 -59.12
CA SER J 176 -25.80 -18.49 -60.16
C SER J 176 -27.18 -18.96 -60.57
N THR J 177 -28.14 -18.05 -60.52
CA THR J 177 -29.54 -18.36 -60.80
C THR J 177 -29.96 -17.64 -62.07
N LEU J 178 -30.26 -18.40 -63.11
CA LEU J 178 -30.82 -17.85 -64.34
C LEU J 178 -32.34 -17.86 -64.22
N THR J 179 -32.96 -16.69 -64.38
CA THR J 179 -34.39 -16.53 -64.15
C THR J 179 -35.04 -16.10 -65.44
N LEU J 180 -35.95 -16.94 -65.95
CA LEU J 180 -36.75 -16.63 -67.13
C LEU J 180 -38.22 -16.82 -66.80
N SER J 181 -39.07 -16.22 -67.63
CA SER J 181 -40.48 -16.49 -67.57
C SER J 181 -40.76 -17.92 -68.07
N LYS J 182 -41.91 -18.46 -67.65
CA LYS J 182 -42.27 -19.81 -68.08
C LYS J 182 -42.38 -19.90 -69.59
N ALA J 183 -43.01 -18.91 -70.22
CA ALA J 183 -43.19 -18.92 -71.67
C ALA J 183 -41.85 -18.87 -72.39
N ASP J 184 -40.97 -17.97 -71.95
CA ASP J 184 -39.65 -17.86 -72.57
C ASP J 184 -38.83 -19.13 -72.38
N TYR J 185 -38.96 -19.76 -71.21
CA TYR J 185 -38.22 -21.00 -70.94
C TYR J 185 -38.55 -22.09 -71.94
N GLU J 186 -39.81 -22.21 -72.31
CA GLU J 186 -40.26 -23.28 -73.19
C GLU J 186 -40.01 -23.01 -74.67
N LYS J 187 -39.36 -21.90 -75.01
CA LYS J 187 -38.98 -21.61 -76.38
C LYS J 187 -37.64 -22.24 -76.77
N HIS J 188 -36.88 -22.75 -75.82
CA HIS J 188 -35.52 -23.20 -76.07
C HIS J 188 -35.30 -24.59 -75.50
N LYS J 189 -34.30 -25.28 -76.03
CA LYS J 189 -34.02 -26.67 -75.68
C LYS J 189 -32.78 -26.83 -74.81
N VAL J 190 -31.64 -26.28 -75.23
CA VAL J 190 -30.36 -26.53 -74.59
C VAL J 190 -30.08 -25.39 -73.61
N TYR J 191 -29.98 -25.73 -72.32
CA TYR J 191 -29.61 -24.80 -71.27
C TYR J 191 -28.31 -25.26 -70.66
N ALA J 192 -27.30 -24.38 -70.68
CA ALA J 192 -25.97 -24.71 -70.20
C ALA J 192 -25.40 -23.53 -69.42
N CYS J 193 -24.61 -23.83 -68.40
CA CYS J 193 -23.74 -22.85 -67.77
C CYS J 193 -22.29 -23.24 -68.03
N GLU J 194 -21.53 -22.33 -68.63
CA GLU J 194 -20.13 -22.54 -68.97
C GLU J 194 -19.28 -21.90 -67.87
N VAL J 195 -18.54 -22.71 -67.14
CA VAL J 195 -17.77 -22.27 -65.99
C VAL J 195 -16.30 -22.22 -66.38
N THR J 196 -15.71 -21.03 -66.33
CA THR J 196 -14.28 -20.87 -66.53
C THR J 196 -13.66 -20.50 -65.19
N HIS J 197 -12.60 -21.22 -64.83
CA HIS J 197 -11.94 -21.01 -63.54
C HIS J 197 -10.52 -21.55 -63.66
N GLN J 198 -9.64 -20.99 -62.81
CA GLN J 198 -8.20 -21.27 -62.94
C GLN J 198 -7.88 -22.75 -62.81
N GLY J 199 -8.64 -23.47 -61.99
CA GLY J 199 -8.39 -24.89 -61.82
C GLY J 199 -8.77 -25.76 -63.01
N LEU J 200 -9.33 -25.15 -64.06
CA LEU J 200 -9.79 -25.88 -65.23
C LEU J 200 -8.90 -25.52 -66.42
N SER J 201 -8.34 -26.56 -67.07
CA SER J 201 -7.53 -26.32 -68.26
C SER J 201 -8.37 -25.76 -69.39
N SER J 202 -9.65 -26.07 -69.41
CA SER J 202 -10.60 -25.52 -70.38
C SER J 202 -11.94 -25.35 -69.66
N PRO J 203 -12.79 -24.46 -70.17
CA PRO J 203 -14.08 -24.22 -69.51
C PRO J 203 -14.96 -25.46 -69.46
N VAL J 204 -15.60 -25.67 -68.32
CA VAL J 204 -16.52 -26.78 -68.12
C VAL J 204 -17.95 -26.30 -68.42
N THR J 205 -18.66 -27.06 -69.23
CA THR J 205 -20.04 -26.76 -69.58
C THR J 205 -20.94 -27.89 -69.09
N LYS J 206 -21.85 -27.56 -68.19
CA LYS J 206 -22.92 -28.46 -67.75
C LYS J 206 -24.23 -28.01 -68.38
N SER J 207 -24.93 -28.95 -69.01
CA SER J 207 -26.12 -28.60 -69.77
C SER J 207 -27.19 -29.66 -69.56
N PHE J 208 -28.42 -29.28 -69.92
CA PHE J 208 -29.53 -30.22 -70.03
C PHE J 208 -30.42 -29.77 -71.18
N ASN J 209 -31.20 -30.71 -71.69
CA ASN J 209 -32.22 -30.42 -72.69
C ASN J 209 -33.58 -30.40 -72.01
N ARG J 210 -34.34 -29.33 -72.24
CA ARG J 210 -35.64 -29.17 -71.58
C ARG J 210 -36.58 -30.31 -71.94
N GLY J 211 -37.00 -31.07 -70.93
CA GLY J 211 -37.97 -32.13 -71.15
C GLY J 211 -37.40 -33.49 -71.49
N GLU J 212 -36.28 -33.85 -70.89
CA GLU J 212 -35.67 -35.15 -71.15
C GLU J 212 -35.18 -35.83 -69.88
N GLN K 1 -8.07 -18.67 15.98
CA GLN K 1 -8.30 -19.67 17.01
C GLN K 1 -8.31 -21.09 16.44
N VAL K 2 -7.18 -21.49 15.87
CA VAL K 2 -7.00 -22.84 15.34
C VAL K 2 -7.24 -23.87 16.43
N GLN K 3 -8.34 -24.62 16.32
CA GLN K 3 -8.71 -25.60 17.34
C GLN K 3 -8.98 -26.96 16.72
N LEU K 4 -8.53 -28.01 17.41
CA LEU K 4 -8.77 -29.39 17.04
C LEU K 4 -9.31 -30.14 18.24
N VAL K 5 -10.37 -30.93 18.05
CA VAL K 5 -11.04 -31.63 19.14
C VAL K 5 -11.29 -33.06 18.70
N GLU K 6 -10.62 -34.02 19.36
CA GLU K 6 -10.83 -35.43 19.06
C GLU K 6 -12.05 -35.96 19.82
N SER K 7 -12.79 -36.85 19.18
CA SER K 7 -13.93 -37.50 19.78
C SER K 7 -13.89 -38.99 19.47
N GLY K 8 -14.79 -39.73 20.10
CA GLY K 8 -14.79 -41.17 19.97
C GLY K 8 -13.62 -41.76 20.72
N GLY K 9 -13.62 -43.08 20.89
CA GLY K 9 -12.56 -43.70 21.66
C GLY K 9 -12.91 -43.95 23.10
N GLY K 10 -12.47 -45.09 23.60
CA GLY K 10 -12.75 -45.55 24.95
C GLY K 10 -12.39 -47.00 25.07
N LEU K 11 -13.29 -47.82 25.61
CA LEU K 11 -13.04 -49.24 25.80
C LEU K 11 -13.56 -50.02 24.61
N VAL K 12 -12.71 -50.84 24.01
CA VAL K 12 -13.07 -51.70 22.89
C VAL K 12 -12.37 -53.04 23.05
N LYS K 13 -13.08 -54.11 22.69
CA LYS K 13 -12.55 -55.45 22.90
C LYS K 13 -11.44 -55.75 21.91
N PRO K 14 -10.52 -56.66 22.26
CA PRO K 14 -9.48 -57.04 21.30
C PRO K 14 -10.05 -57.69 20.06
N GLY K 15 -9.47 -57.36 18.91
CA GLY K 15 -10.02 -57.76 17.63
C GLY K 15 -11.22 -56.94 17.18
N GLY K 16 -11.57 -55.88 17.91
CA GLY K 16 -12.73 -55.09 17.59
C GLY K 16 -12.38 -53.88 16.75
N SER K 17 -13.39 -53.03 16.54
CA SER K 17 -13.24 -51.86 15.69
C SER K 17 -13.66 -50.61 16.47
N LEU K 18 -13.12 -49.47 16.04
CA LEU K 18 -13.44 -48.19 16.64
C LEU K 18 -13.04 -47.09 15.66
N ARG K 19 -13.86 -46.03 15.60
CA ARG K 19 -13.57 -44.91 14.71
C ARG K 19 -13.44 -43.64 15.53
N LEU K 20 -12.39 -42.88 15.25
CA LEU K 20 -12.10 -41.63 15.94
C LEU K 20 -12.39 -40.46 15.02
N SER K 21 -12.91 -39.39 15.60
CA SER K 21 -13.19 -38.15 14.88
C SER K 21 -12.27 -37.05 15.40
N CYS K 22 -12.09 -36.02 14.58
CA CYS K 22 -11.28 -34.86 14.94
C CYS K 22 -11.92 -33.63 14.31
N ALA K 23 -12.53 -32.79 15.13
CA ALA K 23 -13.25 -31.62 14.66
C ALA K 23 -12.28 -30.44 14.53
N ALA K 24 -12.25 -29.84 13.35
CA ALA K 24 -11.35 -28.73 13.05
C ALA K 24 -12.11 -27.42 13.02
N SER K 25 -11.47 -26.35 13.51
CA SER K 25 -12.08 -25.04 13.57
C SER K 25 -11.00 -23.98 13.50
N GLY K 26 -11.38 -22.79 13.02
CA GLY K 26 -10.46 -21.68 12.99
C GLY K 26 -9.50 -21.66 11.82
N PHE K 27 -9.65 -22.58 10.86
CA PHE K 27 -8.80 -22.59 9.68
C PHE K 27 -9.54 -23.31 8.57
N THR K 28 -9.07 -23.09 7.33
CA THR K 28 -9.68 -23.71 6.15
C THR K 28 -9.22 -25.16 6.09
N PHE K 29 -10.11 -26.05 6.54
CA PHE K 29 -9.76 -27.46 6.70
C PHE K 29 -9.27 -28.11 5.42
N ARG K 30 -9.88 -27.80 4.28
CA ARG K 30 -9.62 -28.57 3.08
C ARG K 30 -8.24 -28.29 2.47
N TYR K 31 -7.47 -27.35 3.02
CA TYR K 31 -6.16 -27.02 2.48
C TYR K 31 -5.02 -27.49 3.38
N ALA K 32 -5.32 -28.11 4.51
CA ALA K 32 -4.32 -28.50 5.48
C ALA K 32 -4.15 -30.01 5.46
N TRP K 33 -2.90 -30.45 5.54
CA TRP K 33 -2.63 -31.86 5.77
C TRP K 33 -2.91 -32.18 7.23
N MET K 34 -3.46 -33.36 7.48
CA MET K 34 -3.77 -33.82 8.83
C MET K 34 -3.03 -35.11 9.12
N ASN K 35 -2.52 -35.22 10.34
CA ASN K 35 -1.81 -36.43 10.78
C ASN K 35 -2.35 -36.88 12.13
N TRP K 36 -2.27 -38.19 12.35
CA TRP K 36 -2.60 -38.80 13.63
C TRP K 36 -1.30 -39.23 14.32
N VAL K 37 -1.16 -38.89 15.60
CA VAL K 37 -0.04 -39.31 16.42
C VAL K 37 -0.60 -39.83 17.73
N ARG K 38 -0.15 -41.02 18.14
CA ARG K 38 -0.61 -41.64 19.37
C ARG K 38 0.53 -41.74 20.36
N GLN K 39 0.17 -41.93 21.63
CA GLN K 39 1.14 -42.04 22.72
C GLN K 39 0.61 -43.02 23.75
N ALA K 40 1.27 -44.17 23.86
CA ALA K 40 0.92 -45.13 24.89
C ALA K 40 1.17 -44.54 26.27
N PRO K 41 0.44 -45.00 27.29
CA PRO K 41 0.62 -44.47 28.65
C PRO K 41 2.06 -44.64 29.13
N GLY K 42 2.70 -43.53 29.45
CA GLY K 42 4.06 -43.53 29.91
C GLY K 42 5.12 -43.81 28.86
N LYS K 43 4.74 -43.94 27.59
CA LYS K 43 5.67 -44.19 26.51
C LYS K 43 5.85 -42.92 25.66
N GLY K 44 6.60 -43.05 24.57
CA GLY K 44 6.87 -41.94 23.70
C GLY K 44 5.79 -41.72 22.66
N LEU K 45 6.01 -40.72 21.83
CA LEU K 45 5.11 -40.42 20.72
C LEU K 45 5.35 -41.39 19.57
N GLU K 46 4.27 -41.78 18.90
CA GLU K 46 4.36 -42.65 17.73
C GLU K 46 3.43 -42.12 16.65
N TRP K 47 3.99 -41.87 15.47
CA TRP K 47 3.20 -41.42 14.35
C TRP K 47 2.30 -42.54 13.83
N VAL K 48 1.01 -42.24 13.65
CA VAL K 48 0.04 -43.21 13.18
C VAL K 48 -0.17 -43.12 11.67
N GLY K 49 -0.46 -41.93 11.16
CA GLY K 49 -0.65 -41.80 9.74
C GLY K 49 -0.87 -40.35 9.32
N ARG K 50 -1.07 -40.17 8.02
CA ARG K 50 -1.12 -38.86 7.39
C ARG K 50 -2.05 -38.88 6.20
N ILE K 51 -2.79 -37.79 6.01
CA ILE K 51 -3.58 -37.56 4.80
C ILE K 51 -3.32 -36.14 4.31
N ARG K 52 -3.12 -35.99 3.01
CA ARG K 52 -2.83 -34.69 2.42
C ARG K 52 -4.14 -33.98 2.05
N SER K 53 -4.03 -32.67 1.83
CA SER K 53 -5.17 -31.93 1.32
C SER K 53 -5.56 -32.46 -0.06
N LYS K 54 -6.83 -32.24 -0.44
CA LYS K 54 -7.29 -32.73 -1.73
C LYS K 54 -6.56 -32.06 -2.88
N THR K 55 -6.21 -30.78 -2.73
CA THR K 55 -5.48 -30.10 -3.80
C THR K 55 -4.10 -30.70 -4.02
N ASP K 56 -3.52 -31.34 -3.00
CA ASP K 56 -2.24 -32.01 -3.12
C ASP K 56 -2.36 -33.50 -3.37
N GLY K 57 -3.56 -34.01 -3.66
CA GLY K 57 -3.77 -35.40 -4.03
C GLY K 57 -4.59 -36.21 -3.04
N GLU K 58 -4.72 -35.74 -1.80
CA GLU K 58 -5.46 -36.44 -0.74
C GLU K 58 -4.91 -37.85 -0.51
N THR K 59 -3.61 -38.03 -0.66
CA THR K 59 -3.00 -39.35 -0.54
C THR K 59 -2.68 -39.65 0.92
N THR K 60 -2.84 -40.91 1.30
CA THR K 60 -2.69 -41.34 2.67
C THR K 60 -1.43 -42.19 2.85
N ASP K 61 -0.83 -42.07 4.04
CA ASP K 61 0.27 -42.92 4.47
C ASP K 61 -0.03 -43.39 5.89
N HIS K 62 0.42 -44.61 6.20
CA HIS K 62 0.19 -45.19 7.52
C HIS K 62 1.48 -45.79 8.05
N ALA K 63 1.61 -45.79 9.38
CA ALA K 63 2.81 -46.35 10.00
C ALA K 63 2.77 -47.86 9.94
N ALA K 64 3.95 -48.47 9.89
CA ALA K 64 4.06 -49.91 9.83
C ALA K 64 3.28 -50.65 10.93
N PRO K 65 3.28 -50.22 12.20
CA PRO K 65 2.51 -50.98 13.20
C PRO K 65 1.02 -51.04 12.92
N VAL K 66 0.46 -50.16 12.12
CA VAL K 66 -0.98 -50.11 11.91
C VAL K 66 -1.40 -50.32 10.46
N LYS K 67 -0.45 -50.43 9.52
CA LYS K 67 -0.80 -50.53 8.11
C LYS K 67 -1.62 -51.79 7.86
N GLY K 68 -2.72 -51.63 7.11
CA GLY K 68 -3.64 -52.71 6.84
C GLY K 68 -4.75 -52.87 7.86
N ARG K 69 -4.63 -52.23 9.01
CA ARG K 69 -5.64 -52.29 10.06
C ARG K 69 -6.25 -50.93 10.38
N PHE K 70 -5.53 -49.84 10.16
CA PHE K 70 -6.04 -48.49 10.38
C PHE K 70 -6.23 -47.79 9.04
N ALA K 71 -7.25 -46.93 8.98
CA ALA K 71 -7.53 -46.17 7.77
C ALA K 71 -7.81 -44.72 8.12
N ILE K 72 -7.15 -43.80 7.43
CA ILE K 72 -7.37 -42.37 7.61
C ILE K 72 -8.25 -41.86 6.47
N SER K 73 -9.35 -41.23 6.83
CA SER K 73 -10.21 -40.59 5.86
C SER K 73 -10.42 -39.13 6.25
N ARG K 74 -10.95 -38.37 5.31
CA ARG K 74 -11.17 -36.95 5.46
C ARG K 74 -12.56 -36.62 4.92
N ASP K 75 -13.26 -35.69 5.57
CA ASP K 75 -14.55 -35.21 5.10
C ASP K 75 -14.49 -33.69 5.16
N ASP K 76 -14.00 -33.08 4.08
CA ASP K 76 -13.84 -31.63 4.05
C ASP K 76 -15.17 -30.91 4.21
N SER K 77 -16.27 -31.55 3.83
CA SER K 77 -17.58 -30.90 3.94
C SER K 77 -17.94 -30.62 5.40
N GLU K 78 -17.56 -31.53 6.29
CA GLU K 78 -17.87 -31.41 7.71
C GLU K 78 -16.69 -30.94 8.56
N ASN K 79 -15.56 -30.61 7.93
CA ASN K 79 -14.36 -30.16 8.64
C ASN K 79 -13.96 -31.17 9.70
N THR K 80 -13.90 -32.44 9.30
CA THR K 80 -13.68 -33.54 10.22
C THR K 80 -12.63 -34.50 9.66
N LEU K 81 -11.71 -34.92 10.52
CA LEU K 81 -10.73 -35.95 10.20
C LEU K 81 -11.10 -37.22 10.94
N TYR K 82 -10.99 -38.36 10.24
CA TYR K 82 -11.39 -39.64 10.80
C TYR K 82 -10.19 -40.59 10.86
N LEU K 83 -10.30 -41.58 11.74
CA LEU K 83 -9.37 -42.70 11.81
C LEU K 83 -10.17 -43.95 12.14
N GLN K 84 -10.35 -44.81 11.16
CA GLN K 84 -11.07 -46.08 11.34
C GLN K 84 -10.05 -47.11 11.80
N MET K 85 -10.21 -47.58 13.03
CA MET K 85 -9.33 -48.60 13.58
C MET K 85 -10.03 -49.95 13.59
N ASN K 86 -9.33 -50.97 13.07
CA ASN K 86 -9.86 -52.31 12.94
C ASN K 86 -8.79 -53.29 13.40
N SER K 87 -9.23 -54.49 13.78
CA SER K 87 -8.34 -55.52 14.29
C SER K 87 -7.49 -54.96 15.43
N LEU K 88 -8.15 -54.26 16.34
CA LEU K 88 -7.45 -53.57 17.41
C LEU K 88 -6.76 -54.57 18.33
N LYS K 89 -5.59 -54.18 18.83
CA LYS K 89 -4.78 -54.97 19.73
C LYS K 89 -4.56 -54.20 21.03
N THR K 90 -3.90 -54.86 21.98
CA THR K 90 -3.61 -54.19 23.25
C THR K 90 -2.53 -53.12 23.07
N GLU K 91 -1.52 -53.39 22.23
CA GLU K 91 -0.50 -52.37 21.95
C GLU K 91 -1.07 -51.14 21.25
N ASP K 92 -2.32 -51.20 20.79
CA ASP K 92 -2.98 -50.02 20.25
C ASP K 92 -3.53 -49.09 21.32
N THR K 93 -3.50 -49.51 22.59
CA THR K 93 -3.94 -48.63 23.66
C THR K 93 -3.03 -47.42 23.75
N ALA K 94 -3.62 -46.23 23.63
CA ALA K 94 -2.86 -44.98 23.65
C ALA K 94 -3.85 -43.82 23.65
N VAL K 95 -3.31 -42.62 23.85
CA VAL K 95 -4.02 -41.38 23.58
C VAL K 95 -3.74 -40.97 22.14
N TYR K 96 -4.79 -40.73 21.36
CA TYR K 96 -4.65 -40.43 19.94
C TYR K 96 -4.86 -38.94 19.70
N TYR K 97 -3.87 -38.29 19.09
CA TYR K 97 -3.93 -36.88 18.75
C TYR K 97 -4.07 -36.72 17.24
N CYS K 98 -4.86 -35.73 16.84
CA CYS K 98 -4.86 -35.24 15.46
C CYS K 98 -4.10 -33.91 15.42
N THR K 99 -3.31 -33.73 14.36
CA THR K 99 -2.44 -32.57 14.22
C THR K 99 -2.53 -32.03 12.79
N THR K 100 -2.34 -30.71 12.66
CA THR K 100 -2.23 -30.06 11.37
C THR K 100 -0.85 -29.44 11.26
N ASP K 101 -0.40 -29.25 10.01
CA ASP K 101 0.98 -28.88 9.78
C ASP K 101 1.20 -27.37 9.96
N TRP K 102 2.47 -26.99 10.04
CA TRP K 102 2.88 -25.63 10.34
C TRP K 102 2.73 -24.76 9.10
N VAL K 103 1.93 -23.70 9.20
CA VAL K 103 1.72 -22.78 8.08
C VAL K 103 1.54 -21.38 8.62
N ARG K 104 2.54 -20.53 8.39
CA ARG K 104 2.52 -19.12 8.80
C ARG K 104 2.52 -18.23 7.56
N GLY K 105 1.40 -18.21 6.87
CA GLY K 105 1.25 -17.34 5.71
C GLY K 105 1.76 -17.99 4.45
N THR K 106 2.63 -17.29 3.73
CA THR K 106 3.27 -17.89 2.57
C THR K 106 4.32 -18.92 2.97
N LEU K 107 4.69 -18.98 4.25
CA LEU K 107 5.62 -20.00 4.72
C LEU K 107 4.87 -21.29 5.04
N LEU K 108 5.52 -22.42 4.73
CA LEU K 108 4.92 -23.72 4.94
C LEU K 108 6.01 -24.75 5.19
N GLU K 109 5.79 -25.59 6.20
CA GLU K 109 6.69 -26.69 6.53
C GLU K 109 5.83 -27.91 6.88
N HIS K 110 5.61 -28.78 5.89
CA HIS K 110 4.76 -29.94 6.12
C HIS K 110 5.37 -30.87 7.16
N ASP K 111 4.49 -31.63 7.82
CA ASP K 111 4.85 -32.62 8.84
C ASP K 111 5.51 -32.00 10.07
N ALA K 112 5.42 -30.68 10.22
CA ALA K 112 5.77 -30.00 11.46
C ALA K 112 4.45 -29.69 12.17
N TYR K 113 4.10 -30.51 13.16
CA TYR K 113 2.84 -30.39 13.87
C TYR K 113 2.91 -29.23 14.86
N ASP K 114 2.21 -28.14 14.58
CA ASP K 114 2.18 -27.02 15.50
C ASP K 114 0.84 -26.86 16.21
N VAL K 115 -0.23 -27.48 15.72
CA VAL K 115 -1.54 -27.43 16.37
C VAL K 115 -1.94 -28.86 16.69
N TRP K 116 -2.05 -29.17 17.98
CA TRP K 116 -2.45 -30.48 18.45
C TRP K 116 -3.80 -30.39 19.14
N GLY K 117 -4.53 -31.49 19.14
CA GLY K 117 -5.75 -31.58 19.91
C GLY K 117 -5.47 -31.98 21.34
N GLN K 118 -6.53 -32.08 22.13
CA GLN K 118 -6.36 -32.52 23.50
C GLN K 118 -6.07 -34.01 23.59
N GLY K 119 -6.43 -34.77 22.55
CA GLY K 119 -6.23 -36.20 22.54
C GLY K 119 -7.40 -36.95 23.14
N THR K 120 -7.72 -38.11 22.56
CA THR K 120 -8.72 -39.01 23.12
C THR K 120 -8.06 -40.34 23.46
N MET K 121 -8.55 -40.98 24.51
CA MET K 121 -7.96 -42.23 25.00
C MET K 121 -8.66 -43.42 24.38
N VAL K 122 -7.87 -44.39 23.94
CA VAL K 122 -8.37 -45.66 23.44
C VAL K 122 -7.76 -46.77 24.29
N THR K 123 -8.62 -47.55 24.93
CA THR K 123 -8.19 -48.67 25.76
C THR K 123 -8.72 -49.95 25.14
N VAL K 124 -7.82 -50.84 24.74
CA VAL K 124 -8.17 -52.10 24.09
C VAL K 124 -7.81 -53.22 25.06
N SER K 125 -8.82 -53.75 25.75
CA SER K 125 -8.61 -54.83 26.69
C SER K 125 -9.74 -55.85 26.56
N SER K 126 -9.42 -57.09 26.89
CA SER K 126 -10.41 -58.16 26.94
C SER K 126 -11.15 -58.20 28.28
N ALA K 127 -10.79 -57.32 29.21
CA ALA K 127 -11.36 -57.34 30.54
C ALA K 127 -12.77 -56.77 30.52
N SER K 128 -13.35 -56.59 31.70
CA SER K 128 -14.66 -56.01 31.88
C SER K 128 -14.55 -55.05 33.05
N THR K 129 -15.48 -54.11 33.14
CA THR K 129 -15.45 -53.16 34.24
C THR K 129 -15.58 -53.91 35.56
N LYS K 130 -14.62 -53.70 36.44
CA LYS K 130 -14.58 -54.37 37.74
C LYS K 130 -14.10 -53.38 38.77
N GLY K 131 -14.79 -53.34 39.91
CA GLY K 131 -14.42 -52.47 41.00
C GLY K 131 -13.23 -53.01 41.76
N PRO K 132 -12.47 -52.11 42.38
CA PRO K 132 -11.24 -52.53 43.06
C PRO K 132 -11.50 -53.04 44.46
N SER K 133 -10.62 -53.94 44.89
CA SER K 133 -10.54 -54.35 46.29
C SER K 133 -9.51 -53.47 46.97
N VAL K 134 -9.86 -52.94 48.14
CA VAL K 134 -8.99 -52.02 48.87
C VAL K 134 -8.55 -52.70 50.16
N PHE K 135 -7.24 -52.82 50.32
CA PHE K 135 -6.65 -53.49 51.47
C PHE K 135 -5.74 -52.54 52.24
N PRO K 136 -5.61 -52.71 53.55
CA PRO K 136 -4.78 -51.79 54.34
C PRO K 136 -3.31 -52.19 54.33
N LEU K 137 -2.46 -51.16 54.29
CA LEU K 137 -1.01 -51.32 54.45
C LEU K 137 -0.69 -50.78 55.84
N ALA K 138 -0.75 -51.67 56.83
CA ALA K 138 -0.71 -51.24 58.22
C ALA K 138 0.70 -50.85 58.64
N PRO K 139 0.85 -49.84 59.50
CA PRO K 139 2.18 -49.48 60.02
C PRO K 139 2.63 -50.52 61.05
N SER K 140 3.77 -51.14 60.79
CA SER K 140 4.27 -52.22 61.63
C SER K 140 4.92 -51.72 62.93
N GLY K 147 10.42 -42.40 64.50
CA GLY K 147 9.88 -41.07 64.68
C GLY K 147 8.70 -40.80 63.78
N THR K 148 8.78 -41.29 62.54
CA THR K 148 7.71 -41.15 61.56
C THR K 148 7.40 -42.54 60.99
N ALA K 149 6.11 -42.88 60.98
CA ALA K 149 5.65 -44.15 60.43
C ALA K 149 4.91 -43.92 59.12
N ALA K 150 4.81 -44.98 58.32
CA ALA K 150 4.17 -44.92 57.03
C ALA K 150 3.07 -45.97 56.92
N LEU K 151 1.95 -45.58 56.33
CA LEU K 151 0.82 -46.47 56.12
C LEU K 151 0.13 -46.09 54.81
N GLY K 152 -0.73 -46.98 54.33
CA GLY K 152 -1.38 -46.70 53.06
C GLY K 152 -2.44 -47.73 52.72
N CYS K 153 -2.85 -47.70 51.45
CA CYS K 153 -3.94 -48.51 50.93
C CYS K 153 -3.51 -49.15 49.62
N LEU K 154 -4.03 -50.36 49.37
CA LEU K 154 -3.75 -51.11 48.15
C LEU K 154 -5.05 -51.20 47.35
N VAL K 155 -5.08 -50.54 46.21
CA VAL K 155 -6.25 -50.54 45.32
C VAL K 155 -5.94 -51.55 44.23
N LYS K 156 -6.41 -52.78 44.43
CA LYS K 156 -5.99 -53.92 43.60
C LYS K 156 -7.16 -54.42 42.75
N ASP K 157 -6.83 -54.82 41.51
CA ASP K 157 -7.70 -55.60 40.64
C ASP K 157 -8.94 -54.83 40.21
N TYR K 158 -8.77 -53.72 39.49
CA TYR K 158 -9.88 -52.95 38.95
C TYR K 158 -9.69 -52.75 37.46
N PHE K 159 -10.76 -52.28 36.80
CA PHE K 159 -10.72 -51.93 35.38
C PHE K 159 -11.96 -51.13 35.05
N PRO K 160 -11.87 -50.11 34.19
CA PRO K 160 -10.66 -49.53 33.58
C PRO K 160 -10.06 -48.41 34.41
N GLU K 161 -9.13 -47.67 33.82
CA GLU K 161 -8.62 -46.47 34.47
C GLU K 161 -9.66 -45.35 34.39
N PRO K 162 -9.63 -44.40 35.33
CA PRO K 162 -8.73 -44.33 36.48
C PRO K 162 -9.45 -44.46 37.80
N VAL K 163 -8.68 -44.44 38.88
CA VAL K 163 -9.23 -44.31 40.23
C VAL K 163 -8.60 -43.08 40.85
N THR K 164 -9.27 -42.54 41.86
CA THR K 164 -8.77 -41.40 42.61
C THR K 164 -8.75 -41.78 44.08
N VAL K 165 -7.69 -41.38 44.76
CA VAL K 165 -7.48 -41.70 46.17
C VAL K 165 -7.10 -40.42 46.89
N SER K 166 -7.84 -40.08 47.93
CA SER K 166 -7.50 -39.01 48.86
C SER K 166 -7.36 -39.59 50.26
N TRP K 167 -6.97 -38.75 51.21
CA TRP K 167 -6.74 -39.17 52.58
C TRP K 167 -7.48 -38.24 53.53
N ASN K 168 -8.28 -38.84 54.42
CA ASN K 168 -9.12 -38.09 55.36
C ASN K 168 -9.96 -37.05 54.64
N SER K 169 -10.50 -37.43 53.48
CA SER K 169 -11.44 -36.61 52.71
C SER K 169 -10.86 -35.27 52.28
N GLY K 170 -9.54 -35.21 52.06
CA GLY K 170 -8.89 -33.99 51.64
C GLY K 170 -8.20 -33.21 52.73
N ALA K 171 -8.41 -33.57 53.99
CA ALA K 171 -7.78 -32.87 55.10
C ALA K 171 -6.32 -33.24 55.25
N LEU K 172 -5.92 -34.40 54.75
CA LEU K 172 -4.54 -34.87 54.79
C LEU K 172 -3.99 -34.86 53.38
N THR K 173 -3.08 -33.93 53.10
CA THR K 173 -2.49 -33.81 51.78
C THR K 173 -0.97 -33.81 51.90
N SER K 174 -0.46 -33.26 52.99
CA SER K 174 0.98 -33.24 53.22
C SER K 174 1.50 -34.66 53.42
N GLY K 175 2.54 -35.03 52.68
CA GLY K 175 3.13 -36.35 52.78
C GLY K 175 2.36 -37.46 52.11
N VAL K 176 1.48 -37.14 51.17
CA VAL K 176 0.63 -38.13 50.50
C VAL K 176 1.24 -38.45 49.13
N HIS K 177 1.50 -39.73 48.87
CA HIS K 177 1.92 -40.21 47.56
C HIS K 177 0.90 -41.23 47.06
N THR K 178 0.27 -40.92 45.94
CA THR K 178 -0.64 -41.84 45.26
C THR K 178 0.04 -42.29 43.98
N PHE K 179 0.44 -43.56 43.93
CA PHE K 179 1.25 -44.07 42.84
C PHE K 179 0.41 -44.34 41.59
N PRO K 180 1.00 -44.16 40.41
CA PRO K 180 0.29 -44.57 39.18
C PRO K 180 0.09 -46.08 39.14
N ALA K 181 -1.03 -46.49 38.56
CA ALA K 181 -1.42 -47.89 38.55
C ALA K 181 -0.45 -48.73 37.71
N VAL K 182 -0.53 -50.04 37.91
CA VAL K 182 0.15 -51.02 37.08
C VAL K 182 -0.89 -51.94 36.48
N LEU K 183 -0.68 -52.34 35.21
CA LEU K 183 -1.56 -53.29 34.54
C LEU K 183 -1.04 -54.69 34.80
N GLN K 184 -1.78 -55.47 35.61
CA GLN K 184 -1.35 -56.81 35.97
C GLN K 184 -1.56 -57.76 34.79
N SER K 185 -0.92 -58.92 34.89
CA SER K 185 -1.04 -59.93 33.83
C SER K 185 -2.46 -60.46 33.69
N SER K 186 -3.30 -60.29 34.71
CA SER K 186 -4.69 -60.70 34.65
C SER K 186 -5.56 -59.71 33.86
N GLY K 187 -4.98 -58.67 33.27
CA GLY K 187 -5.74 -57.64 32.61
C GLY K 187 -6.35 -56.59 33.51
N LEU K 188 -6.11 -56.66 34.81
CA LEU K 188 -6.65 -55.72 35.78
C LEU K 188 -5.56 -54.80 36.30
N TYR K 189 -5.96 -53.63 36.76
CA TYR K 189 -5.04 -52.63 37.27
C TYR K 189 -4.94 -52.71 38.79
N SER K 190 -3.77 -52.32 39.30
CA SER K 190 -3.52 -52.26 40.73
C SER K 190 -2.81 -50.96 41.05
N LEU K 191 -3.09 -50.42 42.24
CA LEU K 191 -2.59 -49.11 42.61
C LEU K 191 -2.38 -49.06 44.12
N SER K 192 -1.40 -48.26 44.53
CA SER K 192 -1.12 -48.05 45.94
C SER K 192 -1.06 -46.55 46.24
N SER K 193 -1.47 -46.19 47.45
CA SER K 193 -1.41 -44.81 47.92
C SER K 193 -0.95 -44.83 49.37
N VAL K 194 0.11 -44.08 49.68
CA VAL K 194 0.70 -44.10 51.01
C VAL K 194 0.88 -42.67 51.51
N VAL K 195 1.08 -42.57 52.83
CA VAL K 195 1.28 -41.28 53.50
C VAL K 195 2.14 -41.52 54.73
N THR K 196 3.08 -40.60 54.97
CA THR K 196 3.96 -40.69 56.13
C THR K 196 3.42 -39.80 57.25
N VAL K 197 3.45 -40.33 58.47
CA VAL K 197 2.91 -39.64 59.64
C VAL K 197 3.82 -39.90 60.83
N PRO K 198 3.77 -39.02 61.83
CA PRO K 198 4.58 -39.25 63.04
C PRO K 198 4.13 -40.49 63.79
N SER K 199 5.12 -41.17 64.39
CA SER K 199 4.84 -42.39 65.15
C SER K 199 4.03 -42.12 66.41
N SER K 200 3.99 -40.86 66.86
CA SER K 200 3.28 -40.50 68.07
C SER K 200 1.77 -40.35 67.87
N SER K 201 1.31 -40.28 66.63
CA SER K 201 -0.11 -40.12 66.34
C SER K 201 -0.75 -41.40 65.80
N LEU K 202 -0.03 -42.52 65.81
CA LEU K 202 -0.61 -43.77 65.35
C LEU K 202 -1.70 -44.27 66.29
N GLY K 203 -1.67 -43.86 67.55
CA GLY K 203 -2.65 -44.29 68.53
C GLY K 203 -3.64 -43.22 68.89
N THR K 204 -3.45 -42.01 68.34
CA THR K 204 -4.36 -40.90 68.59
C THR K 204 -5.02 -40.34 67.34
N GLN K 205 -4.49 -40.62 66.16
CA GLN K 205 -5.06 -40.12 64.92
C GLN K 205 -5.52 -41.29 64.05
N THR K 206 -6.67 -41.11 63.41
CA THR K 206 -7.27 -42.14 62.57
C THR K 206 -7.05 -41.77 61.10
N TYR K 207 -6.61 -42.75 60.31
CA TYR K 207 -6.28 -42.54 58.91
C TYR K 207 -7.19 -43.38 58.03
N ILE K 208 -7.78 -42.73 57.01
CA ILE K 208 -8.76 -43.35 56.14
C ILE K 208 -8.50 -42.88 54.71
N CYS K 209 -8.32 -43.84 53.79
CA CYS K 209 -8.15 -43.54 52.39
C CYS K 209 -9.49 -43.62 51.67
N ASN K 210 -9.69 -42.70 50.72
CA ASN K 210 -10.95 -42.61 49.97
C ASN K 210 -10.68 -42.96 48.50
N VAL K 211 -11.05 -44.16 48.11
CA VAL K 211 -10.82 -44.65 46.75
C VAL K 211 -12.10 -44.45 45.95
N ASN K 212 -11.97 -43.95 44.73
CA ASN K 212 -13.12 -43.64 43.88
C ASN K 212 -12.85 -44.11 42.46
N HIS K 213 -13.65 -45.07 42.00
CA HIS K 213 -13.54 -45.63 40.65
C HIS K 213 -14.86 -45.35 39.93
N LYS K 214 -14.96 -44.19 39.30
CA LYS K 214 -16.18 -43.83 38.58
C LYS K 214 -16.58 -44.81 37.48
N PRO K 215 -15.67 -45.44 36.74
CA PRO K 215 -16.11 -46.43 35.74
C PRO K 215 -16.98 -47.56 36.30
N SER K 216 -16.75 -48.00 37.55
CA SER K 216 -17.59 -49.01 38.15
C SER K 216 -18.48 -48.47 39.28
N ASN K 217 -18.55 -47.15 39.43
CA ASN K 217 -19.37 -46.51 40.46
C ASN K 217 -19.04 -47.04 41.85
N THR K 218 -17.77 -47.35 42.07
CA THR K 218 -17.29 -47.92 43.32
C THR K 218 -16.67 -46.81 44.16
N LYS K 219 -17.15 -46.67 45.40
CA LYS K 219 -16.54 -45.78 46.37
C LYS K 219 -16.30 -46.57 47.64
N VAL K 220 -15.07 -46.51 48.15
CA VAL K 220 -14.65 -47.30 49.31
C VAL K 220 -13.82 -46.42 50.22
N ASP K 221 -14.17 -46.41 51.51
CA ASP K 221 -13.37 -45.78 52.56
C ASP K 221 -12.75 -46.86 53.42
N LYS K 222 -11.43 -46.86 53.52
CA LYS K 222 -10.69 -47.89 54.24
C LYS K 222 -9.86 -47.26 55.34
N ARG K 223 -10.08 -47.71 56.57
CA ARG K 223 -9.28 -47.29 57.71
C ARG K 223 -8.07 -48.21 57.86
N VAL K 224 -6.91 -47.61 58.14
CA VAL K 224 -5.65 -48.33 58.24
C VAL K 224 -5.20 -48.27 59.69
N GLU K 225 -5.16 -49.44 60.35
CA GLU K 225 -4.78 -49.53 61.76
C GLU K 225 -3.55 -50.41 61.93
N PRO K 226 -2.70 -50.12 62.91
CA PRO K 226 -1.51 -50.96 63.16
C PRO K 226 -1.87 -52.39 63.50
N LYS K 227 -1.08 -53.32 62.96
CA LYS K 227 -1.29 -54.75 63.18
C LYS K 227 -1.01 -55.17 64.62
N ASP L 1 9.80 -44.15 9.60
CA ASP L 1 10.43 -45.09 8.67
C ASP L 1 11.92 -45.21 8.97
N ILE L 2 12.49 -44.12 9.48
CA ILE L 2 13.90 -44.06 9.84
C ILE L 2 14.02 -44.05 11.36
N GLN L 3 14.95 -44.85 11.89
CA GLN L 3 15.15 -44.90 13.32
C GLN L 3 15.76 -43.60 13.82
N MET L 4 15.15 -43.02 14.85
CA MET L 4 15.62 -41.79 15.48
C MET L 4 16.07 -42.16 16.90
N THR L 5 17.38 -42.16 17.12
CA THR L 5 17.93 -42.55 18.41
C THR L 5 18.29 -41.30 19.19
N GLN L 6 17.60 -41.10 20.31
CA GLN L 6 17.72 -39.89 21.09
C GLN L 6 18.54 -40.19 22.34
N SER L 7 19.40 -39.24 22.72
CA SER L 7 20.27 -39.46 23.86
C SER L 7 20.61 -38.12 24.50
N PRO L 8 20.68 -38.08 25.84
CA PRO L 8 20.42 -39.17 26.78
C PRO L 8 18.92 -39.34 27.01
N SER L 9 18.46 -40.51 27.45
CA SER L 9 17.03 -40.68 27.72
C SER L 9 16.59 -39.83 28.91
N SER L 10 17.51 -39.52 29.81
CA SER L 10 17.23 -38.66 30.95
C SER L 10 18.46 -37.83 31.24
N LEU L 11 18.26 -36.67 31.88
CA LEU L 11 19.38 -35.88 32.34
C LEU L 11 18.91 -34.93 33.43
N SER L 12 19.80 -34.68 34.38
CA SER L 12 19.55 -33.76 35.47
C SER L 12 20.29 -32.46 35.20
N ALA L 13 19.67 -31.34 35.54
CA ALA L 13 20.29 -30.04 35.35
C ALA L 13 19.60 -29.05 36.28
N SER L 14 20.27 -27.93 36.50
CA SER L 14 19.79 -26.92 37.43
C SER L 14 19.48 -25.65 36.65
N VAL L 15 18.71 -24.77 37.28
CA VAL L 15 18.29 -23.54 36.62
C VAL L 15 19.53 -22.74 36.23
N GLY L 16 19.60 -22.36 34.95
CA GLY L 16 20.72 -21.63 34.42
C GLY L 16 21.73 -22.47 33.66
N ASP L 17 21.72 -23.78 33.85
CA ASP L 17 22.67 -24.66 33.17
C ASP L 17 22.46 -24.62 31.65
N ARG L 18 23.45 -25.13 30.93
CA ARG L 18 23.38 -25.30 29.49
C ARG L 18 23.12 -26.77 29.18
N VAL L 19 22.03 -27.03 28.48
CA VAL L 19 21.58 -28.38 28.18
C VAL L 19 21.65 -28.60 26.67
N THR L 20 22.04 -29.80 26.26
CA THR L 20 22.04 -30.20 24.86
C THR L 20 21.50 -31.61 24.74
N ILE L 21 20.64 -31.82 23.75
CA ILE L 21 20.09 -33.14 23.45
C ILE L 21 20.48 -33.49 22.03
N THR L 22 20.60 -34.79 21.77
CA THR L 22 21.06 -35.27 20.48
C THR L 22 20.03 -36.21 19.87
N CYS L 23 19.83 -36.07 18.57
CA CYS L 23 19.11 -37.08 17.79
C CYS L 23 20.00 -37.51 16.62
N ARG L 24 20.13 -38.82 16.45
CA ARG L 24 20.87 -39.39 15.36
C ARG L 24 19.94 -40.29 14.54
N ALA L 25 19.98 -40.12 13.23
CA ALA L 25 19.10 -40.84 12.32
C ALA L 25 19.86 -41.98 11.66
N GLY L 26 19.15 -43.08 11.40
CA GLY L 26 19.74 -44.22 10.74
C GLY L 26 20.19 -43.96 9.32
N GLN L 27 19.74 -42.86 8.73
CA GLN L 27 20.19 -42.42 7.40
C GLN L 27 19.97 -40.92 7.32
N SER L 28 20.53 -40.31 6.29
CA SER L 28 20.40 -38.87 6.13
C SER L 28 18.92 -38.51 5.98
N ILE L 29 18.49 -37.51 6.75
CA ILE L 29 17.15 -36.96 6.63
C ILE L 29 17.22 -35.49 6.22
N SER L 30 18.34 -35.07 5.63
CA SER L 30 18.58 -33.68 5.24
C SER L 30 18.35 -32.77 6.45
N THR L 31 17.37 -31.86 6.34
CA THR L 31 17.01 -30.99 7.44
C THR L 31 15.52 -31.05 7.75
N PHE L 32 14.90 -32.21 7.51
CA PHE L 32 13.51 -32.43 7.88
C PHE L 32 13.44 -33.07 9.27
N LEU L 33 13.78 -32.26 10.27
CA LEU L 33 13.76 -32.71 11.66
C LEU L 33 13.14 -31.62 12.52
N ASN L 34 12.25 -32.03 13.42
CA ASN L 34 11.55 -31.12 14.30
C ASN L 34 11.78 -31.53 15.76
N TRP L 35 11.62 -30.56 16.66
CA TRP L 35 11.78 -30.78 18.09
C TRP L 35 10.49 -30.39 18.80
N TYR L 36 10.04 -31.25 19.71
CA TYR L 36 8.80 -31.05 20.45
C TYR L 36 9.07 -31.09 21.94
N GLN L 37 8.27 -30.33 22.68
CA GLN L 37 8.29 -30.29 24.13
C GLN L 37 6.94 -30.73 24.65
N GLN L 38 6.93 -31.68 25.58
CA GLN L 38 5.69 -32.19 26.16
C GLN L 38 5.79 -32.14 27.67
N LYS L 39 4.89 -31.42 28.29
CA LYS L 39 4.81 -31.41 29.73
C LYS L 39 3.73 -32.38 30.19
N PRO L 40 3.83 -32.90 31.41
CA PRO L 40 2.85 -33.86 31.92
C PRO L 40 1.40 -33.43 31.71
N GLY L 41 0.58 -34.37 31.22
CA GLY L 41 -0.83 -34.15 31.02
C GLY L 41 -1.20 -33.26 29.85
N LYS L 42 -0.23 -32.68 29.15
CA LYS L 42 -0.47 -31.79 28.04
C LYS L 42 -0.10 -32.49 26.73
N ALA L 43 -0.52 -31.88 25.63
CA ALA L 43 -0.09 -32.34 24.32
C ALA L 43 1.26 -31.72 23.98
N PRO L 44 2.04 -32.38 23.11
CA PRO L 44 3.34 -31.83 22.74
C PRO L 44 3.24 -30.43 22.15
N LYS L 45 4.37 -29.72 22.18
CA LYS L 45 4.45 -28.35 21.71
C LYS L 45 5.62 -28.23 20.75
N LEU L 46 5.36 -27.75 19.54
CA LEU L 46 6.42 -27.60 18.55
C LEU L 46 7.32 -26.44 18.96
N LEU L 47 8.61 -26.73 19.11
CA LEU L 47 9.61 -25.72 19.44
C LEU L 47 10.46 -25.34 18.24
N ILE L 48 10.92 -26.33 17.48
CA ILE L 48 11.87 -26.11 16.39
C ILE L 48 11.49 -26.99 15.21
N TYR L 49 11.48 -26.41 14.02
CA TYR L 49 11.26 -27.11 12.78
C TYR L 49 12.39 -26.77 11.82
N ALA L 50 12.53 -27.59 10.78
CA ALA L 50 13.62 -27.44 9.81
C ALA L 50 14.98 -27.44 10.49
N ALA L 51 15.09 -28.28 11.54
CA ALA L 51 16.33 -28.48 12.29
C ALA L 51 16.76 -27.26 13.08
N SER L 52 16.61 -26.07 12.50
CA SER L 52 17.17 -24.85 13.07
C SER L 52 16.16 -23.73 13.27
N SER L 53 15.05 -23.71 12.56
CA SER L 53 14.10 -22.61 12.68
C SER L 53 13.31 -22.73 13.97
N LEU L 54 13.10 -21.59 14.63
CA LEU L 54 12.51 -21.55 15.96
C LEU L 54 11.05 -21.12 15.86
N GLN L 55 10.17 -21.90 16.48
CA GLN L 55 8.73 -21.65 16.39
C GLN L 55 8.38 -20.26 16.91
N SER L 56 7.48 -19.58 16.19
CA SER L 56 7.07 -18.23 16.55
C SER L 56 6.50 -18.20 17.96
N GLY L 57 7.15 -17.44 18.85
CA GLY L 57 6.70 -17.29 20.22
C GLY L 57 7.48 -18.11 21.23
N VAL L 58 8.38 -18.97 20.78
CA VAL L 58 9.16 -19.82 21.67
C VAL L 58 10.36 -19.01 22.18
N PRO L 59 10.71 -19.13 23.47
CA PRO L 59 11.81 -18.33 24.01
C PRO L 59 13.10 -18.51 23.22
N SER L 60 13.93 -17.48 23.25
CA SER L 60 15.13 -17.46 22.42
C SER L 60 16.21 -18.42 22.92
N ARG L 61 16.12 -18.89 24.17
CA ARG L 61 17.14 -19.80 24.69
C ARG L 61 17.15 -21.14 23.97
N PHE L 62 16.06 -21.51 23.30
CA PHE L 62 16.01 -22.75 22.55
C PHE L 62 16.66 -22.56 21.18
N SER L 63 17.45 -23.55 20.76
CA SER L 63 18.06 -23.49 19.44
C SER L 63 18.29 -24.91 18.93
N GLY L 64 18.24 -25.07 17.62
CA GLY L 64 18.48 -26.35 16.99
C GLY L 64 19.52 -26.24 15.91
N SER L 65 20.34 -27.29 15.80
CA SER L 65 21.38 -27.36 14.78
C SER L 65 21.47 -28.78 14.27
N GLY L 66 22.06 -28.92 13.08
CA GLY L 66 22.28 -30.24 12.55
C GLY L 66 21.85 -30.40 11.11
N SER L 67 22.39 -31.42 10.45
CA SER L 67 22.04 -31.72 9.07
C SER L 67 22.46 -33.14 8.77
N GLY L 68 21.73 -33.79 7.87
CA GLY L 68 22.01 -35.17 7.52
C GLY L 68 21.56 -36.19 8.54
N THR L 69 22.47 -36.60 9.43
CA THR L 69 22.19 -37.69 10.35
C THR L 69 22.30 -37.33 11.83
N ASP L 70 22.95 -36.22 12.18
CA ASP L 70 23.13 -35.86 13.59
C ASP L 70 22.56 -34.48 13.83
N PHE L 71 21.76 -34.34 14.88
CA PHE L 71 21.04 -33.11 15.18
C PHE L 71 21.11 -32.82 16.66
N THR L 72 21.02 -31.53 17.01
CA THR L 72 21.18 -31.09 18.37
C THR L 72 20.10 -30.07 18.71
N LEU L 73 19.51 -30.22 19.90
CA LEU L 73 18.66 -29.21 20.51
C LEU L 73 19.39 -28.67 21.73
N THR L 74 19.44 -27.35 21.87
CA THR L 74 20.25 -26.72 22.90
C THR L 74 19.43 -25.69 23.66
N ILE L 75 19.44 -25.78 24.98
CA ILE L 75 18.90 -24.75 25.85
C ILE L 75 20.08 -24.00 26.44
N SER L 76 20.16 -22.69 26.17
CA SER L 76 21.28 -21.88 26.60
C SER L 76 21.36 -21.83 28.13
N SER L 77 20.42 -21.16 28.78
CA SER L 77 20.30 -21.18 30.22
C SER L 77 18.93 -21.75 30.58
N LEU L 78 18.94 -22.85 31.33
CA LEU L 78 17.70 -23.55 31.65
C LEU L 78 16.79 -22.67 32.49
N GLN L 79 15.50 -23.04 32.51
CA GLN L 79 14.49 -22.36 33.31
C GLN L 79 13.67 -23.41 34.04
N ARG L 80 12.94 -22.96 35.07
CA ARG L 80 12.12 -23.89 35.83
C ARG L 80 11.03 -24.51 34.98
N GLU L 81 10.51 -23.76 34.00
CA GLU L 81 9.46 -24.27 33.12
C GLU L 81 10.01 -25.13 31.99
N ASP L 82 11.29 -24.99 31.65
CA ASP L 82 11.87 -25.77 30.57
C ASP L 82 11.99 -27.25 30.92
N PHE L 83 11.67 -27.64 32.15
CA PHE L 83 11.76 -29.04 32.56
C PHE L 83 10.59 -29.81 31.96
N ALA L 84 10.88 -30.71 31.04
CA ALA L 84 9.86 -31.52 30.37
C ALA L 84 10.58 -32.65 29.65
N THR L 85 9.82 -33.42 28.89
CA THR L 85 10.37 -34.44 28.01
C THR L 85 10.39 -33.91 26.59
N TYR L 86 11.47 -34.19 25.88
CA TYR L 86 11.69 -33.64 24.55
C TYR L 86 11.84 -34.78 23.55
N TYR L 87 11.04 -34.71 22.48
CA TYR L 87 11.10 -35.66 21.39
C TYR L 87 11.55 -34.95 20.13
N CYS L 88 12.37 -35.63 19.33
CA CYS L 88 12.67 -35.20 17.98
C CYS L 88 11.87 -36.05 17.00
N GLN L 89 11.65 -35.50 15.81
CA GLN L 89 10.84 -36.17 14.81
C GLN L 89 11.40 -35.89 13.43
N GLN L 90 11.68 -36.95 12.68
CA GLN L 90 12.12 -36.80 11.30
C GLN L 90 10.90 -36.81 10.37
N SER L 91 10.97 -35.96 9.36
CA SER L 91 9.88 -35.76 8.42
C SER L 91 10.32 -36.11 7.00
N TYR L 92 11.34 -36.94 6.86
CA TYR L 92 11.95 -37.21 5.55
C TYR L 92 11.21 -38.33 4.84
N SER L 93 11.29 -39.55 5.37
CA SER L 93 10.49 -40.66 4.88
C SER L 93 9.46 -41.01 5.95
N MET L 94 8.18 -40.86 5.61
CA MET L 94 7.05 -41.11 6.54
C MET L 94 7.27 -40.20 7.74
N SER L 95 7.22 -40.70 8.97
CA SER L 95 7.35 -39.87 10.17
C SER L 95 7.67 -40.78 11.35
N SER L 96 8.80 -40.54 12.01
CA SER L 96 9.15 -41.27 13.22
C SER L 96 9.65 -40.29 14.29
N PHE L 97 9.33 -40.60 15.54
CA PHE L 97 9.81 -39.84 16.68
C PHE L 97 11.01 -40.54 17.32
N GLY L 98 11.79 -39.75 18.06
CA GLY L 98 12.84 -40.29 18.89
C GLY L 98 12.27 -40.89 20.16
N GLY L 99 13.17 -41.48 20.95
CA GLY L 99 12.75 -42.07 22.21
C GLY L 99 12.31 -41.06 23.24
N GLY L 100 12.74 -39.82 23.11
CA GLY L 100 12.43 -38.83 24.11
C GLY L 100 13.55 -38.65 25.11
N THR L 101 13.71 -37.40 25.57
CA THR L 101 14.67 -37.07 26.60
C THR L 101 13.96 -36.29 27.69
N LYS L 102 13.90 -36.87 28.88
CA LYS L 102 13.29 -36.20 30.03
C LYS L 102 14.34 -35.35 30.73
N VAL L 103 14.04 -34.07 30.91
CA VAL L 103 14.95 -33.13 31.53
C VAL L 103 14.42 -32.86 32.93
N GLU L 104 15.12 -33.36 33.94
CA GLU L 104 14.68 -33.31 35.32
C GLU L 104 15.50 -32.32 36.13
N ILE L 105 15.06 -32.10 37.36
CA ILE L 105 15.69 -31.16 38.28
C ILE L 105 16.72 -31.91 39.11
N LYS L 106 17.93 -31.35 39.20
CA LYS L 106 19.00 -31.93 39.99
C LYS L 106 18.94 -31.40 41.41
N ARG L 107 18.63 -32.28 42.35
CA ARG L 107 18.77 -32.00 43.78
C ARG L 107 19.85 -32.88 44.39
N THR L 108 20.16 -32.61 45.65
CA THR L 108 21.13 -33.40 46.39
C THR L 108 20.64 -34.83 46.60
N VAL L 109 21.60 -35.76 46.75
CA VAL L 109 21.27 -37.16 46.93
C VAL L 109 20.50 -37.37 48.22
N ALA L 110 19.43 -38.17 48.15
CA ALA L 110 18.65 -38.55 49.32
C ALA L 110 18.37 -40.04 49.23
N ALA L 111 18.79 -40.79 50.24
CA ALA L 111 18.50 -42.22 50.25
C ALA L 111 17.02 -42.45 50.55
N PRO L 112 16.45 -43.53 50.05
CA PRO L 112 15.04 -43.80 50.32
C PRO L 112 14.81 -44.23 51.75
N SER L 113 13.65 -43.87 52.27
CA SER L 113 13.14 -44.47 53.50
C SER L 113 12.38 -45.72 53.09
N VAL L 114 12.83 -46.87 53.59
CA VAL L 114 12.34 -48.16 53.12
C VAL L 114 11.40 -48.74 54.16
N PHE L 115 10.19 -49.07 53.72
CA PHE L 115 9.18 -49.72 54.53
C PHE L 115 8.69 -50.95 53.80
N ILE L 116 8.34 -51.99 54.56
CA ILE L 116 7.76 -53.19 54.00
C ILE L 116 6.39 -53.40 54.64
N PHE L 117 5.41 -53.74 53.81
CA PHE L 117 4.05 -53.97 54.28
C PHE L 117 3.71 -55.43 54.03
N PRO L 118 3.48 -56.24 55.06
CA PRO L 118 3.02 -57.62 54.83
C PRO L 118 1.65 -57.61 54.19
N PRO L 119 1.25 -58.71 53.53
CA PRO L 119 -0.09 -58.74 52.94
C PRO L 119 -1.15 -58.71 54.03
N SER L 120 -2.14 -57.85 53.83
CA SER L 120 -3.24 -57.74 54.78
C SER L 120 -4.04 -59.03 54.83
N ASP L 121 -4.52 -59.38 56.02
CA ASP L 121 -5.29 -60.61 56.18
C ASP L 121 -6.59 -60.58 55.37
N GLU L 122 -7.17 -59.40 55.21
CA GLU L 122 -8.35 -59.26 54.35
C GLU L 122 -8.03 -59.69 52.93
N GLN L 123 -6.82 -59.39 52.45
CA GLN L 123 -6.39 -59.84 51.13
C GLN L 123 -6.00 -61.32 51.14
N LEU L 124 -5.33 -61.77 52.20
CA LEU L 124 -4.99 -63.19 52.30
C LEU L 124 -6.23 -64.06 52.30
N LYS L 125 -7.36 -63.52 52.76
CA LYS L 125 -8.63 -64.24 52.65
C LYS L 125 -9.03 -64.45 51.20
N SER L 126 -8.62 -63.56 50.30
CA SER L 126 -8.98 -63.65 48.90
C SER L 126 -8.12 -64.64 48.11
N GLY L 127 -7.04 -65.14 48.68
CA GLY L 127 -6.18 -66.09 48.02
C GLY L 127 -4.96 -65.53 47.33
N THR L 128 -4.62 -64.26 47.57
CA THR L 128 -3.47 -63.62 46.96
C THR L 128 -2.74 -62.81 48.02
N ALA L 129 -1.40 -62.88 47.99
CA ALA L 129 -0.56 -62.11 48.89
C ALA L 129 0.18 -61.06 48.08
N SER L 130 0.03 -59.79 48.48
CA SER L 130 0.75 -58.68 47.86
C SER L 130 1.60 -58.03 48.95
N VAL L 131 2.91 -58.16 48.81
CA VAL L 131 3.86 -57.53 49.71
C VAL L 131 4.34 -56.25 49.05
N VAL L 132 4.19 -55.13 49.76
CA VAL L 132 4.49 -53.81 49.20
C VAL L 132 5.75 -53.30 49.87
N CYS L 133 6.73 -52.89 49.06
CA CYS L 133 7.95 -52.26 49.53
C CYS L 133 7.92 -50.81 49.08
N LEU L 134 8.08 -49.88 50.02
CA LEU L 134 7.99 -48.46 49.74
C LEU L 134 9.34 -47.80 49.91
N LEU L 135 9.77 -47.07 48.89
CA LEU L 135 11.00 -46.26 48.92
C LEU L 135 10.57 -44.81 48.85
N ASN L 136 10.71 -44.08 49.95
CA ASN L 136 10.08 -42.77 50.11
C ASN L 136 11.10 -41.64 49.99
N ASN L 137 10.80 -40.68 49.11
CA ASN L 137 11.49 -39.39 49.01
C ASN L 137 13.00 -39.58 48.82
N PHE L 138 13.36 -40.10 47.66
CA PHE L 138 14.76 -40.35 47.33
C PHE L 138 15.13 -39.61 46.05
N TYR L 139 16.45 -39.54 45.80
CA TYR L 139 17.00 -38.95 44.59
C TYR L 139 18.41 -39.49 44.41
N PRO L 140 18.84 -39.85 43.19
CA PRO L 140 18.12 -39.78 41.91
C PRO L 140 17.11 -40.91 41.71
N ARG L 141 16.49 -40.95 40.52
CA ARG L 141 15.41 -41.89 40.27
C ARG L 141 15.89 -43.33 40.20
N GLU L 142 17.15 -43.55 39.85
CA GLU L 142 17.67 -44.90 39.68
C GLU L 142 17.68 -45.65 41.00
N ALA L 143 16.96 -46.77 41.05
CA ALA L 143 16.91 -47.60 42.26
C ALA L 143 16.54 -49.02 41.87
N LYS L 144 17.16 -50.00 42.53
CA LYS L 144 16.87 -51.41 42.32
C LYS L 144 16.24 -51.99 43.57
N VAL L 145 15.08 -52.63 43.42
CA VAL L 145 14.40 -53.32 44.50
C VAL L 145 14.48 -54.82 44.21
N GLN L 146 15.02 -55.57 45.16
CA GLN L 146 15.21 -57.00 45.04
C GLN L 146 14.35 -57.72 46.07
N TRP L 147 13.40 -58.53 45.61
CA TRP L 147 12.58 -59.34 46.50
C TRP L 147 13.28 -60.66 46.81
N LYS L 148 13.44 -60.95 48.10
CA LYS L 148 14.06 -62.18 48.57
C LYS L 148 13.10 -62.90 49.50
N VAL L 149 12.83 -64.17 49.19
CA VAL L 149 11.90 -64.99 49.96
C VAL L 149 12.67 -66.21 50.44
N ASP L 150 12.89 -66.29 51.76
CA ASP L 150 13.81 -67.27 52.34
C ASP L 150 15.16 -67.24 51.63
N ASN L 151 15.67 -66.02 51.41
CA ASN L 151 16.94 -65.74 50.75
C ASN L 151 16.92 -66.08 49.27
N ALA L 152 15.78 -66.46 48.72
CA ALA L 152 15.67 -66.75 47.29
C ALA L 152 15.30 -65.48 46.55
N LEU L 153 16.16 -65.06 45.62
CA LEU L 153 15.92 -63.84 44.87
C LEU L 153 14.78 -64.05 43.88
N GLN L 154 13.79 -63.17 43.93
CA GLN L 154 12.60 -63.28 43.10
C GLN L 154 12.73 -62.37 41.88
N SER L 155 12.35 -62.91 40.72
CA SER L 155 12.08 -62.11 39.55
C SER L 155 10.86 -62.69 38.84
N GLY L 156 10.14 -61.83 38.14
CA GLY L 156 8.98 -62.25 37.38
C GLY L 156 7.65 -62.04 38.06
N ASN L 157 7.67 -61.68 39.35
CA ASN L 157 6.43 -61.56 40.12
C ASN L 157 6.39 -60.26 40.92
N SER L 158 6.99 -59.19 40.40
CA SER L 158 6.89 -57.89 41.01
C SER L 158 6.65 -56.84 39.92
N GLN L 159 6.08 -55.71 40.34
CA GLN L 159 5.91 -54.56 39.47
C GLN L 159 6.19 -53.30 40.26
N GLU L 160 6.72 -52.29 39.59
CA GLU L 160 7.11 -51.05 40.24
C GLU L 160 6.32 -49.88 39.68
N SER L 161 6.27 -48.81 40.49
CA SER L 161 5.63 -47.56 40.13
C SER L 161 6.45 -46.43 40.73
N VAL L 162 6.72 -45.39 39.94
CA VAL L 162 7.53 -44.26 40.37
C VAL L 162 6.70 -42.98 40.23
N THR L 163 6.75 -42.13 41.24
CA THR L 163 6.00 -40.88 41.22
C THR L 163 6.66 -39.88 40.27
N GLU L 164 5.87 -38.90 39.85
CA GLU L 164 6.43 -37.73 39.20
C GLU L 164 7.27 -36.95 40.20
N GLN L 165 8.32 -36.30 39.71
CA GLN L 165 9.22 -35.56 40.60
C GLN L 165 8.46 -34.50 41.38
N ASP L 166 8.65 -34.50 42.71
CA ASP L 166 7.87 -33.67 43.60
C ASP L 166 8.16 -32.20 43.35
N SER L 167 7.11 -31.39 43.21
CA SER L 167 7.27 -29.98 42.91
C SER L 167 7.84 -29.15 44.06
N LYS L 168 8.01 -29.74 45.24
CA LYS L 168 8.59 -29.03 46.39
C LYS L 168 10.01 -29.50 46.65
N ASP L 169 10.21 -30.70 47.19
CA ASP L 169 11.55 -31.16 47.55
C ASP L 169 12.26 -31.92 46.44
N SER L 170 11.62 -32.07 45.27
CA SER L 170 12.27 -32.59 44.07
C SER L 170 12.72 -34.05 44.20
N THR L 171 12.05 -34.83 45.05
CA THR L 171 12.42 -36.22 45.23
C THR L 171 11.41 -37.13 44.52
N TYR L 172 11.78 -38.40 44.41
CA TYR L 172 10.93 -39.43 43.83
C TYR L 172 10.48 -40.40 44.91
N SER L 173 9.42 -41.15 44.59
CA SER L 173 8.95 -42.22 45.45
C SER L 173 8.59 -43.42 44.58
N LEU L 174 8.84 -44.63 45.10
CA LEU L 174 8.63 -45.86 44.37
C LEU L 174 7.89 -46.87 45.24
N SER L 175 6.93 -47.57 44.63
CA SER L 175 6.19 -48.64 45.28
C SER L 175 6.32 -49.91 44.45
N SER L 176 6.95 -50.93 45.02
CA SER L 176 7.11 -52.22 44.36
C SER L 176 6.23 -53.24 45.05
N THR L 177 5.42 -53.94 44.27
CA THR L 177 4.45 -54.91 44.78
C THR L 177 4.85 -56.31 44.32
N LEU L 178 5.24 -57.16 45.27
CA LEU L 178 5.50 -58.56 45.01
C LEU L 178 4.20 -59.34 45.22
N THR L 179 3.81 -60.10 44.20
CA THR L 179 2.52 -60.77 44.19
C THR L 179 2.73 -62.27 44.15
N LEU L 180 2.26 -62.96 45.17
CA LEU L 180 2.29 -64.42 45.25
C LEU L 180 0.89 -64.93 45.51
N SER L 181 0.64 -66.19 45.19
CA SER L 181 -0.59 -66.82 45.61
C SER L 181 -0.57 -67.04 47.12
N LYS L 182 -1.76 -67.18 47.71
CA LYS L 182 -1.84 -67.44 49.14
C LYS L 182 -1.14 -68.75 49.50
N ALA L 183 -1.34 -69.78 48.67
CA ALA L 183 -0.71 -71.07 48.95
C ALA L 183 0.81 -70.96 48.89
N ASP L 184 1.33 -70.31 47.86
CA ASP L 184 2.78 -70.11 47.75
C ASP L 184 3.30 -69.24 48.88
N TYR L 185 2.51 -68.23 49.28
CA TYR L 185 2.93 -67.32 50.35
C TYR L 185 3.20 -68.06 51.65
N GLU L 186 2.38 -69.04 52.00
CA GLU L 186 2.49 -69.73 53.28
C GLU L 186 3.54 -70.85 53.27
N LYS L 187 4.27 -71.03 52.18
CA LYS L 187 5.36 -72.01 52.15
C LYS L 187 6.67 -71.44 52.69
N HIS L 188 6.76 -70.14 52.90
CA HIS L 188 8.01 -69.47 53.24
C HIS L 188 7.81 -68.56 54.44
N LYS L 189 8.91 -68.24 55.11
CA LYS L 189 8.88 -67.48 56.35
C LYS L 189 9.37 -66.05 56.20
N VAL L 190 10.56 -65.85 55.65
CA VAL L 190 11.22 -64.54 55.60
C VAL L 190 10.96 -63.88 54.26
N TYR L 191 10.32 -62.72 54.28
CA TYR L 191 10.06 -61.91 53.09
C TYR L 191 10.80 -60.59 53.22
N ALA L 192 11.65 -60.28 52.25
CA ALA L 192 12.47 -59.07 52.30
C ALA L 192 12.53 -58.40 50.94
N CYS L 193 12.61 -57.08 50.95
CA CYS L 193 12.99 -56.30 49.77
C CYS L 193 14.32 -55.62 50.05
N GLU L 194 15.30 -55.90 49.19
CA GLU L 194 16.64 -55.34 49.34
C GLU L 194 16.76 -54.14 48.41
N VAL L 195 16.97 -52.96 48.99
CA VAL L 195 16.96 -51.70 48.25
C VAL L 195 18.40 -51.24 48.09
N THR L 196 18.85 -51.14 46.83
CA THR L 196 20.15 -50.57 46.50
C THR L 196 19.94 -49.23 45.83
N HIS L 197 20.63 -48.21 46.33
CA HIS L 197 20.47 -46.85 45.86
C HIS L 197 21.72 -46.06 46.21
N GLN L 198 21.95 -44.98 45.45
CA GLN L 198 23.18 -44.22 45.57
C GLN L 198 23.38 -43.65 46.98
N GLY L 199 22.30 -43.26 47.64
CA GLY L 199 22.39 -42.73 48.99
C GLY L 199 22.69 -43.73 50.08
N LEU L 200 22.79 -45.01 49.74
CA LEU L 200 23.03 -46.08 50.71
C LEU L 200 24.43 -46.64 50.51
N SER L 201 25.22 -46.64 51.59
CA SER L 201 26.56 -47.21 51.51
C SER L 201 26.52 -48.72 51.30
N SER L 202 25.45 -49.37 51.74
CA SER L 202 25.23 -50.79 51.51
C SER L 202 23.73 -51.00 51.33
N PRO L 203 23.33 -52.09 50.69
CA PRO L 203 21.89 -52.32 50.48
C PRO L 203 21.15 -52.42 51.80
N VAL L 204 20.01 -51.74 51.88
CA VAL L 204 19.15 -51.77 53.05
C VAL L 204 18.09 -52.85 52.84
N THR L 205 17.93 -53.73 53.83
CA THR L 205 16.97 -54.82 53.76
C THR L 205 15.92 -54.63 54.84
N LYS L 206 14.68 -54.43 54.44
CA LYS L 206 13.54 -54.44 55.35
C LYS L 206 12.78 -55.75 55.15
N SER L 207 12.55 -56.47 56.25
CA SER L 207 11.98 -57.80 56.16
C SER L 207 11.03 -58.05 57.32
N PHE L 208 10.21 -59.09 57.18
CA PHE L 208 9.39 -59.62 58.25
C PHE L 208 9.33 -61.13 58.13
N ASN L 209 8.99 -61.78 59.24
CA ASN L 209 8.71 -63.20 59.27
C ASN L 209 7.20 -63.40 59.29
N ARG L 210 6.70 -64.22 58.37
CA ARG L 210 5.27 -64.44 58.26
C ARG L 210 4.69 -64.99 59.55
N GLY L 211 3.79 -64.22 60.17
CA GLY L 211 3.11 -64.64 61.38
C GLY L 211 3.79 -64.26 62.67
N GLU L 212 4.40 -63.07 62.73
CA GLU L 212 5.03 -62.60 63.95
C GLU L 212 4.72 -61.13 64.20
#